data_3TIC
#
_entry.id   3TIC
#
_cell.length_a   90.129
_cell.length_b   139.994
_cell.length_c   90.173
_cell.angle_alpha   90.00
_cell.angle_beta   101.34
_cell.angle_gamma   90.00
#
_symmetry.space_group_name_H-M   'P 1 21 1'
#
loop_
_entity.id
_entity.type
_entity.pdbx_description
1 polymer Neuraminidase
2 branched 2-acetamido-2-deoxy-beta-D-glucopyranose-(1-4)-2-acetamido-2-deoxy-beta-D-glucopyranose
3 branched alpha-D-mannopyranose-(1-3)-beta-D-mannopyranose-(1-4)-2-acetamido-2-deoxy-beta-D-glucopyranose-(1-4)-2-acetamido-2-deoxy-beta-D-glucopyranose
4 non-polymer 'CALCIUM ION'
5 non-polymer ZANAMIVIR
6 non-polymer 2-acetamido-2-deoxy-beta-D-glucopyranose
7 water water
#
_entity_poly.entity_id   1
_entity_poly.type   'polypeptide(L)'
_entity_poly.pdbx_seq_one_letter_code
;MNPNQKIITIGSVSLTIATVCFLMQIAILATTVTLHFKQHECDSPASNQVMPCEPIIIERNITEIVYLNNTTIEKEICPK
VVEYRNWSKPQCQITGFAPFSKDNSIRLSAGGDIWVTREPYVSCDPGKCYQFALGQGTTLDNKHSNDTVHDRIPHRTLLM
NELGVPFHLGTRQVCIAWSSSSCHDGKAWLHVCITGDDKNATASFIYDGRLVDSIGSWSQNILRTQESECVCINGTCTVV
MTDGSASGRADTRILFIEEGKIVHISPLSGSAQHIEECSCYPRYPGVRCICRDNWKGSNRPVVDINMEDYSIDSSYVCSG
LVGDTPRNDDSSSNSNCRNPNNERGTQGVKGWAFDNGNDLWMGRTISKESRSGYETFKVIGGWSTPNSKSQVNRQVIVDN
NNWSGYSGIFSVEGKSCINRCFYVELIRGRPQETRVWWTSNSIVVFCGTSGTYGTGSWPDGANINFMPI
;
_entity_poly.pdbx_strand_id   A,B,C,D
#
loop_
_chem_comp.id
_chem_comp.type
_chem_comp.name
_chem_comp.formula
BMA D-saccharide, beta linking beta-D-mannopyranose 'C6 H12 O6'
CA non-polymer 'CALCIUM ION' 'Ca 2'
MAN D-saccharide, alpha linking alpha-D-mannopyranose 'C6 H12 O6'
NAG D-saccharide, beta linking 2-acetamido-2-deoxy-beta-D-glucopyranose 'C8 H15 N O6'
ZMR D-saccharide ZANAMIVIR 'C12 H20 N4 O7'
#
# COMPACT_ATOMS: atom_id res chain seq x y z
N VAL A 82 -8.39 -24.15 5.72
CA VAL A 82 -7.35 -23.84 6.70
C VAL A 82 -7.69 -24.43 8.08
N GLU A 83 -6.72 -25.11 8.68
CA GLU A 83 -6.94 -25.83 9.93
C GLU A 83 -6.41 -25.04 11.12
N TYR A 84 -6.91 -25.33 12.32
CA TYR A 84 -6.39 -24.70 13.52
C TYR A 84 -4.94 -25.12 13.75
N ARG A 85 -4.14 -24.22 14.34
CA ARG A 85 -2.78 -24.57 14.74
C ARG A 85 -2.80 -25.42 16.01
N ASN A 86 -1.94 -26.43 16.06
CA ASN A 86 -1.79 -27.25 17.25
C ASN A 86 -0.39 -27.13 17.85
N TRP A 87 0.56 -26.67 17.03
CA TRP A 87 1.95 -26.53 17.46
C TRP A 87 2.51 -27.87 17.96
N SER A 88 2.00 -28.95 17.40
CA SER A 88 2.36 -30.30 17.85
C SER A 88 3.59 -30.83 17.14
N LYS A 89 4.67 -30.07 17.21
CA LYS A 89 5.97 -30.51 16.71
C LYS A 89 6.98 -30.22 17.80
N PRO A 90 8.08 -30.98 17.83
CA PRO A 90 9.10 -30.73 18.84
C PRO A 90 9.72 -29.35 18.68
N GLN A 91 10.30 -28.82 19.74
CA GLN A 91 11.01 -27.55 19.68
C GLN A 91 12.29 -27.73 18.86
N CYS A 92 12.56 -26.80 17.95
CA CYS A 92 13.81 -26.86 17.18
C CYS A 92 15.00 -26.84 18.13
N GLN A 93 15.99 -27.68 17.87
CA GLN A 93 17.21 -27.63 18.63
C GLN A 93 18.09 -26.53 18.08
N ILE A 94 18.50 -25.59 18.92
CA ILE A 94 19.25 -24.44 18.45
C ILE A 94 20.63 -24.31 19.09
N THR A 95 21.50 -23.57 18.40
CA THR A 95 22.86 -23.35 18.85
C THR A 95 23.04 -21.89 19.22
N GLY A 96 21.97 -21.12 19.06
CA GLY A 96 21.99 -19.69 19.27
C GLY A 96 20.97 -19.01 18.36
N PHE A 97 21.18 -17.73 18.06
CA PHE A 97 20.21 -17.00 17.25
C PHE A 97 20.87 -16.26 16.08
N ALA A 98 20.11 -16.07 15.02
CA ALA A 98 20.62 -15.38 13.83
C ALA A 98 19.72 -14.20 13.49
N PRO A 99 20.30 -13.14 12.89
CA PRO A 99 19.56 -11.92 12.52
C PRO A 99 18.34 -12.22 11.67
N PHE A 100 17.22 -11.60 11.99
CA PHE A 100 15.97 -11.86 11.27
C PHE A 100 15.36 -10.58 10.68
N SER A 101 15.27 -9.51 11.48
CA SER A 101 14.64 -8.28 11.02
C SER A 101 15.07 -7.04 11.82
N LYS A 102 14.86 -5.86 11.23
CA LYS A 102 15.17 -4.58 11.88
C LYS A 102 14.43 -3.50 11.10
N ASP A 103 13.78 -2.57 11.80
CA ASP A 103 12.95 -1.58 11.08
C ASP A 103 13.51 -0.16 11.02
N ASN A 104 14.52 0.16 11.82
CA ASN A 104 15.18 1.46 11.74
C ASN A 104 14.20 2.61 11.93
N SER A 105 13.20 2.41 12.77
CA SER A 105 12.11 3.37 12.93
C SER A 105 12.57 4.80 13.22
N ILE A 106 13.50 4.94 14.16
CA ILE A 106 13.87 6.27 14.63
C ILE A 106 14.74 7.03 13.63
N ARG A 107 15.71 6.35 13.02
CA ARG A 107 16.49 6.95 11.94
C ARG A 107 15.56 7.47 10.83
N LEU A 108 14.55 6.68 10.48
CA LEU A 108 13.61 7.08 9.45
C LEU A 108 12.74 8.27 9.88
N SER A 109 12.44 8.34 11.17
CA SER A 109 11.55 9.38 11.71
C SER A 109 12.15 10.77 11.51
N ALA A 110 13.46 10.82 11.29
CA ALA A 110 14.16 12.09 11.10
C ALA A 110 14.04 12.59 9.65
N GLY A 111 13.42 11.78 8.80
CA GLY A 111 13.25 12.13 7.40
C GLY A 111 12.06 11.41 6.81
N GLY A 112 10.91 11.59 7.45
CA GLY A 112 9.70 10.88 7.07
C GLY A 112 8.69 10.90 8.20
N ASP A 113 7.45 10.58 7.88
CA ASP A 113 6.38 10.59 8.87
C ASP A 113 6.17 9.20 9.41
N ILE A 114 6.62 8.98 10.64
CA ILE A 114 6.65 7.67 11.26
C ILE A 114 5.98 7.72 12.62
N TRP A 115 5.15 6.73 12.91
CA TRP A 115 4.44 6.66 14.19
C TRP A 115 5.36 6.66 15.40
N VAL A 116 4.95 7.38 16.45
CA VAL A 116 5.58 7.24 17.75
C VAL A 116 4.98 6.00 18.41
N THR A 117 5.84 5.11 18.90
CA THR A 117 5.39 3.86 19.49
C THR A 117 6.14 3.50 20.78
N ARG A 118 5.66 2.45 21.42
CA ARG A 118 6.40 1.68 22.43
C ARG A 118 5.67 0.35 22.60
N GLU A 119 6.24 -0.55 23.41
CA GLU A 119 5.67 -1.87 23.64
C GLU A 119 5.42 -2.65 22.34
N PRO A 120 6.44 -2.78 21.49
CA PRO A 120 6.26 -3.53 20.24
C PRO A 120 6.29 -5.04 20.47
N TYR A 121 5.83 -5.80 19.50
CA TYR A 121 6.05 -7.24 19.48
C TYR A 121 5.90 -7.81 18.08
N VAL A 122 6.15 -9.12 17.95
CA VAL A 122 6.04 -9.79 16.67
C VAL A 122 5.17 -11.04 16.83
N SER A 123 4.37 -11.33 15.81
CA SER A 123 3.59 -12.56 15.76
C SER A 123 3.35 -12.89 14.30
N CYS A 124 3.26 -14.18 14.00
CA CYS A 124 3.16 -14.61 12.61
C CYS A 124 1.93 -15.48 12.37
N ASP A 125 1.27 -15.30 11.23
CA ASP A 125 0.27 -16.26 10.81
C ASP A 125 1.00 -17.43 10.15
N PRO A 126 0.27 -18.46 9.70
CA PRO A 126 0.99 -19.63 9.17
C PRO A 126 1.92 -19.30 7.99
N GLY A 127 1.74 -18.12 7.39
CA GLY A 127 2.52 -17.76 6.22
C GLY A 127 3.60 -16.71 6.42
N LYS A 128 3.25 -15.64 7.15
CA LYS A 128 4.17 -14.51 7.29
C LYS A 128 4.10 -13.84 8.66
N CYS A 129 5.15 -13.09 8.99
CA CYS A 129 5.25 -12.41 10.28
C CYS A 129 4.86 -10.94 10.21
N TYR A 130 4.31 -10.45 11.30
CA TYR A 130 3.88 -9.07 11.43
C TYR A 130 4.52 -8.42 12.65
N GLN A 131 4.84 -7.13 12.55
CA GLN A 131 5.27 -6.39 13.71
C GLN A 131 4.12 -5.54 14.23
N PHE A 132 3.97 -5.55 15.55
CA PHE A 132 2.93 -4.80 16.25
C PHE A 132 3.58 -3.78 17.17
N ALA A 133 2.83 -2.74 17.53
CA ALA A 133 3.27 -1.79 18.55
C ALA A 133 2.10 -0.93 19.01
N LEU A 134 2.26 -0.30 20.16
CA LEU A 134 1.26 0.65 20.63
C LEU A 134 1.62 2.07 20.18
N GLY A 135 0.83 2.62 19.26
CA GLY A 135 1.06 3.98 18.83
C GLY A 135 0.74 4.95 19.95
N GLN A 136 1.22 6.19 19.82
CA GLN A 136 0.87 7.25 20.74
C GLN A 136 -0.05 8.25 20.04
N GLY A 137 -0.73 7.80 18.99
CA GLY A 137 -1.66 8.65 18.27
C GLY A 137 -1.01 9.83 17.58
N THR A 138 0.25 9.68 17.19
CA THR A 138 0.99 10.77 16.57
C THR A 138 2.24 10.23 15.89
N THR A 139 2.75 10.99 14.94
CA THR A 139 4.05 10.70 14.35
C THR A 139 5.11 11.39 15.19
N LEU A 140 6.39 11.13 14.89
CA LEU A 140 7.47 11.64 15.73
C LEU A 140 7.77 13.11 15.43
N ASP A 141 7.87 13.45 14.14
CA ASP A 141 8.10 14.83 13.73
C ASP A 141 6.75 15.55 13.71
N ASN A 142 6.28 15.92 14.89
CA ASN A 142 4.90 16.33 15.12
C ASN A 142 4.87 16.86 16.54
N LYS A 143 4.28 18.03 16.75
CA LYS A 143 4.26 18.61 18.08
C LYS A 143 3.54 17.72 19.10
N HIS A 144 2.67 16.84 18.62
CA HIS A 144 1.96 15.93 19.52
C HIS A 144 2.86 14.84 20.09
N SER A 145 4.09 14.76 19.58
CA SER A 145 5.05 13.78 20.09
C SER A 145 5.56 14.21 21.47
N ASN A 146 5.34 15.46 21.82
CA ASN A 146 5.79 15.99 23.10
C ASN A 146 5.16 15.24 24.27
N ASP A 147 6.01 14.77 25.18
CA ASP A 147 5.58 14.12 26.41
C ASP A 147 4.86 12.78 26.20
N THR A 148 5.35 12.01 25.23
CA THR A 148 4.79 10.68 24.96
C THR A 148 5.46 9.60 25.81
N VAL A 149 6.19 10.03 26.84
CA VAL A 149 6.77 9.07 27.78
C VAL A 149 5.63 8.37 28.55
N HIS A 150 4.49 9.04 28.64
CA HIS A 150 3.37 8.51 29.43
C HIS A 150 2.79 7.23 28.84
N ASP A 151 2.35 6.33 29.71
CA ASP A 151 1.97 4.98 29.30
C ASP A 151 0.57 4.87 28.73
N ARG A 152 -0.36 5.64 29.25
CA ARG A 152 -1.77 5.46 28.93
C ARG A 152 -2.48 6.75 28.56
N ILE A 153 -2.86 6.85 27.29
CA ILE A 153 -3.76 7.90 26.82
C ILE A 153 -4.80 7.28 25.89
N PRO A 154 -5.94 7.96 25.71
CA PRO A 154 -7.05 7.40 24.93
C PRO A 154 -6.69 7.19 23.46
N HIS A 155 -5.57 7.78 23.02
CA HIS A 155 -5.26 7.81 21.60
C HIS A 155 -4.30 6.71 21.18
N ARG A 156 -3.84 5.92 22.14
CA ARG A 156 -2.99 4.79 21.82
C ARG A 156 -3.81 3.73 21.11
N THR A 157 -3.29 3.24 19.99
CA THR A 157 -3.94 2.19 19.21
C THR A 157 -2.90 1.14 18.86
N LEU A 158 -3.37 -0.08 18.63
CA LEU A 158 -2.49 -1.17 18.22
C LEU A 158 -2.19 -1.07 16.72
N LEU A 159 -0.90 -1.00 16.38
CA LEU A 159 -0.46 -0.94 14.99
C LEU A 159 -0.02 -2.31 14.52
N MET A 160 -0.23 -2.59 13.24
CA MET A 160 0.10 -3.89 12.66
C MET A 160 0.54 -3.76 11.20
N ASN A 161 1.81 -4.06 10.94
CA ASN A 161 2.38 -4.12 9.60
C ASN A 161 3.05 -5.47 9.40
N GLU A 162 3.31 -5.83 8.15
CA GLU A 162 4.19 -6.94 7.90
C GLU A 162 5.54 -6.64 8.54
N LEU A 163 6.21 -7.68 9.05
CA LEU A 163 7.51 -7.50 9.70
C LEU A 163 8.51 -6.85 8.74
N GLY A 164 9.14 -5.77 9.18
CA GLY A 164 10.12 -5.08 8.37
C GLY A 164 9.55 -3.87 7.65
N VAL A 165 8.23 -3.72 7.69
CA VAL A 165 7.59 -2.50 7.19
C VAL A 165 7.45 -1.52 8.35
N PRO A 166 8.18 -0.40 8.28
CA PRO A 166 8.15 0.55 9.40
C PRO A 166 6.78 1.19 9.51
N PHE A 167 6.46 1.75 10.67
CA PHE A 167 5.13 2.28 10.91
C PHE A 167 4.92 3.64 10.25
N HIS A 168 4.62 3.60 8.95
CA HIS A 168 4.32 4.80 8.17
C HIS A 168 2.85 5.14 8.29
N LEU A 169 2.41 6.18 7.58
CA LEU A 169 1.04 6.67 7.70
C LEU A 169 -0.04 5.74 7.13
N GLY A 170 0.38 4.76 6.35
CA GLY A 170 -0.56 3.78 5.80
C GLY A 170 -0.79 2.60 6.73
N THR A 171 -0.17 2.64 7.90
CA THR A 171 -0.28 1.56 8.89
C THR A 171 -1.69 1.46 9.44
N ARG A 172 -2.22 0.24 9.52
CA ARG A 172 -3.55 0.02 10.09
C ARG A 172 -3.52 0.04 11.61
N GLN A 173 -4.41 0.84 12.19
CA GLN A 173 -4.65 0.82 13.63
C GLN A 173 -5.74 -0.19 13.92
N VAL A 174 -5.33 -1.33 14.45
CA VAL A 174 -6.16 -2.53 14.57
C VAL A 174 -7.25 -2.39 15.64
N CYS A 175 -6.98 -1.59 16.66
CA CYS A 175 -7.92 -1.39 17.77
C CYS A 175 -7.38 -0.32 18.69
N ILE A 176 -8.20 0.13 19.63
CA ILE A 176 -7.78 1.11 20.61
C ILE A 176 -7.12 0.36 21.76
N ALA A 177 -5.91 0.73 22.16
CA ALA A 177 -5.18 -0.02 23.17
C ALA A 177 -3.99 0.71 23.77
N TRP A 178 -3.89 0.72 25.10
CA TRP A 178 -2.65 1.06 25.77
C TRP A 178 -1.99 -0.15 26.42
N SER A 179 -2.57 -1.32 26.16
CA SER A 179 -1.98 -2.60 26.52
C SER A 179 -2.61 -3.63 25.58
N SER A 180 -1.83 -4.58 25.09
CA SER A 180 -2.37 -5.50 24.09
C SER A 180 -1.67 -6.86 24.01
N SER A 181 -2.32 -7.77 23.28
CA SER A 181 -1.75 -9.05 22.92
C SER A 181 -2.47 -9.53 21.66
N SER A 182 -1.74 -10.14 20.73
CA SER A 182 -2.34 -10.66 19.50
C SER A 182 -1.83 -12.05 19.17
N CYS A 183 -2.64 -12.83 18.47
CA CYS A 183 -2.22 -14.16 18.02
C CYS A 183 -3.16 -14.70 16.94
N HIS A 184 -2.63 -15.58 16.10
CA HIS A 184 -3.38 -16.18 15.01
C HIS A 184 -3.60 -17.66 15.34
N ASP A 185 -4.83 -18.13 15.22
CA ASP A 185 -5.13 -19.51 15.62
C ASP A 185 -5.04 -20.51 14.46
N GLY A 186 -4.55 -20.04 13.31
CA GLY A 186 -4.47 -20.87 12.13
C GLY A 186 -5.51 -20.46 11.11
N LYS A 187 -6.61 -19.90 11.61
CA LYS A 187 -7.71 -19.44 10.75
C LYS A 187 -7.81 -17.92 10.71
N ALA A 188 -7.70 -17.27 11.87
CA ALA A 188 -7.84 -15.82 11.93
C ALA A 188 -7.08 -15.19 13.09
N TRP A 189 -6.95 -13.87 13.05
CA TRP A 189 -6.29 -13.11 14.10
C TRP A 189 -7.21 -12.81 15.28
N LEU A 190 -6.68 -13.02 16.48
CA LEU A 190 -7.30 -12.54 17.71
C LEU A 190 -6.52 -11.34 18.22
N HIS A 191 -7.23 -10.29 18.60
CA HIS A 191 -6.60 -9.13 19.21
C HIS A 191 -7.24 -8.84 20.57
N VAL A 192 -6.40 -8.71 21.59
CA VAL A 192 -6.86 -8.34 22.92
C VAL A 192 -6.39 -6.92 23.19
N CYS A 193 -7.35 -6.00 23.31
CA CYS A 193 -7.03 -4.59 23.37
C CYS A 193 -7.63 -3.92 24.59
N ILE A 194 -6.77 -3.32 25.42
CA ILE A 194 -7.19 -2.67 26.66
C ILE A 194 -7.04 -1.15 26.59
N THR A 195 -8.10 -0.43 26.95
CA THR A 195 -8.07 1.03 26.92
C THR A 195 -9.05 1.58 27.96
N GLY A 196 -9.08 2.91 28.13
CA GLY A 196 -9.96 3.53 29.09
C GLY A 196 -9.32 3.97 30.40
N ASP A 197 -10.15 4.33 31.37
CA ASP A 197 -9.69 4.82 32.68
C ASP A 197 -8.85 3.80 33.43
N ASP A 198 -7.84 4.28 34.15
CA ASP A 198 -6.98 3.42 34.95
C ASP A 198 -7.78 2.52 35.87
N LYS A 199 -8.75 3.11 36.57
CA LYS A 199 -9.53 2.40 37.58
C LYS A 199 -10.72 1.62 37.03
N ASN A 200 -10.95 1.71 35.72
CA ASN A 200 -12.13 1.09 35.13
C ASN A 200 -11.91 0.82 33.65
N ALA A 201 -10.87 0.04 33.34
CA ALA A 201 -10.49 -0.20 31.96
C ALA A 201 -11.39 -1.23 31.29
N THR A 202 -11.35 -1.25 29.97
CA THR A 202 -12.10 -2.22 29.19
C THR A 202 -11.15 -3.00 28.28
N ALA A 203 -11.28 -4.32 28.29
CA ALA A 203 -10.56 -5.17 27.35
C ALA A 203 -11.49 -5.65 26.25
N SER A 204 -11.16 -5.33 25.01
CA SER A 204 -11.95 -5.75 23.86
C SER A 204 -11.31 -6.98 23.22
N PHE A 205 -12.14 -7.93 22.80
CA PHE A 205 -11.65 -9.11 22.12
C PHE A 205 -12.17 -9.15 20.70
N ILE A 206 -11.25 -8.97 19.76
CA ILE A 206 -11.58 -8.86 18.35
C ILE A 206 -11.02 -10.06 17.61
N TYR A 207 -11.89 -10.77 16.91
CA TYR A 207 -11.50 -11.97 16.19
C TYR A 207 -12.03 -11.94 14.76
N ASP A 208 -11.15 -12.21 13.80
CA ASP A 208 -11.55 -12.28 12.40
C ASP A 208 -12.24 -10.98 11.99
N GLY A 209 -11.73 -9.86 12.50
CA GLY A 209 -12.20 -8.55 12.08
C GLY A 209 -13.49 -8.05 12.72
N ARG A 210 -13.91 -8.67 13.82
CA ARG A 210 -15.10 -8.20 14.51
C ARG A 210 -15.00 -8.35 16.03
N LEU A 211 -15.65 -7.45 16.75
CA LEU A 211 -15.65 -7.51 18.20
C LEU A 211 -16.55 -8.65 18.63
N VAL A 212 -15.99 -9.57 19.41
CA VAL A 212 -16.73 -10.75 19.83
C VAL A 212 -17.03 -10.74 21.33
N ASP A 213 -16.14 -10.16 22.12
CA ASP A 213 -16.33 -10.16 23.56
C ASP A 213 -15.64 -8.96 24.20
N SER A 214 -15.94 -8.72 25.47
CA SER A 214 -15.24 -7.71 26.25
C SER A 214 -15.35 -8.01 27.73
N ILE A 215 -14.37 -7.54 28.51
CA ILE A 215 -14.45 -7.68 29.96
C ILE A 215 -13.95 -6.41 30.64
N GLY A 216 -14.59 -6.04 31.75
CA GLY A 216 -14.18 -4.88 32.50
C GLY A 216 -13.15 -5.20 33.57
N SER A 217 -12.51 -4.17 34.10
CA SER A 217 -11.50 -4.31 35.14
C SER A 217 -12.07 -5.03 36.36
N TRP A 218 -11.33 -5.99 36.89
CA TRP A 218 -11.80 -6.74 38.07
C TRP A 218 -11.20 -6.29 39.39
N SER A 219 -10.13 -5.50 39.35
CA SER A 219 -9.52 -4.98 40.58
C SER A 219 -9.39 -3.47 40.58
N GLN A 220 -9.93 -2.84 39.54
CA GLN A 220 -9.99 -1.38 39.46
C GLN A 220 -8.62 -0.73 39.58
N ASN A 221 -7.60 -1.36 39.03
CA ASN A 221 -6.25 -0.80 39.09
C ASN A 221 -5.40 -1.21 37.90
N ILE A 222 -5.69 -0.60 36.75
CA ILE A 222 -4.93 -0.79 35.51
C ILE A 222 -4.90 -2.25 35.03
N LEU A 223 -6.04 -2.71 34.54
CA LEU A 223 -6.12 -3.99 33.85
C LEU A 223 -5.07 -3.99 32.73
N ARG A 224 -4.28 -5.05 32.64
CA ARG A 224 -3.15 -5.06 31.72
C ARG A 224 -2.77 -6.47 31.25
N THR A 225 -2.08 -6.55 30.12
CA THR A 225 -1.79 -7.87 29.55
C THR A 225 -0.34 -8.00 29.02
N GLN A 226 -0.13 -8.93 28.09
CA GLN A 226 1.21 -9.42 27.78
C GLN A 226 2.18 -8.46 27.06
N GLU A 227 1.64 -7.64 26.17
CA GLU A 227 2.45 -6.84 25.24
C GLU A 227 3.31 -7.74 24.35
N SER A 228 2.85 -8.96 24.12
CA SER A 228 3.45 -9.85 23.14
C SER A 228 2.42 -10.91 22.74
N GLU A 229 2.80 -11.81 21.84
CA GLU A 229 1.81 -12.71 21.25
C GLU A 229 1.16 -13.65 22.25
N CYS A 230 -0.14 -13.84 22.11
CA CYS A 230 -0.83 -14.90 22.84
C CYS A 230 -0.58 -16.20 22.09
N VAL A 231 -1.18 -17.29 22.54
CA VAL A 231 -0.91 -18.59 21.93
C VAL A 231 -2.17 -19.42 21.82
N CYS A 232 -2.38 -20.03 20.66
CA CYS A 232 -3.60 -20.81 20.41
C CYS A 232 -3.26 -22.24 20.09
N ILE A 233 -4.03 -23.17 20.67
CA ILE A 233 -3.92 -24.58 20.32
C ILE A 233 -5.30 -25.15 20.05
N ASN A 234 -5.46 -25.76 18.88
CA ASN A 234 -6.72 -26.38 18.48
C ASN A 234 -7.92 -25.45 18.60
N GLY A 235 -7.73 -24.18 18.26
CA GLY A 235 -8.84 -23.23 18.25
C GLY A 235 -9.10 -22.52 19.56
N THR A 236 -8.34 -22.85 20.60
CA THR A 236 -8.44 -22.14 21.87
C THR A 236 -7.19 -21.28 22.10
N CYS A 237 -7.39 -19.98 22.23
CA CYS A 237 -6.28 -19.06 22.49
C CYS A 237 -6.24 -18.68 23.97
N THR A 238 -5.04 -18.63 24.53
CA THR A 238 -4.89 -18.26 25.93
C THR A 238 -4.07 -16.98 26.07
N VAL A 239 -4.40 -16.17 27.07
CA VAL A 239 -3.69 -14.93 27.33
C VAL A 239 -3.71 -14.64 28.82
N VAL A 240 -2.63 -14.06 29.32
CA VAL A 240 -2.49 -13.76 30.74
C VAL A 240 -2.74 -12.29 30.99
N MET A 241 -3.57 -11.99 31.98
CA MET A 241 -3.91 -10.60 32.30
C MET A 241 -3.81 -10.34 33.79
N THR A 242 -3.45 -9.11 34.15
CA THR A 242 -3.34 -8.72 35.55
C THR A 242 -4.08 -7.42 35.83
N ASP A 243 -4.59 -7.31 37.05
CA ASP A 243 -5.28 -6.10 37.49
C ASP A 243 -4.94 -5.96 38.97
N GLY A 244 -4.58 -4.76 39.39
CA GLY A 244 -4.15 -4.54 40.77
C GLY A 244 -2.78 -3.91 40.90
N SER A 245 -2.24 -3.96 42.12
CA SER A 245 -1.01 -3.24 42.46
C SER A 245 0.18 -3.57 41.55
N ALA A 246 0.94 -2.54 41.21
CA ALA A 246 2.18 -2.71 40.45
C ALA A 246 3.33 -3.06 41.38
N SER A 247 3.09 -2.95 42.69
CA SER A 247 4.15 -3.13 43.68
C SER A 247 3.63 -3.88 44.90
N GLY A 248 2.81 -4.89 44.66
CA GLY A 248 2.21 -5.66 45.72
C GLY A 248 1.35 -6.76 45.14
N ARG A 249 0.73 -7.56 45.99
CA ARG A 249 -0.16 -8.62 45.54
C ARG A 249 -1.21 -8.07 44.57
N ALA A 250 -1.33 -8.70 43.41
CA ALA A 250 -2.33 -8.31 42.40
C ALA A 250 -3.19 -9.51 42.01
N ASP A 251 -4.14 -9.28 41.11
CA ASP A 251 -5.07 -10.31 40.70
C ASP A 251 -4.83 -10.73 39.25
N THR A 252 -4.14 -11.84 39.07
CA THR A 252 -3.81 -12.34 37.74
C THR A 252 -4.75 -13.45 37.32
N ARG A 253 -5.23 -13.39 36.08
CA ARG A 253 -6.14 -14.40 35.56
C ARG A 253 -5.71 -14.85 34.17
N ILE A 254 -6.00 -16.10 33.86
CA ILE A 254 -5.66 -16.65 32.57
C ILE A 254 -6.93 -16.93 31.78
N LEU A 255 -7.06 -16.28 30.62
CA LEU A 255 -8.26 -16.40 29.81
C LEU A 255 -8.10 -17.42 28.70
N PHE A 256 -9.17 -18.17 28.45
CA PHE A 256 -9.22 -19.10 27.33
C PHE A 256 -10.30 -18.63 26.37
N ILE A 257 -9.92 -18.41 25.12
CA ILE A 257 -10.77 -17.70 24.17
C ILE A 257 -10.92 -18.48 22.87
N GLU A 258 -12.17 -18.72 22.47
CA GLU A 258 -12.43 -19.47 21.25
C GLU A 258 -13.17 -18.59 20.25
N GLU A 259 -12.54 -18.37 19.10
CA GLU A 259 -13.08 -17.48 18.08
C GLU A 259 -13.50 -16.13 18.65
N GLY A 260 -12.69 -15.60 19.56
CA GLY A 260 -12.92 -14.28 20.14
C GLY A 260 -13.80 -14.30 21.37
N LYS A 261 -14.38 -15.45 21.67
CA LYS A 261 -15.29 -15.57 22.81
C LYS A 261 -14.61 -16.18 24.04
N ILE A 262 -14.68 -15.50 25.18
CA ILE A 262 -14.12 -16.02 26.41
C ILE A 262 -14.94 -17.20 26.91
N VAL A 263 -14.33 -18.39 26.96
CA VAL A 263 -15.04 -19.59 27.38
C VAL A 263 -14.68 -20.03 28.81
N HIS A 264 -13.59 -19.52 29.34
CA HIS A 264 -13.16 -19.88 30.69
C HIS A 264 -12.09 -18.93 31.21
N ILE A 265 -12.13 -18.66 32.51
CA ILE A 265 -11.11 -17.84 33.16
C ILE A 265 -10.58 -18.54 34.41
N SER A 266 -9.28 -18.83 34.41
CA SER A 266 -8.65 -19.45 35.58
C SER A 266 -7.82 -18.46 36.37
N PRO A 267 -7.97 -18.47 37.71
CA PRO A 267 -7.12 -17.64 38.56
C PRO A 267 -5.69 -18.14 38.51
N LEU A 268 -4.71 -17.27 38.74
CA LEU A 268 -3.33 -17.71 38.85
C LEU A 268 -3.21 -18.63 40.06
N SER A 269 -2.40 -19.68 39.92
CA SER A 269 -2.12 -20.59 41.03
C SER A 269 -0.63 -20.89 41.03
N GLY A 270 -0.12 -21.47 42.11
CA GLY A 270 1.29 -21.80 42.19
C GLY A 270 2.06 -20.82 43.05
N SER A 271 3.38 -20.75 42.85
CA SER A 271 4.22 -19.95 43.75
C SER A 271 4.67 -18.58 43.23
N ALA A 272 4.33 -18.23 41.99
CA ALA A 272 4.64 -16.89 41.51
C ALA A 272 3.82 -15.86 42.30
N GLN A 273 4.48 -14.82 42.79
CA GLN A 273 3.81 -13.85 43.66
C GLN A 273 3.44 -12.53 42.97
N HIS A 274 3.90 -12.35 41.73
CA HIS A 274 3.53 -11.19 40.96
C HIS A 274 3.81 -11.44 39.49
N ILE A 275 2.82 -11.16 38.65
CA ILE A 275 2.85 -11.54 37.23
C ILE A 275 2.46 -10.38 36.33
N GLU A 276 3.35 -9.99 35.44
CA GLU A 276 3.08 -8.96 34.45
C GLU A 276 3.74 -9.32 33.13
N GLU A 277 3.11 -8.89 32.04
CA GLU A 277 3.75 -8.90 30.73
C GLU A 277 4.39 -10.23 30.37
N CYS A 278 3.59 -11.30 30.43
CA CYS A 278 4.10 -12.62 30.11
C CYS A 278 4.53 -12.77 28.66
N SER A 279 5.69 -13.39 28.46
CA SER A 279 6.10 -13.83 27.15
C SER A 279 5.83 -15.33 27.07
N CYS A 280 4.79 -15.70 26.33
CA CYS A 280 4.31 -17.07 26.29
C CYS A 280 4.66 -17.78 25.00
N TYR A 281 4.72 -19.11 25.06
CA TYR A 281 5.00 -19.89 23.87
C TYR A 281 4.35 -21.27 23.96
N PRO A 282 3.97 -21.82 22.81
CA PRO A 282 3.40 -23.17 22.80
C PRO A 282 4.45 -24.21 23.23
N ARG A 283 4.07 -25.08 24.16
CA ARG A 283 4.89 -26.23 24.49
C ARG A 283 3.94 -27.42 24.57
N TYR A 284 3.53 -27.91 23.40
CA TYR A 284 2.48 -28.90 23.30
C TYR A 284 2.64 -29.98 24.37
N PRO A 285 1.53 -30.39 25.00
CA PRO A 285 0.15 -29.98 24.71
C PRO A 285 -0.27 -28.68 25.40
N GLY A 286 0.66 -27.99 26.04
CA GLY A 286 0.32 -26.79 26.78
C GLY A 286 0.99 -25.51 26.33
N VAL A 287 0.91 -24.49 27.17
CA VAL A 287 1.52 -23.20 26.90
C VAL A 287 2.35 -22.81 28.12
N ARG A 288 3.53 -22.25 27.89
CA ARG A 288 4.43 -21.84 28.96
C ARG A 288 4.78 -20.36 28.83
N CYS A 289 4.80 -19.65 29.95
CA CYS A 289 5.08 -18.22 29.95
C CYS A 289 6.20 -17.85 30.92
N ILE A 290 7.09 -16.97 30.48
CA ILE A 290 8.08 -16.36 31.35
C ILE A 290 7.72 -14.88 31.44
N CYS A 291 7.57 -14.37 32.66
CA CYS A 291 6.96 -13.06 32.83
C CYS A 291 7.83 -12.08 33.63
N ARG A 292 7.18 -11.02 34.11
CA ARG A 292 7.85 -9.98 34.87
C ARG A 292 7.22 -9.90 36.27
N ASP A 293 8.05 -10.05 37.30
CA ASP A 293 7.61 -9.83 38.67
C ASP A 293 8.02 -8.41 39.03
N ASN A 294 7.05 -7.53 39.26
CA ASN A 294 7.36 -6.11 39.48
C ASN A 294 7.44 -5.75 40.95
N TRP A 295 7.35 -6.77 41.81
CA TRP A 295 7.19 -6.58 43.24
C TRP A 295 8.42 -7.00 44.07
N LYS A 296 8.68 -8.30 44.15
CA LYS A 296 9.77 -8.78 45.00
C LYS A 296 10.87 -9.58 44.29
N GLY A 297 10.69 -9.87 43.00
CA GLY A 297 11.65 -10.72 42.32
C GLY A 297 12.40 -10.09 41.16
N SER A 298 13.71 -10.29 41.11
CA SER A 298 14.49 -9.96 39.93
C SER A 298 14.72 -11.24 39.11
N ASN A 299 14.35 -12.38 39.70
CA ASN A 299 14.19 -13.60 38.93
C ASN A 299 12.82 -13.58 38.24
N ARG A 300 12.75 -14.12 37.03
CA ARG A 300 11.51 -14.09 36.26
C ARG A 300 10.55 -15.21 36.63
N PRO A 301 9.27 -14.87 36.86
CA PRO A 301 8.24 -15.88 37.16
C PRO A 301 7.91 -16.72 35.95
N VAL A 302 7.45 -17.93 36.19
CA VAL A 302 6.99 -18.85 35.14
C VAL A 302 5.50 -19.12 35.37
N VAL A 303 4.72 -19.14 34.29
CA VAL A 303 3.33 -19.58 34.38
C VAL A 303 3.10 -20.71 33.40
N ASP A 304 2.61 -21.84 33.90
CA ASP A 304 2.30 -22.98 33.06
C ASP A 304 0.80 -23.13 32.91
N ILE A 305 0.33 -23.25 31.67
CA ILE A 305 -1.08 -23.28 31.38
C ILE A 305 -1.49 -24.61 30.76
N ASN A 306 -2.39 -25.32 31.43
CA ASN A 306 -2.92 -26.57 30.90
C ASN A 306 -4.14 -26.28 30.03
N MET A 307 -4.02 -26.52 28.73
CA MET A 307 -5.07 -26.18 27.78
C MET A 307 -6.21 -27.19 27.79
N GLU A 308 -5.97 -28.34 28.41
CA GLU A 308 -6.96 -29.41 28.44
C GLU A 308 -7.97 -29.24 29.57
N ASP A 309 -7.49 -28.90 30.77
CA ASP A 309 -8.39 -28.72 31.92
C ASP A 309 -8.33 -27.32 32.54
N TYR A 310 -7.60 -26.41 31.90
CA TYR A 310 -7.51 -25.01 32.33
C TYR A 310 -6.77 -24.80 33.65
N SER A 311 -6.14 -25.85 34.17
CA SER A 311 -5.39 -25.71 35.41
C SER A 311 -4.13 -24.86 35.18
N ILE A 312 -3.71 -24.16 36.23
CA ILE A 312 -2.59 -23.26 36.16
C ILE A 312 -1.55 -23.63 37.22
N ASP A 313 -0.28 -23.57 36.85
CA ASP A 313 0.81 -23.68 37.82
C ASP A 313 1.76 -22.51 37.60
N SER A 314 2.59 -22.22 38.57
CA SER A 314 3.56 -21.15 38.44
C SER A 314 4.73 -21.32 39.40
N SER A 315 5.83 -20.65 39.08
CA SER A 315 7.06 -20.77 39.84
C SER A 315 8.01 -19.68 39.35
N TYR A 316 9.31 -19.92 39.48
CA TYR A 316 10.31 -18.97 39.01
C TYR A 316 11.41 -19.68 38.24
N VAL A 317 11.97 -19.00 37.24
CA VAL A 317 13.10 -19.52 36.49
C VAL A 317 14.25 -19.89 37.44
N CYS A 318 14.71 -21.14 37.35
CA CYS A 318 15.74 -21.65 38.26
C CYS A 318 17.07 -20.91 38.17
N SER A 319 17.41 -20.45 36.97
CA SER A 319 18.72 -19.88 36.68
C SER A 319 19.16 -18.84 37.70
N GLY A 320 20.38 -18.99 38.20
CA GLY A 320 20.97 -18.03 39.10
C GLY A 320 21.40 -16.78 38.36
N LEU A 321 21.50 -16.88 37.03
CA LEU A 321 21.68 -15.71 36.19
C LEU A 321 20.28 -15.22 35.84
N VAL A 322 19.84 -14.17 36.54
CA VAL A 322 18.44 -13.74 36.46
C VAL A 322 18.19 -12.81 35.29
N GLY A 323 16.93 -12.69 34.90
CA GLY A 323 16.60 -12.03 33.64
C GLY A 323 15.94 -10.67 33.72
N ASP A 324 15.62 -10.22 34.94
CA ASP A 324 14.92 -8.95 35.09
C ASP A 324 15.90 -7.79 35.19
N THR A 325 15.36 -6.58 35.06
CA THR A 325 16.12 -5.35 35.28
C THR A 325 15.22 -4.41 36.06
N PRO A 326 15.66 -3.96 37.25
CA PRO A 326 16.97 -4.17 37.87
C PRO A 326 17.20 -5.56 38.45
N ARG A 327 18.44 -5.85 38.80
CA ARG A 327 18.84 -7.12 39.38
C ARG A 327 20.21 -6.99 40.02
N ASN A 328 20.59 -7.93 40.87
CA ASN A 328 21.94 -7.97 41.42
C ASN A 328 22.92 -8.38 40.34
N ASP A 329 24.20 -8.08 40.52
CA ASP A 329 25.18 -8.59 39.58
C ASP A 329 25.26 -10.11 39.71
N ASP A 330 25.87 -10.75 38.73
CA ASP A 330 25.90 -12.21 38.64
C ASP A 330 26.48 -12.90 39.87
N SER A 331 27.38 -12.21 40.57
CA SER A 331 28.05 -12.83 41.71
C SER A 331 27.15 -12.93 42.94
N SER A 332 26.15 -12.06 43.03
CA SER A 332 25.29 -12.02 44.21
C SER A 332 23.80 -12.19 43.91
N SER A 333 23.49 -12.66 42.70
CA SER A 333 22.11 -12.94 42.33
C SER A 333 21.74 -14.38 42.66
N ASN A 334 20.47 -14.62 42.97
CA ASN A 334 20.00 -15.95 43.32
C ASN A 334 18.59 -16.24 42.82
N SER A 335 18.31 -17.53 42.62
CA SER A 335 16.93 -17.99 42.43
C SER A 335 16.82 -19.44 42.90
N ASN A 336 15.73 -19.76 43.59
CA ASN A 336 15.53 -21.13 44.07
C ASN A 336 14.43 -21.89 43.32
N CYS A 337 13.98 -21.31 42.20
CA CYS A 337 12.94 -21.89 41.34
C CYS A 337 11.53 -21.68 41.88
N ARG A 338 11.42 -21.24 43.14
CA ARG A 338 10.13 -21.23 43.82
C ARG A 338 9.62 -19.85 44.24
N ASN A 339 10.51 -19.04 44.79
CA ASN A 339 10.12 -17.77 45.40
C ASN A 339 10.77 -16.58 44.72
N PRO A 340 10.13 -15.41 44.79
CA PRO A 340 10.82 -14.19 44.35
C PRO A 340 12.07 -14.03 45.20
N ASN A 341 13.18 -13.59 44.61
CA ASN A 341 14.45 -13.58 45.31
C ASN A 341 14.67 -12.41 46.27
N ASN A 342 13.80 -11.40 46.19
CA ASN A 342 13.94 -10.21 47.04
C ASN A 342 15.29 -9.53 46.85
N GLU A 343 15.78 -9.57 45.61
CA GLU A 343 17.00 -8.86 45.23
C GLU A 343 16.64 -7.79 44.21
N ARG A 344 16.69 -6.52 44.62
CA ARG A 344 16.28 -5.43 43.76
C ARG A 344 14.99 -5.81 43.03
N GLY A 345 14.06 -6.37 43.79
CA GLY A 345 12.86 -6.96 43.22
C GLY A 345 11.87 -5.98 42.63
N THR A 346 11.76 -4.78 43.20
CA THR A 346 10.74 -3.85 42.74
C THR A 346 11.10 -3.31 41.35
N GLN A 347 10.08 -2.92 40.59
CA GLN A 347 10.26 -2.48 39.19
C GLN A 347 10.64 -3.67 38.32
N GLY A 348 10.98 -3.43 37.06
CA GLY A 348 11.33 -4.52 36.18
C GLY A 348 11.17 -4.15 34.72
N VAL A 349 11.29 -5.14 33.84
CA VAL A 349 11.14 -4.95 32.42
C VAL A 349 10.61 -6.24 31.79
N LYS A 350 9.78 -6.13 30.76
CA LYS A 350 9.28 -7.31 30.05
C LYS A 350 10.44 -8.05 29.39
N GLY A 351 10.45 -9.36 29.54
CA GLY A 351 11.52 -10.18 29.00
C GLY A 351 11.05 -11.59 28.66
N TRP A 352 11.99 -12.50 28.43
CA TRP A 352 11.64 -13.85 27.98
C TRP A 352 12.74 -14.85 28.30
N ALA A 353 12.37 -16.13 28.23
CA ALA A 353 13.31 -17.23 28.31
C ALA A 353 12.52 -18.45 27.88
N PHE A 354 13.22 -19.52 27.50
CA PHE A 354 12.54 -20.78 27.23
C PHE A 354 13.41 -21.97 27.60
N ASP A 355 12.76 -23.07 27.92
CA ASP A 355 13.46 -24.27 28.37
C ASP A 355 13.86 -25.15 27.20
N ASN A 356 14.96 -25.87 27.38
CA ASN A 356 15.29 -26.97 26.51
C ASN A 356 15.88 -28.08 27.37
N GLY A 357 15.04 -29.04 27.76
CA GLY A 357 15.45 -30.05 28.70
C GLY A 357 15.77 -29.37 30.03
N ASN A 358 16.95 -29.66 30.57
CA ASN A 358 17.36 -29.06 31.83
C ASN A 358 17.92 -27.66 31.63
N ASP A 359 18.19 -27.31 30.37
CA ASP A 359 18.87 -26.05 30.08
C ASP A 359 17.89 -24.91 29.81
N LEU A 360 18.42 -23.69 29.79
CA LEU A 360 17.60 -22.49 29.57
C LEU A 360 18.24 -21.56 28.55
N TRP A 361 17.47 -21.13 27.55
CA TRP A 361 17.89 -20.03 26.69
C TRP A 361 17.19 -18.78 27.19
N MET A 362 17.94 -17.69 27.36
CA MET A 362 17.35 -16.45 27.85
C MET A 362 18.03 -15.22 27.30
N GLY A 363 17.32 -14.11 27.34
CA GLY A 363 17.88 -12.81 27.04
C GLY A 363 17.71 -11.90 28.23
N ARG A 364 18.43 -10.78 28.22
CA ARG A 364 18.31 -9.77 29.27
C ARG A 364 19.08 -8.53 28.85
N THR A 365 18.84 -7.41 29.51
CA THR A 365 19.66 -6.23 29.26
C THR A 365 21.07 -6.54 29.76
N ILE A 366 22.06 -5.87 29.19
CA ILE A 366 23.44 -6.08 29.64
C ILE A 366 23.66 -5.35 30.97
N SER A 367 23.15 -4.13 31.06
CA SER A 367 23.17 -3.39 32.31
C SER A 367 22.23 -4.03 33.34
N LYS A 368 22.64 -4.02 34.59
CA LYS A 368 21.83 -4.63 35.65
C LYS A 368 20.84 -3.65 36.30
N GLU A 369 21.01 -2.35 36.02
CA GLU A 369 20.14 -1.34 36.63
C GLU A 369 19.33 -0.56 35.59
N SER A 370 19.79 -0.52 34.35
CA SER A 370 19.11 0.29 33.34
C SER A 370 18.82 -0.50 32.07
N ARG A 371 17.88 0.00 31.28
CA ARG A 371 17.49 -0.67 30.03
C ARG A 371 18.48 -0.37 28.91
N SER A 372 19.70 -0.89 29.08
CA SER A 372 20.79 -0.64 28.17
C SER A 372 21.44 -1.96 27.78
N GLY A 373 21.79 -2.09 26.50
CA GLY A 373 22.39 -3.30 25.99
C GLY A 373 21.42 -4.47 25.96
N TYR A 374 21.79 -5.53 25.26
CA TYR A 374 20.98 -6.74 25.25
C TYR A 374 21.84 -7.94 24.88
N GLU A 375 21.70 -9.02 25.66
CA GLU A 375 22.49 -10.22 25.46
C GLU A 375 21.63 -11.46 25.59
N THR A 376 22.00 -12.51 24.88
CA THR A 376 21.37 -13.82 25.04
C THR A 376 22.43 -14.85 25.35
N PHE A 377 22.03 -15.92 26.04
CA PHE A 377 22.92 -17.04 26.30
C PHE A 377 22.13 -18.25 26.76
N LYS A 378 22.79 -19.40 26.78
CA LYS A 378 22.19 -20.60 27.32
C LYS A 378 22.75 -20.84 28.72
N VAL A 379 21.87 -21.14 29.66
CA VAL A 379 22.31 -21.49 31.01
C VAL A 379 22.22 -23.00 31.18
N ILE A 380 23.36 -23.64 31.38
CA ILE A 380 23.37 -25.09 31.58
C ILE A 380 22.69 -25.39 32.92
N GLY A 381 21.63 -26.19 32.88
CA GLY A 381 20.84 -26.49 34.06
C GLY A 381 19.96 -25.33 34.48
N GLY A 382 19.88 -24.31 33.62
CA GLY A 382 19.12 -23.11 33.92
C GLY A 382 17.63 -23.32 34.12
N TRP A 383 17.10 -24.43 33.63
CA TRP A 383 15.69 -24.72 33.84
C TRP A 383 15.44 -25.59 35.07
N SER A 384 16.33 -26.56 35.29
CA SER A 384 16.10 -27.61 36.29
C SER A 384 16.92 -27.45 37.58
N THR A 385 18.08 -26.79 37.49
CA THR A 385 18.98 -26.70 38.63
C THR A 385 18.92 -25.33 39.30
N PRO A 386 18.47 -25.30 40.56
CA PRO A 386 18.36 -24.03 41.27
C PRO A 386 19.69 -23.28 41.33
N ASN A 387 19.66 -21.99 41.01
CA ASN A 387 20.82 -21.13 41.16
C ASN A 387 21.98 -21.41 40.19
N SER A 388 21.70 -22.19 39.16
CA SER A 388 22.72 -22.51 38.15
C SER A 388 23.25 -21.24 37.47
N LYS A 389 24.57 -21.15 37.31
CA LYS A 389 25.19 -19.96 36.74
C LYS A 389 26.24 -20.23 35.67
N SER A 390 26.26 -21.44 35.14
CA SER A 390 27.18 -21.77 34.05
C SER A 390 26.51 -21.45 32.71
N GLN A 391 27.02 -20.43 32.03
CA GLN A 391 26.45 -20.07 30.73
C GLN A 391 27.40 -20.41 29.59
N VAL A 392 26.85 -20.47 28.39
CA VAL A 392 27.61 -20.75 27.18
C VAL A 392 26.83 -20.20 25.99
N ASN A 393 27.49 -20.08 24.84
CA ASN A 393 26.84 -19.58 23.64
C ASN A 393 26.25 -18.19 23.79
N ARG A 394 26.96 -17.32 24.49
CA ARG A 394 26.53 -15.93 24.61
C ARG A 394 26.58 -15.23 23.26
N GLN A 395 25.65 -14.30 23.05
CA GLN A 395 25.67 -13.41 21.90
C GLN A 395 25.26 -12.01 22.34
N VAL A 396 26.02 -11.01 21.90
CA VAL A 396 25.59 -9.63 22.08
C VAL A 396 24.59 -9.30 20.98
N ILE A 397 23.42 -8.79 21.35
CA ILE A 397 22.45 -8.35 20.36
C ILE A 397 22.56 -6.83 20.20
N VAL A 398 22.65 -6.14 21.34
CA VAL A 398 22.83 -4.70 21.37
C VAL A 398 23.92 -4.41 22.40
N ASP A 399 25.00 -3.74 22.01
CA ASP A 399 26.07 -3.46 22.96
C ASP A 399 25.61 -2.49 24.05
N ASN A 400 26.33 -2.47 25.17
CA ASN A 400 25.88 -1.72 26.34
C ASN A 400 26.07 -0.21 26.22
N ASN A 401 26.53 0.26 25.07
CA ASN A 401 26.58 1.69 24.81
C ASN A 401 25.28 2.18 24.19
N ASN A 402 24.33 1.26 24.01
CA ASN A 402 23.07 1.58 23.35
C ASN A 402 21.82 1.17 24.13
N TRP A 403 20.74 1.92 23.95
CA TRP A 403 19.51 1.67 24.69
C TRP A 403 18.75 0.48 24.14
N SER A 404 18.23 -0.35 25.04
CA SER A 404 17.31 -1.40 24.65
C SER A 404 15.93 -1.10 25.23
N GLY A 405 15.32 -2.09 25.87
CA GLY A 405 13.96 -1.92 26.37
C GLY A 405 13.28 -3.27 26.53
N TYR A 406 11.99 -3.32 26.19
CA TYR A 406 11.24 -4.56 26.28
C TYR A 406 11.80 -5.63 25.34
N SER A 407 11.56 -6.89 25.67
CA SER A 407 11.85 -7.99 24.75
C SER A 407 10.80 -9.07 24.95
N GLY A 408 10.59 -9.87 23.91
CA GLY A 408 9.57 -10.90 23.99
C GLY A 408 9.80 -12.02 23.01
N ILE A 409 9.15 -13.15 23.26
CA ILE A 409 9.32 -14.31 22.42
C ILE A 409 8.19 -14.43 21.40
N PHE A 410 8.49 -15.05 20.26
CA PHE A 410 7.44 -15.53 19.39
C PHE A 410 7.87 -16.85 18.76
N SER A 411 6.90 -17.68 18.37
CA SER A 411 7.20 -19.00 17.85
C SER A 411 6.77 -19.15 16.40
N VAL A 412 7.61 -19.81 15.61
CA VAL A 412 7.40 -19.95 14.18
C VAL A 412 7.46 -21.43 13.81
N GLU A 413 6.41 -21.93 13.18
CA GLU A 413 6.36 -23.33 12.81
C GLU A 413 7.18 -23.63 11.57
N GLY A 414 8.14 -24.54 11.71
CA GLY A 414 8.94 -24.98 10.59
C GLY A 414 8.39 -26.29 10.05
N LYS A 415 9.10 -26.87 9.09
CA LYS A 415 8.68 -28.12 8.47
C LYS A 415 8.58 -29.26 9.48
N SER A 416 9.55 -29.36 10.38
N SER A 416 9.56 -29.35 10.38
CA SER A 416 9.57 -30.48 11.32
CA SER A 416 9.65 -30.47 11.30
C SER A 416 9.63 -30.05 12.79
C SER A 416 9.73 -30.06 12.77
N CYS A 417 9.84 -28.76 13.03
CA CYS A 417 9.95 -28.27 14.41
C CYS A 417 9.44 -26.85 14.59
N ILE A 418 9.16 -26.51 15.85
CA ILE A 418 8.75 -25.16 16.21
C ILE A 418 9.97 -24.38 16.67
N ASN A 419 10.26 -23.28 15.98
CA ASN A 419 11.43 -22.46 16.28
C ASN A 419 11.05 -21.31 17.22
N ARG A 420 11.99 -20.90 18.06
CA ARG A 420 11.76 -19.78 18.96
C ARG A 420 12.49 -18.55 18.47
N CYS A 421 11.78 -17.42 18.41
CA CYS A 421 12.37 -16.14 18.00
C CYS A 421 12.13 -15.10 19.08
N PHE A 422 12.86 -13.99 19.01
CA PHE A 422 12.59 -12.88 19.94
C PHE A 422 12.82 -11.52 19.28
N TYR A 423 12.20 -10.49 19.82
CA TYR A 423 12.41 -9.13 19.36
C TYR A 423 12.97 -8.33 20.53
N VAL A 424 13.64 -7.24 20.21
CA VAL A 424 14.08 -6.30 21.24
C VAL A 424 13.60 -4.89 20.90
N GLU A 425 12.95 -4.26 21.87
CA GLU A 425 12.49 -2.89 21.74
C GLU A 425 13.67 -1.98 22.03
N LEU A 426 13.93 -1.05 21.11
CA LEU A 426 15.05 -0.13 21.25
C LEU A 426 14.52 1.26 21.51
N ILE A 427 14.43 1.63 22.78
CA ILE A 427 13.77 2.86 23.18
C ILE A 427 14.68 4.07 23.02
N ARG A 428 14.18 5.10 22.36
CA ARG A 428 14.91 6.37 22.22
C ARG A 428 14.09 7.51 22.79
N GLY A 429 14.77 8.57 23.22
CA GLY A 429 14.09 9.74 23.75
C GLY A 429 14.05 9.72 25.27
N ARG A 430 13.01 10.30 25.85
CA ARG A 430 12.91 10.39 27.30
C ARG A 430 12.51 9.04 27.91
N PRO A 431 12.88 8.80 29.18
CA PRO A 431 13.56 9.77 30.06
C PRO A 431 15.08 9.83 29.90
N GLN A 432 15.69 8.90 29.18
CA GLN A 432 17.15 8.82 29.13
C GLN A 432 17.80 9.92 28.29
N GLU A 433 17.13 10.31 27.21
CA GLU A 433 17.70 11.28 26.28
C GLU A 433 16.81 12.50 26.20
N THR A 434 17.21 13.57 26.89
CA THR A 434 16.32 14.70 27.10
C THR A 434 16.46 15.83 26.08
N ARG A 435 17.35 15.67 25.12
CA ARG A 435 17.42 16.67 24.05
C ARG A 435 16.07 16.74 23.35
N VAL A 436 15.43 15.58 23.20
CA VAL A 436 14.11 15.51 22.57
C VAL A 436 13.02 15.42 23.63
N TRP A 437 11.79 15.75 23.26
CA TRP A 437 10.69 15.73 24.22
C TRP A 437 9.79 14.50 24.06
N TRP A 438 10.12 13.65 23.09
CA TRP A 438 9.32 12.46 22.84
C TRP A 438 9.95 11.18 23.36
N THR A 439 9.17 10.11 23.33
CA THR A 439 9.64 8.76 23.63
C THR A 439 9.12 7.83 22.54
N SER A 440 10.01 7.09 21.90
CA SER A 440 9.59 6.15 20.85
C SER A 440 10.55 4.98 20.80
N ASN A 441 10.42 4.13 19.79
CA ASN A 441 11.30 2.97 19.68
C ASN A 441 11.40 2.41 18.27
N SER A 442 12.49 1.69 18.01
CA SER A 442 12.57 0.83 16.84
C SER A 442 12.70 -0.60 17.34
N ILE A 443 12.85 -1.56 16.43
CA ILE A 443 13.01 -2.94 16.86
C ILE A 443 14.14 -3.66 16.11
N VAL A 444 14.66 -4.70 16.75
CA VAL A 444 15.55 -5.65 16.09
C VAL A 444 15.04 -7.04 16.47
N VAL A 445 15.18 -8.00 15.55
CA VAL A 445 14.55 -9.30 15.71
C VAL A 445 15.50 -10.43 15.31
N PHE A 446 15.60 -11.45 16.17
CA PHE A 446 16.46 -12.61 15.91
C PHE A 446 15.66 -13.90 16.00
N CYS A 447 16.06 -14.92 15.24
CA CYS A 447 15.41 -16.23 15.31
C CYS A 447 16.40 -17.33 15.64
N GLY A 448 15.93 -18.34 16.38
CA GLY A 448 16.76 -19.48 16.69
C GLY A 448 17.32 -20.10 15.42
N THR A 449 18.53 -20.63 15.51
CA THR A 449 19.16 -21.32 14.39
C THR A 449 19.86 -22.59 14.86
N SER A 450 19.89 -23.60 13.99
CA SER A 450 20.66 -24.81 14.27
C SER A 450 22.00 -24.73 13.54
N GLY A 451 22.21 -23.63 12.83
CA GLY A 451 23.43 -23.44 12.07
C GLY A 451 24.51 -22.73 12.87
N THR A 452 25.36 -21.97 12.19
CA THR A 452 26.39 -21.19 12.87
C THR A 452 26.22 -19.71 12.62
N TYR A 453 27.03 -18.89 13.31
CA TYR A 453 26.87 -17.46 13.28
C TYR A 453 28.11 -16.78 13.87
N GLY A 454 28.18 -15.46 13.73
CA GLY A 454 29.30 -14.69 14.21
C GLY A 454 28.95 -13.75 15.34
N THR A 455 29.43 -12.52 15.25
CA THR A 455 29.16 -11.51 16.27
C THR A 455 28.78 -10.18 15.64
N GLY A 456 28.17 -9.31 16.45
CA GLY A 456 27.85 -7.97 16.02
C GLY A 456 27.10 -7.20 17.08
N SER A 457 26.52 -6.07 16.67
CA SER A 457 25.68 -5.26 17.53
C SER A 457 24.72 -4.50 16.62
N TRP A 458 23.43 -4.57 16.93
CA TRP A 458 22.41 -3.97 16.08
C TRP A 458 21.49 -3.04 16.87
N PRO A 459 22.01 -1.86 17.24
CA PRO A 459 21.27 -0.91 18.07
C PRO A 459 20.31 -0.10 17.22
N ASP A 460 19.58 0.83 17.84
CA ASP A 460 18.65 1.66 17.11
C ASP A 460 19.34 2.41 15.97
N GLY A 461 20.44 3.08 16.29
CA GLY A 461 21.28 3.70 15.27
C GLY A 461 20.99 5.17 14.96
N ALA A 462 19.94 5.72 15.54
CA ALA A 462 19.66 7.14 15.31
C ALA A 462 20.63 8.02 16.10
N ASN A 463 20.96 9.17 15.52
CA ASN A 463 21.78 10.16 16.19
C ASN A 463 20.82 11.15 16.86
N ILE A 464 20.78 11.14 18.19
CA ILE A 464 19.82 11.94 18.92
C ILE A 464 19.91 13.42 18.53
N ASN A 465 21.10 13.84 18.13
CA ASN A 465 21.32 15.22 17.72
C ASN A 465 20.73 15.56 16.36
N PHE A 466 20.42 14.53 15.57
CA PHE A 466 19.83 14.72 14.23
C PHE A 466 18.31 14.76 14.29
N MET A 467 17.74 14.45 15.45
CA MET A 467 16.29 14.28 15.55
C MET A 467 15.53 15.58 15.74
N PRO A 468 14.32 15.66 15.17
CA PRO A 468 13.39 16.72 15.56
C PRO A 468 13.12 16.52 17.04
N ILE A 469 13.03 17.61 17.81
CA ILE A 469 12.86 17.49 19.25
C ILE A 469 11.39 17.36 19.63
N VAL B 82 1.50 -25.19 -7.09
CA VAL B 82 2.73 -24.52 -7.52
C VAL B 82 3.92 -25.50 -7.56
N GLU B 83 4.64 -25.47 -8.68
CA GLU B 83 5.72 -26.42 -8.93
C GLU B 83 7.08 -25.72 -8.89
N TYR B 84 8.14 -26.47 -8.56
CA TYR B 84 9.49 -25.90 -8.60
C TYR B 84 9.85 -25.49 -10.04
N ARG B 85 10.58 -24.39 -10.16
CA ARG B 85 11.17 -23.99 -11.44
C ARG B 85 12.28 -24.93 -11.83
N ASN B 86 12.35 -25.28 -13.11
CA ASN B 86 13.46 -26.07 -13.65
C ASN B 86 14.27 -25.30 -14.67
N TRP B 87 13.69 -24.23 -15.21
CA TRP B 87 14.35 -23.41 -16.22
C TRP B 87 14.79 -24.25 -17.42
N SER B 88 14.05 -25.32 -17.70
CA SER B 88 14.42 -26.25 -18.76
C SER B 88 13.81 -25.88 -20.10
N LYS B 89 14.06 -24.64 -20.52
CA LYS B 89 13.74 -24.20 -21.87
C LYS B 89 15.01 -23.61 -22.46
N PRO B 90 15.12 -23.58 -23.79
CA PRO B 90 16.31 -23.00 -24.40
C PRO B 90 16.39 -21.51 -24.11
N GLN B 91 17.59 -20.95 -24.20
CA GLN B 91 17.77 -19.52 -24.04
C GLN B 91 17.15 -18.78 -25.22
N CYS B 92 16.42 -17.70 -24.95
CA CYS B 92 15.82 -16.90 -26.02
C CYS B 92 16.91 -16.35 -26.92
N GLN B 93 16.71 -16.47 -28.22
CA GLN B 93 17.62 -15.87 -29.18
C GLN B 93 17.31 -14.39 -29.29
N ILE B 94 18.29 -13.55 -28.96
CA ILE B 94 18.05 -12.11 -28.93
C ILE B 94 18.88 -11.33 -29.95
N THR B 95 18.40 -10.12 -30.26
CA THR B 95 19.06 -9.24 -31.21
C THR B 95 19.65 -8.04 -30.47
N GLY B 96 19.46 -8.03 -29.15
CA GLY B 96 19.82 -6.90 -28.32
C GLY B 96 18.82 -6.78 -27.19
N PHE B 97 18.69 -5.59 -26.62
CA PHE B 97 17.84 -5.37 -25.46
C PHE B 97 16.89 -4.19 -25.63
N ALA B 98 15.74 -4.27 -24.95
CA ALA B 98 14.74 -3.21 -25.01
C ALA B 98 14.44 -2.70 -23.60
N PRO B 99 14.06 -1.42 -23.48
CA PRO B 99 13.77 -0.77 -22.20
C PRO B 99 12.71 -1.54 -21.43
N PHE B 100 12.94 -1.78 -20.13
CA PHE B 100 12.01 -2.54 -19.32
C PHE B 100 11.50 -1.77 -18.10
N SER B 101 12.39 -1.06 -17.41
CA SER B 101 12.00 -0.36 -16.17
C SER B 101 13.00 0.72 -15.77
N LYS B 102 12.52 1.68 -14.98
CA LYS B 102 13.35 2.75 -14.44
C LYS B 102 12.63 3.34 -13.23
N ASP B 103 13.34 3.62 -12.14
CA ASP B 103 12.65 4.06 -10.93
C ASP B 103 12.83 5.54 -10.54
N ASN B 104 13.80 6.22 -11.14
CA ASN B 104 13.97 7.66 -10.88
C ASN B 104 14.15 7.99 -9.40
N SER B 105 14.80 7.09 -8.67
CA SER B 105 14.89 7.20 -7.22
C SER B 105 15.44 8.55 -6.73
N ILE B 106 16.49 9.02 -7.37
CA ILE B 106 17.19 10.21 -6.88
C ILE B 106 16.41 11.49 -7.20
N ARG B 107 15.86 11.56 -8.40
CA ARG B 107 14.98 12.67 -8.75
C ARG B 107 13.84 12.80 -7.74
N LEU B 108 13.25 11.66 -7.36
CA LEU B 108 12.13 11.68 -6.41
C LEU B 108 12.59 12.08 -5.00
N SER B 109 13.80 11.65 -4.64
CA SER B 109 14.35 11.93 -3.32
C SER B 109 14.43 13.43 -3.01
N ALA B 110 14.40 14.25 -4.05
CA ALA B 110 14.45 15.70 -3.87
C ALA B 110 13.08 16.29 -3.54
N GLY B 111 12.05 15.45 -3.57
CA GLY B 111 10.70 15.90 -3.27
C GLY B 111 9.85 14.76 -2.76
N GLY B 112 10.31 14.13 -1.69
CA GLY B 112 9.66 12.95 -1.15
C GLY B 112 10.64 12.18 -0.30
N ASP B 113 10.11 11.32 0.55
CA ASP B 113 10.93 10.54 1.46
C ASP B 113 11.26 9.19 0.82
N ILE B 114 12.50 9.05 0.36
CA ILE B 114 12.94 7.88 -0.37
C ILE B 114 14.21 7.30 0.26
N TRP B 115 14.27 5.98 0.35
CA TRP B 115 15.39 5.30 0.98
C TRP B 115 16.72 5.60 0.30
N VAL B 116 17.77 5.74 1.09
CA VAL B 116 19.14 5.71 0.58
C VAL B 116 19.53 4.25 0.37
N THR B 117 20.07 3.94 -0.81
CA THR B 117 20.40 2.57 -1.16
C THR B 117 21.73 2.47 -1.89
N ARG B 118 22.19 1.22 -2.07
CA ARG B 118 23.16 0.85 -3.09
C ARG B 118 23.06 -0.66 -3.29
N GLU B 119 23.86 -1.19 -4.20
CA GLU B 119 23.83 -2.62 -4.51
C GLU B 119 22.42 -3.15 -4.80
N PRO B 120 21.73 -2.52 -5.77
CA PRO B 120 20.39 -2.99 -6.13
C PRO B 120 20.46 -4.22 -7.03
N TYR B 121 19.34 -4.91 -7.17
CA TYR B 121 19.20 -5.93 -8.21
C TYR B 121 17.73 -6.24 -8.48
N VAL B 122 17.49 -7.16 -9.41
CA VAL B 122 16.13 -7.52 -9.79
C VAL B 122 16.00 -9.04 -9.81
N SER B 123 14.85 -9.53 -9.37
CA SER B 123 14.54 -10.95 -9.46
C SER B 123 13.03 -11.10 -9.54
N CYS B 124 12.58 -12.10 -10.28
CA CYS B 124 11.15 -12.25 -10.52
C CYS B 124 10.65 -13.61 -10.03
N ASP B 125 9.46 -13.62 -9.43
CA ASP B 125 8.74 -14.88 -9.21
C ASP B 125 8.09 -15.27 -10.55
N PRO B 126 7.44 -16.43 -10.61
CA PRO B 126 6.92 -16.84 -11.93
C PRO B 126 5.94 -15.82 -12.53
N GLY B 127 5.32 -14.99 -11.69
CA GLY B 127 4.36 -14.02 -12.16
C GLY B 127 4.89 -12.61 -12.41
N LYS B 128 5.62 -12.06 -11.43
CA LYS B 128 6.08 -10.68 -11.54
C LYS B 128 7.49 -10.43 -11.00
N CYS B 129 8.04 -9.28 -11.37
CA CYS B 129 9.40 -8.93 -11.00
C CYS B 129 9.46 -7.94 -9.83
N TYR B 130 10.53 -8.05 -9.04
CA TYR B 130 10.75 -7.21 -7.88
C TYR B 130 12.10 -6.52 -7.95
N GLN B 131 12.18 -5.29 -7.47
CA GLN B 131 13.48 -4.63 -7.33
C GLN B 131 13.94 -4.70 -5.87
N PHE B 132 15.23 -4.99 -5.71
CA PHE B 132 15.85 -5.14 -4.40
C PHE B 132 16.97 -4.13 -4.27
N ALA B 133 17.32 -3.77 -3.04
CA ALA B 133 18.52 -2.97 -2.80
C ALA B 133 18.89 -3.00 -1.32
N LEU B 134 20.14 -2.66 -1.02
CA LEU B 134 20.56 -2.54 0.37
C LEU B 134 20.31 -1.12 0.86
N GLY B 135 19.34 -0.96 1.75
CA GLY B 135 19.08 0.33 2.34
C GLY B 135 20.23 0.73 3.23
N GLN B 136 20.28 2.01 3.59
CA GLN B 136 21.29 2.51 4.53
C GLN B 136 20.61 2.94 5.82
N GLY B 137 19.43 2.38 6.09
CA GLY B 137 18.71 2.66 7.31
C GLY B 137 18.25 4.10 7.44
N THR B 138 18.06 4.75 6.30
CA THR B 138 17.72 6.17 6.29
C THR B 138 17.17 6.59 4.93
N THR B 139 16.35 7.64 4.93
CA THR B 139 15.94 8.25 3.68
C THR B 139 17.01 9.28 3.29
N LEU B 140 16.87 9.86 2.10
CA LEU B 140 17.91 10.74 1.56
C LEU B 140 17.86 12.14 2.16
N ASP B 141 16.66 12.71 2.21
CA ASP B 141 16.45 14.01 2.83
C ASP B 141 16.29 13.79 4.33
N ASN B 142 17.43 13.62 5.01
CA ASN B 142 17.48 13.09 6.36
C ASN B 142 18.93 13.22 6.78
N LYS B 143 19.20 13.81 7.94
CA LYS B 143 20.59 14.03 8.36
C LYS B 143 21.37 12.72 8.45
N HIS B 144 20.66 11.61 8.62
CA HIS B 144 21.32 10.30 8.68
C HIS B 144 21.88 9.85 7.33
N SER B 145 21.58 10.60 6.26
CA SER B 145 22.11 10.27 4.95
C SER B 145 23.60 10.59 4.86
N ASN B 146 24.06 11.44 5.77
CA ASN B 146 25.46 11.85 5.82
C ASN B 146 26.38 10.64 5.97
N ASP B 147 27.41 10.57 5.13
CA ASP B 147 28.45 9.54 5.23
C ASP B 147 27.97 8.13 4.87
N THR B 148 26.96 8.02 4.02
CA THR B 148 26.46 6.71 3.60
C THR B 148 27.27 6.11 2.46
N VAL B 149 28.41 6.70 2.16
CA VAL B 149 29.34 6.10 1.20
C VAL B 149 29.86 4.76 1.74
N HIS B 150 29.89 4.62 3.06
CA HIS B 150 30.44 3.41 3.69
C HIS B 150 29.60 2.16 3.38
N ASP B 151 30.27 1.03 3.21
CA ASP B 151 29.64 -0.20 2.73
C ASP B 151 28.87 -0.99 3.79
N ARG B 152 29.33 -0.95 5.02
CA ARG B 152 28.80 -1.86 6.03
C ARG B 152 28.47 -1.18 7.35
N ILE B 153 27.17 -1.11 7.66
CA ILE B 153 26.69 -0.72 8.98
C ILE B 153 25.56 -1.66 9.41
N PRO B 154 25.29 -1.72 10.73
CA PRO B 154 24.27 -2.65 11.25
C PRO B 154 22.86 -2.30 10.77
N HIS B 155 22.68 -1.10 10.23
CA HIS B 155 21.35 -0.61 9.88
C HIS B 155 20.96 -0.86 8.43
N ARG B 156 21.87 -1.43 7.66
CA ARG B 156 21.55 -1.80 6.28
C ARG B 156 20.62 -3.02 6.28
N THR B 157 19.54 -2.92 5.52
CA THR B 157 18.56 -3.98 5.42
C THR B 157 18.21 -4.18 3.96
N LEU B 158 17.79 -5.39 3.60
CA LEU B 158 17.40 -5.66 2.23
C LEU B 158 15.98 -5.16 1.97
N LEU B 159 15.84 -4.29 0.98
CA LEU B 159 14.54 -3.74 0.59
C LEU B 159 13.98 -4.52 -0.60
N MET B 160 12.67 -4.69 -0.63
CA MET B 160 11.99 -5.44 -1.69
C MET B 160 10.64 -4.84 -2.07
N ASN B 161 10.56 -4.33 -3.30
CA ASN B 161 9.33 -3.77 -3.86
C ASN B 161 9.05 -4.41 -5.22
N GLU B 162 7.82 -4.31 -5.71
CA GLU B 162 7.56 -4.65 -7.10
C GLU B 162 8.41 -3.75 -7.97
N LEU B 163 8.90 -4.28 -9.09
CA LEU B 163 9.75 -3.52 -9.99
C LEU B 163 9.07 -2.26 -10.49
N GLY B 164 9.73 -1.11 -10.33
CA GLY B 164 9.15 0.16 -10.75
C GLY B 164 8.51 0.92 -9.60
N VAL B 165 8.35 0.27 -8.46
CA VAL B 165 7.89 0.98 -7.25
C VAL B 165 9.11 1.49 -6.51
N PRO B 166 9.29 2.82 -6.43
CA PRO B 166 10.50 3.37 -5.82
C PRO B 166 10.50 3.04 -4.34
N PHE B 167 11.66 3.10 -3.69
CA PHE B 167 11.75 2.72 -2.28
C PHE B 167 11.21 3.82 -1.37
N HIS B 168 9.89 3.84 -1.24
CA HIS B 168 9.20 4.78 -0.38
C HIS B 168 9.14 4.19 1.04
N LEU B 169 8.55 4.94 1.97
CA LEU B 169 8.53 4.52 3.37
C LEU B 169 7.68 3.29 3.67
N GLY B 170 6.86 2.88 2.71
CA GLY B 170 6.08 1.66 2.87
C GLY B 170 6.80 0.40 2.44
N THR B 171 8.06 0.57 2.02
CA THR B 171 8.88 -0.54 1.55
C THR B 171 9.21 -1.53 2.65
N ARG B 172 9.05 -2.81 2.38
CA ARG B 172 9.38 -3.85 3.35
C ARG B 172 10.88 -4.11 3.43
N GLN B 173 11.40 -4.11 4.65
CA GLN B 173 12.78 -4.51 4.90
C GLN B 173 12.79 -6.00 5.19
N VAL B 174 13.22 -6.77 4.20
CA VAL B 174 13.10 -8.23 4.21
C VAL B 174 14.02 -8.90 5.24
N CYS B 175 15.16 -8.28 5.52
CA CYS B 175 16.12 -8.85 6.46
C CYS B 175 17.24 -7.84 6.72
N ILE B 176 18.10 -8.15 7.67
CA ILE B 176 19.26 -7.31 7.94
C ILE B 176 20.40 -7.77 7.02
N ALA B 177 20.98 -6.85 6.26
CA ALA B 177 22.01 -7.21 5.29
C ALA B 177 22.84 -6.03 4.80
N TRP B 178 24.17 -6.17 4.84
CA TRP B 178 25.03 -5.31 4.05
C TRP B 178 25.60 -6.05 2.84
N SER B 179 25.10 -7.28 2.63
CA SER B 179 25.41 -8.06 1.44
C SER B 179 24.30 -9.10 1.31
N SER B 180 23.83 -9.35 0.09
CA SER B 180 22.65 -10.20 -0.08
C SER B 180 22.51 -10.86 -1.44
N SER B 181 21.59 -11.82 -1.50
CA SER B 181 21.18 -12.46 -2.74
C SER B 181 19.78 -13.00 -2.50
N SER B 182 18.94 -12.93 -3.52
CA SER B 182 17.57 -13.46 -3.41
C SER B 182 17.17 -14.21 -4.68
N CYS B 183 16.28 -15.19 -4.51
CA CYS B 183 15.76 -15.94 -5.64
C CYS B 183 14.51 -16.73 -5.25
N HIS B 184 13.67 -17.00 -6.24
CA HIS B 184 12.41 -17.72 -6.03
C HIS B 184 12.53 -19.08 -6.70
N ASP B 185 12.22 -20.14 -5.97
CA ASP B 185 12.40 -21.50 -6.50
C ASP B 185 11.17 -22.04 -7.21
N GLY B 186 10.15 -21.19 -7.35
CA GLY B 186 8.91 -21.59 -8.00
C GLY B 186 7.78 -21.68 -7.01
N LYS B 187 8.15 -21.89 -5.74
CA LYS B 187 7.17 -22.00 -4.66
C LYS B 187 7.27 -20.83 -3.68
N ALA B 188 8.49 -20.46 -3.32
CA ALA B 188 8.69 -19.38 -2.36
C ALA B 188 10.03 -18.67 -2.54
N TRP B 189 10.17 -17.54 -1.86
CA TRP B 189 11.40 -16.74 -1.90
C TRP B 189 12.45 -17.22 -0.90
N LEU B 190 13.70 -17.24 -1.37
CA LEU B 190 14.86 -17.44 -0.52
C LEU B 190 15.63 -16.12 -0.48
N HIS B 191 16.03 -15.71 0.72
CA HIS B 191 16.88 -14.54 0.87
C HIS B 191 18.14 -14.94 1.63
N VAL B 192 19.30 -14.56 1.08
CA VAL B 192 20.57 -14.75 1.76
C VAL B 192 21.06 -13.40 2.27
N CYS B 193 21.12 -13.25 3.58
CA CYS B 193 21.36 -11.95 4.18
C CYS B 193 22.58 -11.97 5.11
N ILE B 194 23.56 -11.12 4.82
CA ILE B 194 24.79 -11.11 5.59
C ILE B 194 24.94 -9.80 6.35
N THR B 195 25.21 -9.88 7.66
CA THR B 195 25.39 -8.68 8.48
C THR B 195 26.31 -8.97 9.66
N GLY B 196 26.66 -7.93 10.42
CA GLY B 196 27.50 -8.09 11.59
C GLY B 196 28.94 -7.64 11.39
N ASP B 197 29.81 -8.02 12.33
CA ASP B 197 31.22 -7.64 12.31
C ASP B 197 31.96 -8.08 11.05
N ASP B 198 32.83 -7.22 10.55
CA ASP B 198 33.67 -7.57 9.40
C ASP B 198 34.37 -8.91 9.59
N LYS B 199 34.95 -9.10 10.77
CA LYS B 199 35.76 -10.29 11.05
C LYS B 199 34.96 -11.51 11.50
N ASN B 200 33.65 -11.36 11.66
CA ASN B 200 32.85 -12.45 12.21
C ASN B 200 31.39 -12.28 11.83
N ALA B 201 31.12 -12.21 10.52
CA ALA B 201 29.77 -11.94 10.02
C ALA B 201 28.89 -13.18 10.08
N THR B 202 27.57 -12.94 9.95
CA THR B 202 26.59 -14.01 9.94
C THR B 202 25.77 -13.94 8.66
N ALA B 203 25.62 -15.07 7.98
CA ALA B 203 24.70 -15.17 6.86
C ALA B 203 23.43 -15.88 7.30
N SER B 204 22.29 -15.20 7.20
CA SER B 204 21.00 -15.80 7.51
C SER B 204 20.33 -16.27 6.23
N PHE B 205 19.69 -17.43 6.29
CA PHE B 205 18.97 -17.96 5.14
C PHE B 205 17.48 -18.02 5.48
N ILE B 206 16.71 -17.21 4.77
CA ILE B 206 15.29 -17.05 5.06
C ILE B 206 14.47 -17.56 3.88
N TYR B 207 13.57 -18.48 4.15
CA TYR B 207 12.79 -19.12 3.09
C TYR B 207 11.32 -19.13 3.45
N ASP B 208 10.48 -18.71 2.50
CA ASP B 208 9.05 -18.68 2.71
C ASP B 208 8.75 -17.94 4.01
N GLY B 209 9.47 -16.86 4.24
CA GLY B 209 9.17 -15.97 5.36
C GLY B 209 9.63 -16.42 6.73
N ARG B 210 10.51 -17.42 6.78
CA ARG B 210 11.05 -17.83 8.08
C ARG B 210 12.54 -18.19 8.01
N LEU B 211 13.24 -17.93 9.12
CA LEU B 211 14.66 -18.24 9.17
C LEU B 211 14.86 -19.75 9.26
N VAL B 212 15.55 -20.31 8.29
CA VAL B 212 15.73 -21.76 8.22
C VAL B 212 17.17 -22.20 8.55
N ASP B 213 18.14 -21.38 8.20
CA ASP B 213 19.54 -21.75 8.44
C ASP B 213 20.41 -20.51 8.61
N SER B 214 21.65 -20.73 9.06
CA SER B 214 22.64 -19.66 9.14
C SER B 214 24.04 -20.24 9.15
N ILE B 215 25.01 -19.45 8.67
CA ILE B 215 26.39 -19.87 8.70
C ILE B 215 27.26 -18.68 9.07
N GLY B 216 28.31 -18.92 9.83
CA GLY B 216 29.24 -17.87 10.22
C GLY B 216 30.41 -17.76 9.26
N SER B 217 31.12 -16.63 9.33
CA SER B 217 32.30 -16.38 8.53
C SER B 217 33.32 -17.51 8.66
N TRP B 218 33.84 -17.98 7.54
CA TRP B 218 34.84 -19.06 7.57
C TRP B 218 36.28 -18.57 7.43
N SER B 219 36.46 -17.31 7.04
CA SER B 219 37.81 -16.75 6.88
C SER B 219 38.01 -15.48 7.69
N GLN B 220 36.97 -15.08 8.44
CA GLN B 220 37.07 -13.93 9.33
C GLN B 220 37.47 -12.64 8.60
N ASN B 221 36.96 -12.46 7.39
CA ASN B 221 37.32 -11.27 6.61
C ASN B 221 36.24 -10.88 5.61
N ILE B 222 35.13 -10.37 6.13
CA ILE B 222 34.02 -9.85 5.33
C ILE B 222 33.37 -10.90 4.43
N LEU B 223 32.69 -11.84 5.06
CA LEU B 223 31.87 -12.79 4.34
C LEU B 223 30.94 -11.98 3.43
N ARG B 224 30.85 -12.35 2.16
CA ARG B 224 30.09 -11.56 1.20
C ARG B 224 29.54 -12.41 0.05
N THR B 225 28.52 -11.91 -0.64
CA THR B 225 27.88 -12.70 -1.69
C THR B 225 27.55 -11.89 -2.95
N GLN B 226 26.57 -12.34 -3.72
CA GLN B 226 26.40 -11.91 -5.11
C GLN B 226 25.93 -10.47 -5.34
N GLU B 227 25.03 -9.98 -4.50
CA GLU B 227 24.35 -8.70 -4.71
C GLU B 227 23.51 -8.73 -5.98
N SER B 228 23.08 -9.93 -6.36
CA SER B 228 22.08 -10.13 -7.41
C SER B 228 21.43 -11.49 -7.20
N GLU B 229 20.51 -11.88 -8.09
CA GLU B 229 19.68 -13.06 -7.83
C GLU B 229 20.47 -14.38 -7.79
N CYS B 230 20.10 -15.24 -6.86
CA CYS B 230 20.57 -16.62 -6.89
C CYS B 230 19.70 -17.40 -7.88
N VAL B 231 19.96 -18.68 -8.03
CA VAL B 231 19.27 -19.48 -9.04
C VAL B 231 18.86 -20.84 -8.50
N CYS B 232 17.62 -21.23 -8.77
CA CYS B 232 17.09 -22.48 -8.26
C CYS B 232 16.67 -23.41 -9.40
N ILE B 233 17.04 -24.68 -9.29
CA ILE B 233 16.54 -25.70 -10.22
C ILE B 233 16.02 -26.90 -9.44
N ASN B 234 14.79 -27.28 -9.72
CA ASN B 234 14.16 -28.44 -9.10
C ASN B 234 14.20 -28.41 -7.57
N GLY B 235 14.06 -27.22 -6.99
CA GLY B 235 13.98 -27.10 -5.55
C GLY B 235 15.31 -26.86 -4.85
N THR B 236 16.40 -26.87 -5.61
CA THR B 236 17.72 -26.58 -5.06
C THR B 236 18.21 -25.23 -5.56
N CYS B 237 18.43 -24.29 -4.64
CA CYS B 237 18.97 -22.99 -5.00
C CYS B 237 20.46 -22.96 -4.76
N THR B 238 21.20 -22.27 -5.62
CA THR B 238 22.64 -22.14 -5.42
C THR B 238 23.04 -20.67 -5.32
N VAL B 239 24.07 -20.40 -4.51
CA VAL B 239 24.57 -19.05 -4.33
C VAL B 239 26.07 -19.10 -4.10
N VAL B 240 26.78 -18.11 -4.64
CA VAL B 240 28.23 -18.06 -4.51
C VAL B 240 28.62 -17.07 -3.42
N MET B 241 29.49 -17.49 -2.50
CA MET B 241 29.90 -16.66 -1.39
C MET B 241 31.42 -16.64 -1.25
N THR B 242 31.95 -15.50 -0.82
CA THR B 242 33.39 -15.36 -0.64
C THR B 242 33.71 -14.78 0.74
N ASP B 243 34.84 -15.21 1.30
CA ASP B 243 35.32 -14.71 2.59
C ASP B 243 36.84 -14.69 2.49
N GLY B 244 37.46 -13.57 2.86
CA GLY B 244 38.90 -13.44 2.72
C GLY B 244 39.31 -12.16 2.01
N SER B 245 40.58 -12.08 1.62
CA SER B 245 41.16 -10.86 1.08
C SER B 245 40.42 -10.32 -0.13
N ALA B 246 40.34 -8.99 -0.21
CA ALA B 246 39.76 -8.32 -1.38
C ALA B 246 40.84 -8.08 -2.44
N SER B 247 42.08 -8.35 -2.07
CA SER B 247 43.23 -8.05 -2.94
C SER B 247 44.23 -9.20 -2.96
N GLY B 248 43.72 -10.43 -2.88
CA GLY B 248 44.58 -11.59 -2.84
C GLY B 248 43.74 -12.85 -2.79
N ARG B 249 44.39 -14.01 -2.77
CA ARG B 249 43.67 -15.27 -2.70
C ARG B 249 42.67 -15.26 -1.55
N ALA B 250 41.43 -15.65 -1.85
CA ALA B 250 40.37 -15.70 -0.85
C ALA B 250 39.73 -17.08 -0.83
N ASP B 251 38.73 -17.24 0.03
CA ASP B 251 38.06 -18.53 0.18
C ASP B 251 36.63 -18.45 -0.34
N THR B 252 36.43 -18.90 -1.58
CA THR B 252 35.12 -18.86 -2.21
C THR B 252 34.44 -20.23 -2.13
N ARG B 253 33.16 -20.21 -1.77
CA ARG B 253 32.40 -21.44 -1.65
C ARG B 253 31.04 -21.30 -2.34
N ILE B 254 30.55 -22.42 -2.85
CA ILE B 254 29.26 -22.45 -3.52
C ILE B 254 28.27 -23.26 -2.69
N LEU B 255 27.18 -22.62 -2.27
CA LEU B 255 26.18 -23.27 -1.43
C LEU B 255 24.99 -23.81 -2.22
N PHE B 256 24.48 -24.94 -1.74
CA PHE B 256 23.28 -25.54 -2.31
C PHE B 256 22.25 -25.61 -1.20
N ILE B 257 21.09 -25.02 -1.45
CA ILE B 257 20.12 -24.73 -0.40
C ILE B 257 18.74 -25.22 -0.79
N GLU B 258 18.12 -26.04 0.06
CA GLU B 258 16.80 -26.57 -0.23
C GLU B 258 15.78 -26.10 0.81
N GLU B 259 14.80 -25.34 0.36
CA GLU B 259 13.83 -24.73 1.26
C GLU B 259 14.50 -24.01 2.42
N GLY B 260 15.60 -23.31 2.13
CA GLY B 260 16.28 -22.50 3.12
C GLY B 260 17.36 -23.24 3.90
N LYS B 261 17.41 -24.56 3.72
CA LYS B 261 18.37 -25.40 4.43
C LYS B 261 19.61 -25.68 3.59
N ILE B 262 20.79 -25.35 4.12
CA ILE B 262 22.04 -25.66 3.42
C ILE B 262 22.24 -27.17 3.40
N VAL B 263 22.23 -27.77 2.21
CA VAL B 263 22.39 -29.22 2.10
C VAL B 263 23.77 -29.64 1.61
N HIS B 264 24.52 -28.71 1.02
CA HIS B 264 25.86 -29.00 0.55
C HIS B 264 26.65 -27.72 0.30
N ILE B 265 27.95 -27.79 0.51
CA ILE B 265 28.84 -26.67 0.24
C ILE B 265 30.07 -27.15 -0.51
N SER B 266 30.29 -26.61 -1.71
CA SER B 266 31.43 -26.99 -2.53
C SER B 266 32.46 -25.86 -2.58
N PRO B 267 33.74 -26.20 -2.41
CA PRO B 267 34.79 -25.20 -2.57
C PRO B 267 34.87 -24.75 -4.02
N LEU B 268 35.30 -23.53 -4.26
CA LEU B 268 35.61 -23.11 -5.62
C LEU B 268 36.70 -24.01 -6.18
N SER B 269 36.62 -24.31 -7.47
CA SER B 269 37.62 -25.10 -8.15
C SER B 269 37.80 -24.52 -9.55
N GLY B 270 38.89 -24.86 -10.22
CA GLY B 270 39.15 -24.35 -11.56
C GLY B 270 40.26 -23.32 -11.57
N SER B 271 40.26 -22.45 -12.59
CA SER B 271 41.36 -21.51 -12.78
C SER B 271 41.06 -20.07 -12.37
N ALA B 272 39.83 -19.78 -11.96
CA ALA B 272 39.53 -18.43 -11.46
C ALA B 272 40.29 -18.19 -10.16
N GLN B 273 41.00 -17.06 -10.08
CA GLN B 273 41.87 -16.83 -8.94
C GLN B 273 41.29 -15.88 -7.90
N HIS B 274 40.19 -15.21 -8.24
CA HIS B 274 39.48 -14.35 -7.30
C HIS B 274 38.03 -14.18 -7.75
N ILE B 275 37.10 -14.43 -6.85
CA ILE B 275 35.67 -14.40 -7.17
C ILE B 275 34.87 -13.51 -6.23
N GLU B 276 34.16 -12.55 -6.80
CA GLU B 276 33.25 -11.72 -6.02
C GLU B 276 32.00 -11.39 -6.83
N GLU B 277 30.90 -11.20 -6.13
CA GLU B 277 29.71 -10.59 -6.72
C GLU B 277 29.29 -11.24 -8.05
N CYS B 278 29.13 -12.55 -8.02
CA CYS B 278 28.73 -13.28 -9.22
C CYS B 278 27.34 -12.90 -9.71
N SER B 279 27.23 -12.70 -11.01
CA SER B 279 25.93 -12.57 -11.66
C SER B 279 25.65 -13.90 -12.33
N CYS B 280 24.76 -14.68 -11.72
CA CYS B 280 24.51 -16.04 -12.16
C CYS B 280 23.21 -16.17 -12.92
N TYR B 281 23.12 -17.21 -13.74
CA TYR B 281 21.90 -17.48 -14.47
C TYR B 281 21.72 -18.98 -14.74
N PRO B 282 20.46 -19.44 -14.81
CA PRO B 282 20.21 -20.84 -15.12
C PRO B 282 20.63 -21.16 -16.55
N ARG B 283 21.40 -22.23 -16.71
CA ARG B 283 21.73 -22.73 -18.03
C ARG B 283 21.53 -24.24 -17.97
N TYR B 284 20.27 -24.65 -17.98
CA TYR B 284 19.92 -26.04 -17.74
C TYR B 284 20.88 -26.98 -18.45
N PRO B 285 21.35 -28.02 -17.75
CA PRO B 285 20.92 -28.46 -16.42
C PRO B 285 21.65 -27.79 -15.26
N GLY B 286 22.52 -26.83 -15.54
CA GLY B 286 23.32 -26.22 -14.51
C GLY B 286 23.12 -24.72 -14.34
N VAL B 287 24.05 -24.11 -13.61
CA VAL B 287 24.04 -22.67 -13.39
C VAL B 287 25.39 -22.12 -13.77
N ARG B 288 25.40 -20.98 -14.47
CA ARG B 288 26.64 -20.34 -14.89
C ARG B 288 26.72 -18.91 -14.36
N CYS B 289 27.90 -18.51 -13.93
CA CYS B 289 28.09 -17.20 -13.31
C CYS B 289 29.25 -16.43 -13.92
N ILE B 290 29.03 -15.14 -14.16
CA ILE B 290 30.11 -14.24 -14.56
C ILE B 290 30.30 -13.27 -13.40
N CYS B 291 31.53 -13.18 -12.89
CA CYS B 291 31.74 -12.52 -11.62
C CYS B 291 32.76 -11.38 -11.71
N ARG B 292 33.32 -11.02 -10.56
CA ARG B 292 34.28 -9.92 -10.47
C ARG B 292 35.57 -10.44 -9.85
N ASP B 293 36.69 -10.27 -10.56
CA ASP B 293 37.99 -10.59 -9.99
C ASP B 293 38.55 -9.28 -9.46
N ASN B 294 38.70 -9.15 -8.15
CA ASN B 294 39.10 -7.88 -7.56
C ASN B 294 40.60 -7.81 -7.33
N TRP B 295 41.32 -8.83 -7.80
CA TRP B 295 42.73 -8.99 -7.48
C TRP B 295 43.68 -8.78 -8.66
N LYS B 296 43.68 -9.71 -9.63
CA LYS B 296 44.63 -9.61 -10.74
C LYS B 296 44.00 -9.50 -12.13
N GLY B 297 42.67 -9.54 -12.21
CA GLY B 297 42.04 -9.59 -13.53
C GLY B 297 41.08 -8.46 -13.85
N SER B 298 41.19 -7.90 -15.05
CA SER B 298 40.18 -6.98 -15.56
C SER B 298 39.25 -7.75 -16.50
N ASN B 299 39.65 -8.98 -16.85
CA ASN B 299 38.74 -9.92 -17.45
C ASN B 299 37.87 -10.55 -16.37
N ARG B 300 36.60 -10.84 -16.69
CA ARG B 300 35.67 -11.39 -15.70
C ARG B 300 35.76 -12.90 -15.56
N PRO B 301 35.84 -13.39 -14.31
CA PRO B 301 35.86 -14.83 -14.05
C PRO B 301 34.53 -15.48 -14.37
N VAL B 302 34.59 -16.78 -14.68
CA VAL B 302 33.40 -17.58 -14.90
C VAL B 302 33.35 -18.68 -13.84
N VAL B 303 32.18 -18.90 -13.25
CA VAL B 303 31.99 -20.04 -12.35
C VAL B 303 30.85 -20.89 -12.85
N ASP B 304 31.14 -22.16 -13.13
CA ASP B 304 30.14 -23.11 -13.58
C ASP B 304 29.75 -24.05 -12.44
N ILE B 305 28.45 -24.23 -12.25
CA ILE B 305 27.95 -25.01 -11.12
C ILE B 305 27.14 -26.18 -11.62
N ASN B 306 27.59 -27.40 -11.28
CA ASN B 306 26.84 -28.60 -11.61
C ASN B 306 25.84 -28.92 -10.50
N MET B 307 24.55 -28.79 -10.82
CA MET B 307 23.50 -28.96 -9.82
C MET B 307 23.20 -30.43 -9.53
N GLU B 308 23.78 -31.32 -10.33
CA GLU B 308 23.55 -32.75 -10.16
C GLU B 308 24.52 -33.40 -9.18
N ASP B 309 25.81 -33.09 -9.30
CA ASP B 309 26.82 -33.67 -8.40
C ASP B 309 27.60 -32.62 -7.60
N TYR B 310 27.16 -31.36 -7.68
CA TYR B 310 27.73 -30.27 -6.91
C TYR B 310 29.15 -29.88 -7.31
N SER B 311 29.64 -30.44 -8.41
CA SER B 311 31.00 -30.11 -8.86
C SER B 311 31.09 -28.69 -9.40
N ILE B 312 32.27 -28.10 -9.28
CA ILE B 312 32.50 -26.71 -9.65
C ILE B 312 33.65 -26.58 -10.64
N ASP B 313 33.48 -25.73 -11.64
CA ASP B 313 34.57 -25.38 -12.54
C ASP B 313 34.62 -23.87 -12.65
N SER B 314 35.77 -23.33 -13.05
CA SER B 314 35.88 -21.89 -13.22
C SER B 314 36.98 -21.55 -14.22
N SER B 315 36.85 -20.38 -14.82
CA SER B 315 37.79 -19.88 -15.81
C SER B 315 37.57 -18.38 -15.99
N TYR B 316 37.89 -17.86 -17.17
CA TYR B 316 37.62 -16.46 -17.46
C TYR B 316 36.92 -16.31 -18.80
N VAL B 317 36.11 -15.25 -18.92
CA VAL B 317 35.48 -14.92 -20.20
C VAL B 317 36.58 -14.73 -21.26
N CYS B 318 36.43 -15.40 -22.40
CA CYS B 318 37.45 -15.38 -23.45
C CYS B 318 37.63 -14.00 -24.09
N SER B 319 36.54 -13.25 -24.18
CA SER B 319 36.52 -11.99 -24.91
C SER B 319 37.69 -11.06 -24.61
N GLY B 320 38.33 -10.58 -25.68
CA GLY B 320 39.40 -9.61 -25.57
C GLY B 320 38.87 -8.23 -25.24
N LEU B 321 37.57 -8.02 -25.44
CA LEU B 321 36.90 -6.84 -24.92
C LEU B 321 36.41 -7.20 -23.52
N VAL B 322 37.15 -6.75 -22.51
CA VAL B 322 36.92 -7.20 -21.14
C VAL B 322 35.86 -6.35 -20.43
N GLY B 323 35.27 -6.90 -19.37
CA GLY B 323 34.08 -6.28 -18.80
C GLY B 323 34.23 -5.59 -17.46
N ASP B 324 35.40 -5.67 -16.85
CA ASP B 324 35.60 -5.08 -15.54
C ASP B 324 35.96 -3.61 -15.67
N THR B 325 35.92 -2.89 -14.55
CA THR B 325 36.41 -1.52 -14.46
C THR B 325 37.15 -1.41 -13.14
N PRO B 326 38.44 -1.05 -13.16
CA PRO B 326 39.21 -0.55 -14.31
C PRO B 326 39.62 -1.65 -15.27
N ARG B 327 40.17 -1.24 -16.42
CA ARG B 327 40.65 -2.16 -17.45
C ARG B 327 41.49 -1.37 -18.45
N ASN B 328 42.26 -2.06 -19.28
CA ASN B 328 42.97 -1.40 -20.37
C ASN B 328 41.99 -0.99 -21.46
N ASP B 329 42.41 -0.09 -22.34
CA ASP B 329 41.57 0.24 -23.48
C ASP B 329 41.48 -0.93 -24.45
N ASP B 330 40.52 -0.87 -25.36
CA ASP B 330 40.22 -2.00 -26.23
C ASP B 330 41.41 -2.48 -27.06
N SER B 331 42.31 -1.58 -27.39
CA SER B 331 43.42 -1.92 -28.27
C SER B 331 44.53 -2.66 -27.52
N SER B 332 44.50 -2.61 -26.19
CA SER B 332 45.57 -3.24 -25.42
C SER B 332 45.08 -4.18 -24.31
N SER B 333 43.80 -4.54 -24.35
CA SER B 333 43.24 -5.47 -23.36
C SER B 333 43.35 -6.91 -23.87
N ASN B 334 43.43 -7.86 -22.95
CA ASN B 334 43.59 -9.26 -23.32
C ASN B 334 42.86 -10.22 -22.38
N SER B 335 42.46 -11.36 -22.91
CA SER B 335 42.01 -12.49 -22.09
C SER B 335 42.33 -13.80 -22.79
N ASN B 336 42.81 -14.79 -22.05
CA ASN B 336 43.11 -16.10 -22.63
C ASN B 336 42.11 -17.19 -22.21
N CYS B 337 41.03 -16.78 -21.55
CA CYS B 337 39.97 -17.69 -21.11
C CYS B 337 40.31 -18.43 -19.81
N ARG B 338 41.56 -18.39 -19.40
CA ARG B 338 42.01 -19.26 -18.31
C ARG B 338 42.57 -18.52 -17.09
N ASN B 339 43.33 -17.46 -17.34
CA ASN B 339 44.01 -16.75 -16.26
C ASN B 339 43.59 -15.30 -16.17
N PRO B 340 43.71 -14.70 -14.96
CA PRO B 340 43.51 -13.25 -14.85
C PRO B 340 44.55 -12.55 -15.70
N ASN B 341 44.17 -11.50 -16.41
CA ASN B 341 45.05 -10.87 -17.38
C ASN B 341 46.14 -9.97 -16.80
N ASN B 342 46.08 -9.68 -15.51
CA ASN B 342 47.04 -8.78 -14.88
C ASN B 342 47.12 -7.42 -15.60
N GLU B 343 45.98 -6.96 -16.10
CA GLU B 343 45.87 -5.63 -16.67
C GLU B 343 44.96 -4.78 -15.80
N ARG B 344 45.54 -3.83 -15.06
CA ARG B 344 44.78 -3.05 -14.09
C ARG B 344 43.80 -3.94 -13.33
N GLY B 345 44.32 -5.09 -12.89
CA GLY B 345 43.50 -6.12 -12.30
C GLY B 345 42.89 -5.77 -10.96
N THR B 346 43.59 -4.99 -10.15
CA THR B 346 43.09 -4.70 -8.80
C THR B 346 41.86 -3.79 -8.85
N GLN B 347 40.99 -3.94 -7.86
CA GLN B 347 39.69 -3.24 -7.83
C GLN B 347 38.75 -3.84 -8.88
N GLY B 348 37.59 -3.23 -9.08
CA GLY B 348 36.65 -3.74 -10.05
C GLY B 348 35.24 -3.28 -9.76
N VAL B 349 34.28 -3.84 -10.49
CA VAL B 349 32.87 -3.51 -10.33
C VAL B 349 32.04 -4.75 -10.67
N LYS B 350 30.90 -4.92 -10.00
CA LYS B 350 30.02 -6.03 -10.32
C LYS B 350 29.47 -5.85 -11.73
N GLY B 351 29.46 -6.94 -12.50
CA GLY B 351 28.96 -6.90 -13.86
C GLY B 351 28.41 -8.25 -14.29
N TRP B 352 28.16 -8.40 -15.58
CA TRP B 352 27.53 -9.60 -16.10
C TRP B 352 27.93 -9.85 -17.55
N ALA B 353 27.63 -11.05 -18.02
CA ALA B 353 27.73 -11.42 -19.42
C ALA B 353 27.07 -12.78 -19.51
N PHE B 354 26.67 -13.18 -20.72
CA PHE B 354 26.17 -14.53 -20.92
C PHE B 354 26.51 -15.05 -22.31
N ASP B 355 26.65 -16.37 -22.41
CA ASP B 355 27.04 -17.00 -23.65
C ASP B 355 25.86 -17.26 -24.57
N ASN B 356 26.10 -17.15 -25.86
CA ASN B 356 25.19 -17.70 -26.86
C ASN B 356 26.00 -18.47 -27.89
N GLY B 357 26.11 -19.78 -27.72
CA GLY B 357 26.95 -20.58 -28.58
C GLY B 357 28.39 -20.14 -28.41
N ASN B 358 29.02 -19.77 -29.51
CA ASN B 358 30.40 -19.28 -29.47
C ASN B 358 30.47 -17.79 -29.10
N ASP B 359 29.34 -17.11 -29.19
CA ASP B 359 29.31 -15.67 -28.98
C ASP B 359 28.99 -15.28 -27.54
N LEU B 360 29.19 -14.01 -27.22
CA LEU B 360 28.96 -13.51 -25.87
C LEU B 360 28.21 -12.18 -25.89
N TRP B 361 27.12 -12.10 -25.12
CA TRP B 361 26.48 -10.83 -24.85
C TRP B 361 27.03 -10.30 -23.53
N MET B 362 27.41 -9.03 -23.50
CA MET B 362 27.97 -8.45 -22.29
C MET B 362 27.67 -6.96 -22.16
N GLY B 363 27.68 -6.49 -20.93
CA GLY B 363 27.63 -5.05 -20.66
C GLY B 363 28.88 -4.63 -19.92
N ARG B 364 29.13 -3.32 -19.88
CA ARG B 364 30.24 -2.76 -19.11
C ARG B 364 30.09 -1.24 -19.07
N THR B 365 30.85 -0.60 -18.19
CA THR B 365 30.89 0.85 -18.17
C THR B 365 31.57 1.30 -19.45
N ILE B 366 31.20 2.47 -19.95
CA ILE B 366 31.83 3.01 -21.15
C ILE B 366 33.25 3.46 -20.82
N SER B 367 33.41 4.16 -19.70
CA SER B 367 34.74 4.53 -19.21
C SER B 367 35.51 3.29 -18.79
N LYS B 368 36.81 3.29 -19.06
CA LYS B 368 37.64 2.14 -18.70
C LYS B 368 38.23 2.28 -17.30
N GLU B 369 38.11 3.48 -16.71
CA GLU B 369 38.73 3.73 -15.41
C GLU B 369 37.71 4.11 -14.33
N SER B 370 36.54 4.55 -14.74
CA SER B 370 35.54 4.98 -13.76
C SER B 370 34.16 4.41 -14.04
N ARG B 371 33.32 4.43 -13.02
CA ARG B 371 31.96 3.91 -13.14
C ARG B 371 31.07 4.95 -13.81
N SER B 372 31.36 5.17 -15.08
CA SER B 372 30.67 6.15 -15.89
C SER B 372 30.19 5.51 -17.18
N GLY B 373 28.96 5.83 -17.58
CA GLY B 373 28.40 5.29 -18.80
C GLY B 373 28.09 3.81 -18.68
N TYR B 374 27.33 3.29 -19.64
CA TYR B 374 27.06 1.86 -19.70
C TYR B 374 26.67 1.45 -21.11
N GLU B 375 27.30 0.38 -21.60
CA GLU B 375 27.08 -0.10 -22.96
C GLU B 375 26.92 -1.61 -22.99
N THR B 376 26.14 -2.10 -23.95
CA THR B 376 26.05 -3.55 -24.18
C THR B 376 26.38 -3.84 -25.64
N PHE B 377 26.87 -5.05 -25.90
CA PHE B 377 27.12 -5.50 -27.25
C PHE B 377 27.32 -7.01 -27.30
N LYS B 378 27.35 -7.56 -28.51
CA LYS B 378 27.66 -8.96 -28.68
C LYS B 378 29.08 -9.07 -29.22
N VAL B 379 29.87 -9.94 -28.60
CA VAL B 379 31.22 -10.20 -29.08
C VAL B 379 31.19 -11.49 -29.89
N ILE B 380 31.54 -11.40 -31.16
CA ILE B 380 31.59 -12.57 -32.01
C ILE B 380 32.76 -13.44 -31.56
N GLY B 381 32.46 -14.68 -31.20
CA GLY B 381 33.46 -15.60 -30.66
C GLY B 381 33.85 -15.23 -29.24
N GLY B 382 33.05 -14.38 -28.61
CA GLY B 382 33.35 -13.89 -27.28
C GLY B 382 33.36 -14.94 -26.19
N TRP B 383 32.67 -16.05 -26.44
CA TRP B 383 32.66 -17.12 -25.45
C TRP B 383 33.70 -18.20 -25.71
N SER B 384 33.96 -18.51 -26.98
CA SER B 384 34.80 -19.64 -27.35
C SER B 384 36.22 -19.26 -27.79
N THR B 385 36.37 -18.07 -28.34
CA THR B 385 37.66 -17.67 -28.93
C THR B 385 38.44 -16.70 -28.05
N PRO B 386 39.63 -17.13 -27.59
CA PRO B 386 40.46 -16.28 -26.75
C PRO B 386 40.78 -14.95 -27.42
N ASN B 387 40.60 -13.87 -26.68
CA ASN B 387 41.01 -12.54 -27.14
C ASN B 387 40.19 -11.97 -28.31
N SER B 388 39.04 -12.57 -28.59
CA SER B 388 38.16 -12.07 -29.64
C SER B 388 37.72 -10.62 -29.36
N LYS B 389 37.75 -9.78 -30.39
CA LYS B 389 37.42 -8.36 -30.21
C LYS B 389 36.48 -7.78 -31.28
N SER B 390 35.83 -8.65 -32.05
CA SER B 390 34.86 -8.19 -33.03
C SER B 390 33.49 -8.09 -32.37
N GLN B 391 32.98 -6.87 -32.23
CA GLN B 391 31.66 -6.68 -31.63
C GLN B 391 30.62 -6.26 -32.65
N VAL B 392 29.36 -6.46 -32.29
CA VAL B 392 28.25 -6.05 -33.13
C VAL B 392 27.03 -5.82 -32.23
N ASN B 393 26.03 -5.10 -32.75
CA ASN B 393 24.81 -4.85 -32.00
C ASN B 393 25.03 -4.07 -30.70
N ARG B 394 25.92 -3.09 -30.74
CA ARG B 394 26.15 -2.25 -29.58
C ARG B 394 24.92 -1.39 -29.28
N GLN B 395 24.67 -1.17 -27.98
CA GLN B 395 23.65 -0.23 -27.54
C GLN B 395 24.19 0.58 -26.36
N VAL B 396 24.01 1.88 -26.41
CA VAL B 396 24.29 2.71 -25.26
C VAL B 396 23.09 2.64 -24.31
N ILE B 397 23.34 2.28 -23.05
CA ILE B 397 22.28 2.29 -22.05
C ILE B 397 22.32 3.61 -21.27
N VAL B 398 23.54 4.00 -20.90
CA VAL B 398 23.77 5.28 -20.22
C VAL B 398 24.99 5.92 -20.88
N ASP B 399 24.84 7.14 -21.38
CA ASP B 399 25.98 7.80 -22.04
C ASP B 399 27.10 8.13 -21.05
N ASN B 400 28.30 8.36 -21.57
CA ASN B 400 29.49 8.48 -20.73
C ASN B 400 29.61 9.82 -20.01
N ASN B 401 28.58 10.66 -20.14
CA ASN B 401 28.53 11.89 -19.37
C ASN B 401 27.78 11.68 -18.06
N ASN B 402 27.33 10.45 -17.83
CA ASN B 402 26.51 10.14 -16.65
C ASN B 402 27.03 8.95 -15.86
N TRP B 403 26.77 8.97 -14.54
CA TRP B 403 27.32 7.95 -13.67
C TRP B 403 26.55 6.65 -13.76
N SER B 404 27.27 5.54 -13.72
CA SER B 404 26.64 4.23 -13.63
C SER B 404 27.01 3.57 -12.31
N GLY B 405 27.43 2.31 -12.36
CA GLY B 405 27.75 1.58 -11.15
C GLY B 405 27.63 0.08 -11.38
N TYR B 406 27.14 -0.63 -10.38
CA TYR B 406 26.94 -2.06 -10.49
C TYR B 406 25.94 -2.40 -11.59
N SER B 407 26.07 -3.61 -12.12
CA SER B 407 25.08 -4.15 -13.05
C SER B 407 25.03 -5.65 -12.84
N GLY B 408 23.89 -6.25 -13.16
CA GLY B 408 23.77 -7.68 -12.95
C GLY B 408 22.69 -8.28 -13.82
N ILE B 409 22.72 -9.60 -13.95
CA ILE B 409 21.77 -10.29 -14.79
C ILE B 409 20.60 -10.83 -13.98
N PHE B 410 19.43 -10.95 -14.62
CA PHE B 410 18.35 -11.78 -14.11
C PHE B 410 17.64 -12.48 -15.26
N SER B 411 17.01 -13.62 -14.99
CA SER B 411 16.40 -14.40 -16.04
C SER B 411 14.89 -14.53 -15.84
N VAL B 412 14.15 -14.45 -16.95
CA VAL B 412 12.70 -14.46 -16.93
C VAL B 412 12.17 -15.53 -17.88
N GLU B 413 11.35 -16.44 -17.34
CA GLU B 413 10.82 -17.53 -18.16
C GLU B 413 9.69 -17.08 -19.08
N GLY B 414 9.86 -17.31 -20.37
CA GLY B 414 8.83 -17.04 -21.34
C GLY B 414 8.08 -18.30 -21.72
N LYS B 415 7.15 -18.18 -22.66
CA LYS B 415 6.34 -19.31 -23.08
C LYS B 415 7.18 -20.47 -23.59
N SER B 416 8.19 -20.17 -24.39
CA SER B 416 8.99 -21.21 -25.02
C SER B 416 10.49 -21.09 -24.78
N CYS B 417 10.92 -20.01 -24.15
CA CYS B 417 12.35 -19.79 -23.93
C CYS B 417 12.63 -18.96 -22.69
N ILE B 418 13.86 -19.05 -22.20
CA ILE B 418 14.31 -18.26 -21.06
C ILE B 418 15.00 -17.00 -21.57
N ASN B 419 14.50 -15.85 -21.14
CA ASN B 419 15.05 -14.57 -21.58
C ASN B 419 16.06 -14.05 -20.56
N ARG B 420 17.06 -13.30 -21.03
CA ARG B 420 18.02 -12.68 -20.13
C ARG B 420 17.75 -11.18 -20.06
N CYS B 421 17.73 -10.64 -18.84
CA CYS B 421 17.60 -9.21 -18.63
C CYS B 421 18.73 -8.72 -17.76
N PHE B 422 18.89 -7.41 -17.66
CA PHE B 422 19.90 -6.84 -16.76
C PHE B 422 19.48 -5.51 -16.20
N TYR B 423 20.05 -5.16 -15.06
CA TYR B 423 19.80 -3.85 -14.45
C TYR B 423 21.12 -3.12 -14.39
N VAL B 424 21.07 -1.80 -14.30
CA VAL B 424 22.26 -1.08 -13.92
C VAL B 424 21.98 -0.07 -12.81
N GLU B 425 22.88 -0.07 -11.84
CA GLU B 425 22.85 0.83 -10.71
C GLU B 425 23.40 2.18 -11.13
N LEU B 426 22.65 3.24 -10.87
CA LEU B 426 23.06 4.59 -11.25
C LEU B 426 23.41 5.37 -9.98
N ILE B 427 24.71 5.37 -9.64
CA ILE B 427 25.17 5.91 -8.38
C ILE B 427 25.31 7.42 -8.39
N ARG B 428 24.69 8.08 -7.41
CA ARG B 428 24.80 9.52 -7.24
C ARG B 428 25.36 9.88 -5.87
N GLY B 429 26.01 11.03 -5.78
CA GLY B 429 26.61 11.49 -4.54
C GLY B 429 28.08 11.10 -4.44
N ARG B 430 28.54 10.85 -3.23
CA ARG B 430 29.97 10.59 -3.01
C ARG B 430 30.38 9.19 -3.45
N PRO B 431 31.66 9.01 -3.82
CA PRO B 431 32.71 10.04 -3.74
C PRO B 431 32.78 10.99 -4.95
N GLN B 432 32.08 10.70 -6.04
CA GLN B 432 32.23 11.50 -7.26
C GLN B 432 31.64 12.90 -7.17
N GLU B 433 30.53 13.03 -6.45
CA GLU B 433 29.81 14.30 -6.38
C GLU B 433 29.76 14.81 -4.95
N THR B 434 30.64 15.76 -4.64
CA THR B 434 30.87 16.14 -3.24
C THR B 434 30.01 17.29 -2.74
N ARG B 435 29.14 17.82 -3.60
CA ARG B 435 28.20 18.83 -3.13
C ARG B 435 27.31 18.24 -2.04
N VAL B 436 26.95 16.98 -2.20
CA VAL B 436 26.14 16.29 -1.19
C VAL B 436 27.02 15.39 -0.32
N TRP B 437 26.51 15.00 0.84
CA TRP B 437 27.28 14.20 1.78
C TRP B 437 26.83 12.74 1.80
N TRP B 438 25.85 12.41 0.96
CA TRP B 438 25.32 11.05 0.90
C TRP B 438 25.77 10.32 -0.35
N THR B 439 25.47 9.02 -0.37
CA THR B 439 25.68 8.18 -1.55
C THR B 439 24.42 7.34 -1.71
N SER B 440 23.82 7.37 -2.89
CA SER B 440 22.62 6.58 -3.16
C SER B 440 22.59 6.18 -4.63
N ASN B 441 21.49 5.58 -5.08
CA ASN B 441 21.39 5.16 -6.48
C ASN B 441 19.95 5.06 -6.96
N SER B 442 19.76 5.18 -8.27
CA SER B 442 18.52 4.76 -8.90
C SER B 442 18.86 3.58 -9.80
N ILE B 443 17.87 3.05 -10.51
CA ILE B 443 18.13 1.95 -11.44
C ILE B 443 17.50 2.16 -12.81
N VAL B 444 18.06 1.50 -13.80
CA VAL B 444 17.42 1.37 -15.11
C VAL B 444 17.56 -0.10 -15.49
N VAL B 445 16.57 -0.64 -16.19
CA VAL B 445 16.49 -2.08 -16.42
C VAL B 445 16.09 -2.38 -17.87
N PHE B 446 16.83 -3.27 -18.51
CA PHE B 446 16.54 -3.69 -19.89
C PHE B 446 16.36 -5.20 -19.97
N CYS B 447 15.61 -5.64 -20.98
CA CYS B 447 15.39 -7.08 -21.20
C CYS B 447 15.71 -7.50 -22.63
N GLY B 448 16.23 -8.71 -22.76
CA GLY B 448 16.52 -9.27 -24.08
C GLY B 448 15.29 -9.20 -24.97
N THR B 449 15.51 -8.94 -26.25
CA THR B 449 14.42 -8.93 -27.22
C THR B 449 14.81 -9.64 -28.50
N SER B 450 13.85 -10.26 -29.16
CA SER B 450 14.08 -10.87 -30.48
C SER B 450 13.55 -9.95 -31.56
N GLY B 451 13.02 -8.80 -31.16
CA GLY B 451 12.49 -7.83 -32.10
C GLY B 451 13.53 -6.80 -32.49
N THR B 452 13.09 -5.57 -32.73
CA THR B 452 14.00 -4.48 -33.08
C THR B 452 13.89 -3.31 -32.11
N TYR B 453 14.76 -2.33 -32.28
CA TYR B 453 14.88 -1.24 -31.31
C TYR B 453 15.71 -0.10 -31.89
N GLY B 454 15.71 1.03 -31.19
CA GLY B 454 16.45 2.21 -31.64
C GLY B 454 17.61 2.54 -30.74
N THR B 455 17.73 3.82 -30.40
CA THR B 455 18.84 4.29 -29.57
C THR B 455 18.34 5.23 -28.49
N GLY B 456 19.16 5.45 -27.47
CA GLY B 456 18.85 6.43 -26.44
C GLY B 456 19.86 6.43 -25.32
N SER B 457 19.53 7.10 -24.23
CA SER B 457 20.34 7.10 -23.02
C SER B 457 19.41 7.36 -21.86
N TRP B 458 19.50 6.52 -20.84
CA TRP B 458 18.59 6.58 -19.70
C TRP B 458 19.36 6.66 -18.39
N PRO B 459 19.94 7.84 -18.11
CA PRO B 459 20.76 8.05 -16.91
C PRO B 459 19.87 8.30 -15.70
N ASP B 460 20.49 8.49 -14.53
CA ASP B 460 19.74 8.76 -13.31
C ASP B 460 18.81 9.95 -13.47
N GLY B 461 19.35 11.07 -13.97
CA GLY B 461 18.54 12.22 -14.30
C GLY B 461 18.40 13.29 -13.23
N ALA B 462 18.90 13.05 -12.03
CA ALA B 462 18.81 14.07 -10.99
C ALA B 462 19.82 15.19 -11.23
N ASN B 463 19.43 16.41 -10.87
CA ASN B 463 20.33 17.55 -10.91
C ASN B 463 20.96 17.67 -9.53
N ILE B 464 22.27 17.41 -9.45
CA ILE B 464 22.95 17.37 -8.16
C ILE B 464 22.78 18.68 -7.39
N ASN B 465 22.60 19.77 -8.12
CA ASN B 465 22.44 21.09 -7.51
C ASN B 465 21.06 21.29 -6.90
N PHE B 466 20.11 20.44 -7.28
CA PHE B 466 18.74 20.51 -6.76
C PHE B 466 18.56 19.67 -5.50
N MET B 467 19.56 18.87 -5.15
CA MET B 467 19.42 17.89 -4.08
C MET B 467 19.66 18.46 -2.68
N PRO B 468 18.90 17.97 -1.69
CA PRO B 468 19.26 18.17 -0.29
C PRO B 468 20.66 17.60 -0.10
N ILE B 469 21.53 18.28 0.63
CA ILE B 469 22.91 17.81 0.76
C ILE B 469 23.07 16.80 1.89
N VAL C 82 -9.72 -17.98 -16.22
CA VAL C 82 -10.00 -16.67 -16.82
C VAL C 82 -9.96 -16.71 -18.35
N GLU C 83 -11.05 -16.30 -18.98
CA GLU C 83 -11.18 -16.40 -20.44
C GLU C 83 -10.84 -15.06 -21.10
N TYR C 84 -10.43 -15.11 -22.36
CA TYR C 84 -10.19 -13.87 -23.12
C TYR C 84 -11.47 -13.06 -23.25
N ARG C 85 -11.34 -11.73 -23.23
CA ARG C 85 -12.46 -10.85 -23.51
C ARG C 85 -12.80 -10.87 -25.00
N ASN C 86 -14.09 -10.83 -25.31
N ASN C 86 -14.09 -10.84 -25.31
CA ASN C 86 -14.55 -10.77 -26.69
CA ASN C 86 -14.54 -10.76 -26.70
C ASN C 86 -15.42 -9.55 -26.95
C ASN C 86 -15.34 -9.48 -26.95
N TRP C 87 -15.85 -8.90 -25.88
CA TRP C 87 -16.67 -7.69 -25.97
C TRP C 87 -17.87 -7.91 -26.89
N SER C 88 -18.38 -9.14 -26.91
CA SER C 88 -19.47 -9.51 -27.80
C SER C 88 -20.84 -9.26 -27.18
N LYS C 89 -21.06 -8.03 -26.75
CA LYS C 89 -22.35 -7.60 -26.24
C LYS C 89 -22.72 -6.31 -26.94
N PRO C 90 -24.02 -6.01 -27.03
CA PRO C 90 -24.41 -4.74 -27.66
C PRO C 90 -23.89 -3.57 -26.85
N GLN C 91 -23.73 -2.43 -27.51
CA GLN C 91 -23.36 -1.19 -26.81
C GLN C 91 -24.54 -0.71 -25.97
N CYS C 92 -24.27 -0.35 -24.72
CA CYS C 92 -25.32 0.16 -23.85
C CYS C 92 -25.97 1.39 -24.48
N GLN C 93 -27.29 1.45 -24.44
CA GLN C 93 -27.97 2.66 -24.89
C GLN C 93 -27.86 3.69 -23.77
N ILE C 94 -27.45 4.90 -24.11
CA ILE C 94 -27.23 5.91 -23.09
C ILE C 94 -27.99 7.21 -23.37
N THR C 95 -28.24 7.95 -22.29
CA THR C 95 -28.97 9.21 -22.36
C THR C 95 -28.01 10.37 -22.08
N GLY C 96 -26.76 10.02 -21.78
CA GLY C 96 -25.77 10.99 -21.38
C GLY C 96 -24.73 10.31 -20.52
N PHE C 97 -24.04 11.08 -19.68
CA PHE C 97 -22.98 10.52 -18.84
C PHE C 97 -23.14 10.96 -17.38
N ALA C 98 -22.73 10.11 -16.46
CA ALA C 98 -22.78 10.42 -15.03
C ALA C 98 -21.38 10.42 -14.43
N PRO C 99 -21.17 11.21 -13.38
CA PRO C 99 -19.87 11.30 -12.70
C PRO C 99 -19.36 9.93 -12.24
N PHE C 100 -18.09 9.65 -12.46
CA PHE C 100 -17.51 8.35 -12.11
C PHE C 100 -16.30 8.47 -11.19
N SER C 101 -15.38 9.38 -11.51
CA SER C 101 -14.15 9.51 -10.72
C SER C 101 -13.47 10.87 -10.88
N LYS C 102 -12.62 11.21 -9.91
CA LYS C 102 -11.84 12.45 -9.91
C LYS C 102 -10.70 12.29 -8.91
N ASP C 103 -9.48 12.68 -9.27
CA ASP C 103 -8.35 12.41 -8.38
C ASP C 103 -7.76 13.62 -7.64
N ASN C 104 -8.14 14.83 -8.05
CA ASN C 104 -7.71 16.04 -7.35
C ASN C 104 -6.18 16.15 -7.22
N SER C 105 -5.48 15.66 -8.24
CA SER C 105 -4.02 15.54 -8.19
C SER C 105 -3.31 16.84 -7.81
N ILE C 106 -3.68 17.94 -8.47
CA ILE C 106 -2.95 19.20 -8.30
C ILE C 106 -3.22 19.83 -6.93
N ARG C 107 -4.48 19.83 -6.49
CA ARG C 107 -4.81 20.29 -5.15
C ARG C 107 -3.97 19.55 -4.11
N LEU C 108 -3.87 18.24 -4.27
CA LEU C 108 -3.10 17.42 -3.33
C LEU C 108 -1.60 17.72 -3.38
N SER C 109 -1.11 18.08 -4.57
CA SER C 109 0.32 18.32 -4.79
C SER C 109 0.81 19.50 -3.97
N ALA C 110 -0.12 20.37 -3.54
CA ALA C 110 0.24 21.51 -2.73
C ALA C 110 0.42 21.14 -1.25
N GLY C 111 0.17 19.87 -0.93
CA GLY C 111 0.29 19.40 0.43
C GLY C 111 0.51 17.89 0.49
N GLY C 112 1.56 17.46 -0.18
CA GLY C 112 1.84 16.04 -0.32
C GLY C 112 2.76 15.81 -1.50
N ASP C 113 3.41 14.66 -1.54
CA ASP C 113 4.32 14.34 -2.63
C ASP C 113 3.57 13.58 -3.71
N ILE C 114 3.34 14.25 -4.83
CA ILE C 114 2.50 13.73 -5.89
C ILE C 114 3.24 13.85 -7.22
N TRP C 115 3.16 12.82 -8.04
CA TRP C 115 3.86 12.77 -9.33
C TRP C 115 3.43 13.90 -10.27
N VAL C 116 4.40 14.46 -10.98
CA VAL C 116 4.08 15.32 -12.11
C VAL C 116 3.76 14.43 -13.29
N THR C 117 2.64 14.69 -13.96
CA THR C 117 2.20 13.86 -15.08
C THR C 117 1.66 14.66 -16.25
N ARG C 118 1.39 13.95 -17.34
CA ARG C 118 0.49 14.39 -18.42
C ARG C 118 0.11 13.16 -19.21
N GLU C 119 -0.77 13.33 -20.20
CA GLU C 119 -1.24 12.22 -21.02
C GLU C 119 -1.80 11.05 -20.21
N PRO C 120 -2.77 11.33 -19.32
CA PRO C 120 -3.38 10.26 -18.53
C PRO C 120 -4.41 9.48 -19.35
N TYR C 121 -4.78 8.30 -18.86
CA TYR C 121 -5.95 7.59 -19.38
C TYR C 121 -6.48 6.57 -18.38
N VAL C 122 -7.57 5.91 -18.74
CA VAL C 122 -8.18 4.90 -17.88
C VAL C 122 -8.39 3.62 -18.67
N SER C 123 -8.16 2.49 -18.02
CA SER C 123 -8.47 1.19 -18.60
C SER C 123 -8.81 0.24 -17.47
N CYS C 124 -9.69 -0.71 -17.73
CA CYS C 124 -10.17 -1.60 -16.67
C CYS C 124 -9.93 -3.06 -17.02
N ASP C 125 -9.51 -3.85 -16.03
CA ASP C 125 -9.53 -5.30 -16.19
C ASP C 125 -10.97 -5.75 -15.92
N PRO C 126 -11.28 -7.04 -16.09
CA PRO C 126 -12.68 -7.44 -15.94
C PRO C 126 -13.28 -7.11 -14.57
N GLY C 127 -12.45 -6.80 -13.58
CA GLY C 127 -12.95 -6.52 -12.24
C GLY C 127 -12.95 -5.05 -11.83
N LYS C 128 -11.85 -4.35 -12.10
CA LYS C 128 -11.72 -2.96 -11.66
C LYS C 128 -10.95 -2.08 -12.63
N CYS C 129 -11.10 -0.78 -12.45
CA CYS C 129 -10.48 0.21 -13.33
C CYS C 129 -9.20 0.79 -12.75
N TYR C 130 -8.29 1.19 -13.64
CA TYR C 130 -7.02 1.79 -13.25
C TYR C 130 -6.81 3.10 -13.97
N GLN C 131 -6.17 4.06 -13.29
CA GLN C 131 -5.76 5.27 -13.96
C GLN C 131 -4.28 5.19 -14.29
N PHE C 132 -3.94 5.68 -15.49
CA PHE C 132 -2.59 5.64 -16.03
C PHE C 132 -2.18 7.08 -16.36
N ALA C 133 -0.87 7.32 -16.38
CA ALA C 133 -0.36 8.61 -16.86
C ALA C 133 1.12 8.51 -17.09
N LEU C 134 1.66 9.43 -17.89
CA LEU C 134 3.09 9.50 -18.11
C LEU C 134 3.72 10.43 -17.08
N GLY C 135 4.53 9.86 -16.18
CA GLY C 135 5.21 10.69 -15.19
C GLY C 135 6.30 11.50 -15.84
N GLN C 136 6.78 12.51 -15.13
CA GLN C 136 7.93 13.28 -15.60
C GLN C 136 9.14 12.98 -14.72
N GLY C 137 9.13 11.81 -14.08
CA GLY C 137 10.25 11.38 -13.25
C GLY C 137 10.49 12.27 -12.04
N THR C 138 9.44 12.91 -11.56
CA THR C 138 9.56 13.84 -10.43
C THR C 138 8.19 14.09 -9.81
N THR C 139 8.19 14.51 -8.55
CA THR C 139 6.98 14.99 -7.91
C THR C 139 6.85 16.48 -8.22
N LEU C 140 5.73 17.08 -7.85
CA LEU C 140 5.46 18.47 -8.20
C LEU C 140 6.23 19.44 -7.31
N ASP C 141 6.14 19.24 -6.00
CA ASP C 141 6.87 20.05 -5.03
C ASP C 141 8.30 19.51 -4.96
N ASN C 142 9.10 19.90 -5.95
CA ASN C 142 10.39 19.27 -6.23
C ASN C 142 11.05 20.15 -7.29
N LYS C 143 12.30 20.52 -7.10
CA LYS C 143 12.96 21.39 -8.07
C LYS C 143 13.00 20.77 -9.46
N HIS C 144 12.91 19.45 -9.54
CA HIS C 144 12.94 18.76 -10.83
C HIS C 144 11.65 18.97 -11.64
N SER C 145 10.64 19.58 -11.01
CA SER C 145 9.39 19.85 -11.70
C SER C 145 9.53 21.00 -12.70
N ASN C 146 10.59 21.78 -12.53
CA ASN C 146 10.88 22.91 -13.41
C ASN C 146 10.99 22.46 -14.87
N ASP C 147 10.26 23.14 -15.74
CA ASP C 147 10.32 22.91 -17.19
C ASP C 147 9.83 21.53 -17.63
N THR C 148 8.83 21.00 -16.95
CA THR C 148 8.24 19.72 -17.34
C THR C 148 7.17 19.88 -18.42
N VAL C 149 7.13 21.06 -19.05
CA VAL C 149 6.22 21.25 -20.19
C VAL C 149 6.67 20.35 -21.35
N HIS C 150 7.96 20.05 -21.41
CA HIS C 150 8.52 19.27 -22.50
C HIS C 150 7.94 17.86 -22.56
N ASP C 151 7.75 17.36 -23.78
CA ASP C 151 7.01 16.10 -24.00
C ASP C 151 7.83 14.83 -23.78
N ARG C 152 9.12 14.89 -24.08
CA ARG C 152 9.91 13.67 -24.13
C ARG C 152 11.25 13.80 -23.42
N ILE C 153 11.38 13.11 -22.30
CA ILE C 153 12.66 12.92 -21.62
C ILE C 153 12.80 11.45 -21.22
N PRO C 154 14.05 11.00 -21.02
CA PRO C 154 14.31 9.59 -20.71
C PRO C 154 13.68 9.15 -19.39
N HIS C 155 13.26 10.11 -18.57
CA HIS C 155 12.81 9.79 -17.22
C HIS C 155 11.30 9.59 -17.10
N ARG C 156 10.58 9.85 -18.18
CA ARG C 156 9.14 9.62 -18.20
C ARG C 156 8.88 8.11 -18.12
N THR C 157 7.97 7.73 -17.24
CA THR C 157 7.58 6.33 -17.07
C THR C 157 6.07 6.26 -16.99
N LEU C 158 5.52 5.11 -17.37
CA LEU C 158 4.08 4.91 -17.30
C LEU C 158 3.67 4.56 -15.87
N LEU C 159 2.78 5.36 -15.30
CA LEU C 159 2.26 5.12 -13.94
C LEU C 159 0.92 4.39 -14.00
N MET C 160 0.65 3.58 -12.98
CA MET C 160 -0.57 2.79 -12.94
C MET C 160 -1.06 2.58 -11.50
N ASN C 161 -2.23 3.15 -11.19
CA ASN C 161 -2.89 2.98 -9.90
C ASN C 161 -4.32 2.57 -10.12
N GLU C 162 -4.97 2.04 -9.08
CA GLU C 162 -6.40 1.88 -9.15
C GLU C 162 -7.03 3.25 -9.37
N LEU C 163 -8.11 3.29 -10.14
CA LEU C 163 -8.79 4.55 -10.42
C LEU C 163 -9.22 5.27 -9.14
N GLY C 164 -8.85 6.54 -9.01
CA GLY C 164 -9.19 7.30 -7.82
C GLY C 164 -8.09 7.33 -6.78
N VAL C 165 -7.06 6.50 -6.98
CA VAL C 165 -5.86 6.59 -6.15
C VAL C 165 -4.90 7.54 -6.84
N PRO C 166 -4.63 8.70 -6.20
CA PRO C 166 -3.76 9.69 -6.84
C PRO C 166 -2.34 9.15 -6.94
N PHE C 167 -1.54 9.73 -7.81
CA PHE C 167 -0.18 9.23 -8.04
C PHE C 167 0.77 9.65 -6.93
N HIS C 168 0.73 8.91 -5.82
CA HIS C 168 1.61 9.12 -4.69
C HIS C 168 2.92 8.37 -4.90
N LEU C 169 3.84 8.46 -3.94
CA LEU C 169 5.17 7.86 -4.11
C LEU C 169 5.18 6.33 -4.14
N GLY C 170 4.09 5.71 -3.72
CA GLY C 170 3.97 4.26 -3.80
C GLY C 170 3.46 3.76 -5.15
N THR C 171 3.26 4.68 -6.09
CA THR C 171 2.77 4.33 -7.42
C THR C 171 3.79 3.51 -8.20
N ARG C 172 3.33 2.45 -8.87
CA ARG C 172 4.21 1.62 -9.67
C ARG C 172 4.47 2.23 -11.04
N GLN C 173 5.76 2.35 -11.38
CA GLN C 173 6.17 2.76 -12.71
C GLN C 173 6.29 1.50 -13.58
N VAL C 174 5.28 1.30 -14.42
CA VAL C 174 5.09 0.07 -15.18
C VAL C 174 6.14 -0.16 -16.27
N CYS C 175 6.66 0.93 -16.81
CA CYS C 175 7.65 0.85 -17.89
C CYS C 175 8.18 2.24 -18.18
N ILE C 176 9.20 2.30 -19.03
CA ILE C 176 9.75 3.58 -19.46
C ILE C 176 8.96 4.01 -20.70
N ALA C 177 8.45 5.24 -20.69
CA ALA C 177 7.59 5.69 -21.78
C ALA C 177 7.35 7.20 -21.79
N TRP C 178 7.53 7.82 -22.95
CA TRP C 178 7.00 9.16 -23.20
C TRP C 178 5.81 9.13 -24.18
N SER C 179 5.38 7.92 -24.51
CA SER C 179 4.15 7.67 -25.25
C SER C 179 3.74 6.23 -24.93
N SER C 180 2.45 5.99 -24.70
CA SER C 180 2.03 4.66 -24.27
C SER C 180 0.60 4.29 -24.62
N SER C 181 0.32 3.00 -24.48
CA SER C 181 -1.04 2.47 -24.57
C SER C 181 -1.08 1.21 -23.71
N SER C 182 -2.19 0.96 -23.03
CA SER C 182 -2.35 -0.24 -22.21
C SER C 182 -3.73 -0.86 -22.37
N CYS C 183 -3.81 -2.18 -22.22
CA CYS C 183 -5.09 -2.88 -22.26
C CYS C 183 -4.97 -4.29 -21.68
N HIS C 184 -6.09 -4.79 -21.19
CA HIS C 184 -6.17 -6.12 -20.57
C HIS C 184 -7.00 -7.02 -21.50
N ASP C 185 -6.48 -8.21 -21.81
CA ASP C 185 -7.15 -9.08 -22.76
C ASP C 185 -8.09 -10.08 -22.11
N GLY C 186 -8.32 -9.92 -20.81
CA GLY C 186 -9.16 -10.86 -20.07
C GLY C 186 -8.31 -11.75 -19.19
N LYS C 187 -7.06 -11.97 -19.60
CA LYS C 187 -6.13 -12.79 -18.83
C LYS C 187 -5.01 -11.96 -18.19
N ALA C 188 -4.45 -11.03 -18.94
CA ALA C 188 -3.35 -10.22 -18.42
C ALA C 188 -3.27 -8.83 -19.09
N TRP C 189 -2.47 -7.96 -18.47
CA TRP C 189 -2.23 -6.62 -19.01
C TRP C 189 -1.16 -6.60 -20.09
N LEU C 190 -1.44 -5.86 -21.16
CA LEU C 190 -0.46 -5.54 -22.19
C LEU C 190 -0.08 -4.08 -22.03
N HIS C 191 1.20 -3.77 -22.11
CA HIS C 191 1.65 -2.38 -22.08
C HIS C 191 2.53 -2.11 -23.28
N VAL C 192 2.20 -1.04 -24.01
CA VAL C 192 3.01 -0.59 -25.13
C VAL C 192 3.72 0.69 -24.73
N CYS C 193 5.04 0.62 -24.64
CA CYS C 193 5.81 1.73 -24.07
C CYS C 193 6.88 2.22 -25.03
N ILE C 194 6.82 3.50 -25.38
CA ILE C 194 7.78 4.09 -26.32
C ILE C 194 8.70 5.07 -25.62
N THR C 195 10.01 4.92 -25.85
CA THR C 195 10.99 5.80 -25.23
C THR C 195 12.24 5.90 -26.11
N GLY C 196 13.18 6.76 -25.73
CA GLY C 196 14.43 6.91 -26.47
C GLY C 196 14.49 8.13 -27.37
N ASP C 197 15.50 8.14 -28.26
CA ASP C 197 15.75 9.27 -29.16
C ASP C 197 14.57 9.55 -30.09
N ASP C 198 14.31 10.83 -30.33
CA ASP C 198 13.26 11.24 -31.26
C ASP C 198 13.36 10.52 -32.60
N LYS C 199 14.56 10.45 -33.16
CA LYS C 199 14.76 9.91 -34.50
C LYS C 199 14.99 8.40 -34.53
N ASN C 200 14.96 7.74 -33.38
CA ASN C 200 15.28 6.32 -33.32
C ASN C 200 14.71 5.72 -32.04
N ALA C 201 13.39 5.83 -31.88
CA ALA C 201 12.72 5.39 -30.65
C ALA C 201 12.53 3.89 -30.62
N THR C 202 12.29 3.37 -29.42
CA THR C 202 11.99 1.96 -29.23
C THR C 202 10.63 1.81 -28.56
N ALA C 203 9.80 0.93 -29.11
CA ALA C 203 8.55 0.56 -28.47
C ALA C 203 8.69 -0.82 -27.84
N SER C 204 8.48 -0.90 -26.53
CA SER C 204 8.54 -2.18 -25.83
C SER C 204 7.14 -2.73 -25.63
N PHE C 205 6.98 -4.04 -25.79
CA PHE C 205 5.70 -4.69 -25.57
C PHE C 205 5.81 -5.64 -24.38
N ILE C 206 5.11 -5.27 -23.31
CA ILE C 206 5.19 -5.99 -22.05
C ILE C 206 3.85 -6.63 -21.76
N TYR C 207 3.86 -7.95 -21.57
CA TYR C 207 2.62 -8.69 -21.34
C TYR C 207 2.77 -9.60 -20.14
N ASP C 208 1.79 -9.54 -19.24
CA ASP C 208 1.80 -10.40 -18.06
C ASP C 208 3.11 -10.24 -17.31
N GLY C 209 3.60 -9.01 -17.25
CA GLY C 209 4.76 -8.69 -16.45
C GLY C 209 6.12 -9.04 -17.02
N ARG C 210 6.19 -9.32 -18.32
CA ARG C 210 7.48 -9.60 -18.93
C ARG C 210 7.57 -9.00 -20.33
N LEU C 211 8.77 -8.59 -20.72
CA LEU C 211 8.98 -8.05 -22.06
C LEU C 211 8.92 -9.16 -23.07
N VAL C 212 7.99 -9.05 -24.02
CA VAL C 212 7.77 -10.10 -25.01
C VAL C 212 8.25 -9.70 -26.42
N ASP C 213 8.15 -8.42 -26.74
CA ASP C 213 8.52 -7.98 -28.08
C ASP C 213 8.97 -6.52 -28.07
N SER C 214 9.57 -6.08 -29.17
CA SER C 214 9.94 -4.68 -29.33
C SER C 214 10.05 -4.33 -30.80
N ILE C 215 9.81 -3.07 -31.14
CA ILE C 215 10.00 -2.61 -32.52
C ILE C 215 10.65 -1.24 -32.52
N GLY C 216 11.52 -1.01 -33.50
CA GLY C 216 12.18 0.27 -33.65
C GLY C 216 11.42 1.21 -34.57
N SER C 217 11.76 2.49 -34.51
CA SER C 217 11.14 3.52 -35.32
C SER C 217 11.26 3.17 -36.80
N TRP C 218 10.16 3.32 -37.55
CA TRP C 218 10.19 3.01 -38.98
C TRP C 218 10.32 4.24 -39.89
N SER C 219 10.10 5.43 -39.35
CA SER C 219 10.22 6.65 -40.14
C SER C 219 11.17 7.67 -39.49
N GLN C 220 11.83 7.26 -38.41
CA GLN C 220 12.85 8.07 -37.76
C GLN C 220 12.35 9.46 -37.38
N ASN C 221 11.09 9.56 -36.98
CA ASN C 221 10.54 10.85 -36.58
C ASN C 221 9.46 10.71 -35.52
N ILE C 222 9.90 10.41 -34.29
CA ILE C 222 9.02 10.34 -33.11
C ILE C 222 7.92 9.29 -33.25
N LEU C 223 8.31 8.02 -33.19
CA LEU C 223 7.37 6.91 -33.07
C LEU C 223 6.45 7.21 -31.89
N ARG C 224 5.15 7.05 -32.09
CA ARG C 224 4.17 7.47 -31.08
C ARG C 224 2.86 6.69 -31.18
N THR C 225 2.11 6.64 -30.09
CA THR C 225 0.90 5.83 -30.06
C THR C 225 -0.29 6.52 -29.38
N GLN C 226 -1.24 5.74 -28.88
CA GLN C 226 -2.58 6.23 -28.55
C GLN C 226 -2.73 7.19 -27.37
N GLU C 227 -1.94 6.96 -26.32
CA GLU C 227 -2.12 7.65 -25.03
C GLU C 227 -3.50 7.35 -24.43
N SER C 228 -4.07 6.20 -24.82
CA SER C 228 -5.27 5.69 -24.18
C SER C 228 -5.34 4.19 -24.43
N GLU C 229 -6.40 3.54 -23.93
CA GLU C 229 -6.42 2.09 -23.92
C GLU C 229 -6.45 1.47 -25.32
N CYS C 230 -5.66 0.41 -25.49
CA CYS C 230 -5.78 -0.43 -26.67
C CYS C 230 -6.96 -1.38 -26.46
N VAL C 231 -7.22 -2.25 -27.44
CA VAL C 231 -8.39 -3.11 -27.37
C VAL C 231 -8.09 -4.54 -27.82
N CYS C 232 -8.55 -5.51 -27.04
CA CYS C 232 -8.29 -6.92 -27.35
C CYS C 232 -9.59 -7.68 -27.55
N ILE C 233 -9.61 -8.51 -28.59
CA ILE C 233 -10.73 -9.42 -28.82
C ILE C 233 -10.20 -10.84 -29.03
N ASN C 234 -10.67 -11.77 -28.23
CA ASN C 234 -10.29 -13.17 -28.33
C ASN C 234 -8.79 -13.40 -28.30
N GLY C 235 -8.08 -12.66 -27.44
CA GLY C 235 -6.66 -12.87 -27.26
C GLY C 235 -5.76 -12.06 -28.18
N THR C 236 -6.36 -11.33 -29.11
CA THR C 236 -5.59 -10.45 -29.99
C THR C 236 -5.85 -8.98 -29.63
N CYS C 237 -4.79 -8.26 -29.29
CA CYS C 237 -4.89 -6.84 -28.97
C CYS C 237 -4.39 -6.01 -30.14
N THR C 238 -5.09 -4.93 -30.44
CA THR C 238 -4.68 -4.04 -31.52
C THR C 238 -4.37 -2.64 -30.98
N VAL C 239 -3.40 -1.99 -31.61
CA VAL C 239 -3.01 -0.64 -31.21
C VAL C 239 -2.53 0.12 -32.44
N VAL C 240 -2.83 1.41 -32.49
CA VAL C 240 -2.47 2.25 -33.62
C VAL C 240 -1.23 3.07 -33.29
N MET C 241 -0.26 3.07 -34.20
CA MET C 241 0.98 3.80 -33.98
C MET C 241 1.34 4.64 -35.21
N THR C 242 2.01 5.76 -34.97
CA THR C 242 2.43 6.65 -36.04
C THR C 242 3.89 7.04 -35.92
N ASP C 243 4.55 7.24 -37.06
CA ASP C 243 5.95 7.66 -37.10
C ASP C 243 6.07 8.56 -38.31
N GLY C 244 6.69 9.73 -38.13
CA GLY C 244 6.78 10.69 -39.23
C GLY C 244 6.26 12.07 -38.87
N SER C 245 6.06 12.90 -39.89
CA SER C 245 5.75 14.31 -39.70
C SER C 245 4.53 14.58 -38.81
N ALA C 246 4.65 15.59 -37.96
CA ALA C 246 3.54 16.03 -37.12
C ALA C 246 2.65 17.00 -37.88
N SER C 247 3.10 17.42 -39.06
CA SER C 247 2.40 18.43 -39.84
C SER C 247 2.46 18.12 -41.34
N GLY C 248 2.29 16.84 -41.67
CA GLY C 248 2.35 16.40 -43.04
C GLY C 248 2.11 14.91 -43.11
N ARG C 249 2.15 14.35 -44.31
CA ARG C 249 1.97 12.90 -44.48
C ARG C 249 2.93 12.14 -43.57
N ALA C 250 2.37 11.18 -42.82
CA ALA C 250 3.15 10.35 -41.91
C ALA C 250 2.86 8.87 -42.17
N ASP C 251 3.57 8.00 -41.45
CA ASP C 251 3.47 6.56 -41.66
C ASP C 251 2.75 5.89 -40.48
N THR C 252 1.46 5.66 -40.64
CA THR C 252 0.66 5.05 -39.58
C THR C 252 0.47 3.55 -39.81
N ARG C 253 0.64 2.77 -38.74
CA ARG C 253 0.50 1.32 -38.84
C ARG C 253 -0.33 0.78 -37.69
N ILE C 254 -1.04 -0.31 -37.95
CA ILE C 254 -1.89 -0.93 -36.94
C ILE C 254 -1.32 -2.29 -36.58
N LEU C 255 -0.99 -2.46 -35.30
CA LEU C 255 -0.38 -3.69 -34.83
C LEU C 255 -1.38 -4.65 -34.21
N PHE C 256 -1.16 -5.94 -34.45
CA PHE C 256 -1.97 -6.98 -33.85
C PHE C 256 -1.05 -7.83 -32.98
N ILE C 257 -1.40 -7.95 -31.71
CA ILE C 257 -0.48 -8.45 -30.70
C ILE C 257 -1.12 -9.55 -29.87
N GLU C 258 -0.45 -10.70 -29.80
CA GLU C 258 -0.98 -11.84 -29.05
C GLU C 258 -0.03 -12.23 -27.92
N GLU C 259 -0.53 -12.12 -26.69
CA GLU C 259 0.30 -12.35 -25.51
C GLU C 259 1.63 -11.59 -25.58
N GLY C 260 1.57 -10.35 -26.06
CA GLY C 260 2.74 -9.49 -26.09
C GLY C 260 3.54 -9.59 -27.38
N LYS C 261 3.24 -10.60 -28.18
CA LYS C 261 3.98 -10.84 -29.42
C LYS C 261 3.29 -10.24 -30.65
N ILE C 262 4.00 -9.38 -31.38
CA ILE C 262 3.45 -8.81 -32.61
C ILE C 262 3.30 -9.91 -33.66
N VAL C 263 2.07 -10.18 -34.06
CA VAL C 263 1.80 -11.24 -35.04
C VAL C 263 1.47 -10.72 -36.44
N HIS C 264 1.11 -9.44 -36.53
CA HIS C 264 0.81 -8.84 -37.83
C HIS C 264 0.81 -7.32 -37.75
N ILE C 265 1.23 -6.67 -38.82
CA ILE C 265 1.21 -5.22 -38.89
C ILE C 265 0.57 -4.77 -40.21
N SER C 266 -0.50 -3.98 -40.12
CA SER C 266 -1.19 -3.46 -41.30
C SER C 266 -0.95 -1.96 -41.46
N PRO C 267 -0.65 -1.53 -42.70
CA PRO C 267 -0.53 -0.10 -42.97
C PRO C 267 -1.90 0.57 -42.89
N LEU C 268 -1.94 1.85 -42.57
CA LEU C 268 -3.19 2.60 -42.63
C LEU C 268 -3.69 2.59 -44.06
N SER C 269 -5.00 2.45 -44.22
CA SER C 269 -5.64 2.53 -45.53
C SER C 269 -6.92 3.35 -45.38
N GLY C 270 -7.50 3.79 -46.49
CA GLY C 270 -8.70 4.61 -46.43
C GLY C 270 -8.41 6.07 -46.70
N SER C 271 -9.32 6.96 -46.29
CA SER C 271 -9.21 8.36 -46.65
C SER C 271 -8.69 9.29 -45.56
N ALA C 272 -8.43 8.75 -44.36
CA ALA C 272 -7.80 9.57 -43.34
C ALA C 272 -6.39 9.94 -43.79
N GLN C 273 -6.03 11.22 -43.66
CA GLN C 273 -4.74 11.68 -44.17
C GLN C 273 -3.70 11.94 -43.09
N HIS C 274 -4.12 11.95 -41.84
CA HIS C 274 -3.18 12.09 -40.73
C HIS C 274 -3.81 11.49 -39.47
N ILE C 275 -3.06 10.63 -38.79
CA ILE C 275 -3.59 9.87 -37.66
C ILE C 275 -2.66 9.94 -36.45
N GLU C 276 -3.20 10.43 -35.34
CA GLU C 276 -2.47 10.48 -34.09
C GLU C 276 -3.40 10.18 -32.92
N GLU C 277 -2.83 9.60 -31.87
CA GLU C 277 -3.51 9.50 -30.58
C GLU C 277 -4.93 8.98 -30.66
N CYS C 278 -5.09 7.81 -31.28
CA CYS C 278 -6.42 7.23 -31.46
C CYS C 278 -7.07 6.84 -30.14
N SER C 279 -8.36 7.17 -30.02
CA SER C 279 -9.17 6.68 -28.93
C SER C 279 -10.03 5.56 -29.50
N CYS C 280 -9.68 4.32 -29.15
CA CYS C 280 -10.30 3.15 -29.75
C CYS C 280 -11.25 2.46 -28.80
N TYR C 281 -12.20 1.73 -29.35
CA TYR C 281 -13.14 0.98 -28.55
C TYR C 281 -13.61 -0.27 -29.29
N PRO C 282 -13.94 -1.33 -28.55
CA PRO C 282 -14.47 -2.54 -29.19
C PRO C 282 -15.83 -2.27 -29.83
N ARG C 283 -15.99 -2.68 -31.07
CA ARG C 283 -17.29 -2.70 -31.71
C ARG C 283 -17.42 -4.03 -32.41
N TYR C 284 -17.67 -5.07 -31.62
CA TYR C 284 -17.64 -6.45 -32.10
C TYR C 284 -18.35 -6.57 -33.45
N PRO C 285 -17.73 -7.32 -34.40
CA PRO C 285 -16.53 -8.13 -34.21
C PRO C 285 -15.23 -7.36 -34.44
N GLY C 286 -15.30 -6.04 -34.53
CA GLY C 286 -14.11 -5.25 -34.81
C GLY C 286 -13.75 -4.22 -33.76
N VAL C 287 -12.84 -3.33 -34.12
CA VAL C 287 -12.42 -2.24 -33.26
C VAL C 287 -12.52 -0.94 -34.05
N ARG C 288 -13.05 0.10 -33.42
CA ARG C 288 -13.21 1.41 -34.06
C ARG C 288 -12.49 2.50 -33.28
N CYS C 289 -11.82 3.40 -34.01
CA CYS C 289 -11.02 4.45 -33.38
C CYS C 289 -11.39 5.83 -33.91
N ILE C 290 -11.49 6.80 -33.01
CA ILE C 290 -11.60 8.21 -33.38
C ILE C 290 -10.30 8.87 -32.94
N CYS C 291 -9.65 9.60 -33.83
CA CYS C 291 -8.27 10.03 -33.58
C CYS C 291 -8.07 11.53 -33.76
N ARG C 292 -6.81 11.93 -33.90
CA ARG C 292 -6.44 13.33 -34.06
C ARG C 292 -5.69 13.52 -35.38
N ASP C 293 -6.23 14.36 -36.25
CA ASP C 293 -5.54 14.76 -37.47
C ASP C 293 -4.78 16.03 -37.16
N ASN C 294 -3.45 15.97 -37.13
CA ASN C 294 -2.65 17.11 -36.70
C ASN C 294 -2.21 17.98 -37.87
N TRP C 295 -2.69 17.67 -39.06
CA TRP C 295 -2.18 18.26 -40.29
C TRP C 295 -3.18 19.19 -41.00
N LYS C 296 -4.25 18.64 -41.54
CA LYS C 296 -5.18 19.44 -42.33
C LYS C 296 -6.63 19.41 -41.84
N GLY C 297 -6.91 18.62 -40.81
CA GLY C 297 -8.30 18.47 -40.37
C GLY C 297 -8.61 18.89 -38.95
N SER C 298 -9.68 19.66 -38.78
CA SER C 298 -10.22 19.92 -37.45
C SER C 298 -11.40 18.99 -37.19
N ASN C 299 -11.84 18.29 -38.24
CA ASN C 299 -12.69 17.13 -38.05
C ASN C 299 -11.82 15.94 -37.64
N ARG C 300 -12.36 15.05 -36.84
CA ARG C 300 -11.59 13.91 -36.32
C ARG C 300 -11.65 12.70 -37.26
N PRO C 301 -10.49 12.13 -37.57
CA PRO C 301 -10.42 10.93 -38.41
C PRO C 301 -10.95 9.70 -37.70
N VAL C 302 -11.42 8.73 -38.48
CA VAL C 302 -11.91 7.46 -37.97
C VAL C 302 -11.01 6.36 -38.53
N VAL C 303 -10.67 5.39 -37.70
CA VAL C 303 -9.96 4.20 -38.19
C VAL C 303 -10.74 2.95 -37.80
N ASP C 304 -11.09 2.15 -38.79
CA ASP C 304 -11.80 0.89 -38.56
C ASP C 304 -10.85 -0.28 -38.75
N ILE C 305 -10.82 -1.17 -37.75
CA ILE C 305 -9.88 -2.27 -37.75
C ILE C 305 -10.61 -3.60 -37.78
N ASN C 306 -10.38 -4.38 -38.83
CA ASN C 306 -10.95 -5.72 -38.94
C ASN C 306 -10.04 -6.72 -38.24
N MET C 307 -10.50 -7.27 -37.13
CA MET C 307 -9.70 -8.18 -36.33
C MET C 307 -9.60 -9.57 -36.95
N GLU C 308 -10.49 -9.86 -37.91
CA GLU C 308 -10.54 -11.18 -38.53
C GLU C 308 -9.52 -11.34 -39.66
N ASP C 309 -9.39 -10.33 -40.52
CA ASP C 309 -8.43 -10.40 -41.64
C ASP C 309 -7.40 -9.28 -41.64
N TYR C 310 -7.40 -8.47 -40.59
CA TYR C 310 -6.40 -7.40 -40.39
C TYR C 310 -6.55 -6.23 -41.36
N SER C 311 -7.63 -6.20 -42.12
CA SER C 311 -7.84 -5.11 -43.08
C SER C 311 -8.18 -3.81 -42.35
N ILE C 312 -7.80 -2.69 -42.96
CA ILE C 312 -7.99 -1.38 -42.34
C ILE C 312 -8.81 -0.47 -43.25
N ASP C 313 -9.70 0.31 -42.64
CA ASP C 313 -10.39 1.36 -43.38
C ASP C 313 -10.32 2.63 -42.54
N SER C 314 -10.50 3.78 -43.17
CA SER C 314 -10.48 5.05 -42.45
C SER C 314 -11.25 6.13 -43.20
N SER C 315 -11.67 7.15 -42.44
CA SER C 315 -12.48 8.23 -42.96
C SER C 315 -12.46 9.38 -41.95
N TYR C 316 -13.52 10.19 -41.94
CA TYR C 316 -13.66 11.26 -40.95
C TYR C 316 -15.05 11.26 -40.36
N VAL C 317 -15.15 11.62 -39.09
CA VAL C 317 -16.45 11.75 -38.43
C VAL C 317 -17.34 12.71 -39.23
N CYS C 318 -18.55 12.26 -39.57
CA CYS C 318 -19.46 13.05 -40.42
C CYS C 318 -19.88 14.38 -39.80
N SER C 319 -20.04 14.40 -38.49
CA SER C 319 -20.60 15.55 -37.77
C SER C 319 -20.01 16.89 -38.20
N GLY C 320 -20.88 17.85 -38.50
CA GLY C 320 -20.47 19.20 -38.82
C GLY C 320 -20.05 19.97 -37.58
N LEU C 321 -20.42 19.44 -36.42
CA LEU C 321 -19.89 19.95 -35.15
C LEU C 321 -18.61 19.15 -34.88
N VAL C 322 -17.47 19.76 -35.14
CA VAL C 322 -16.20 19.03 -35.15
C VAL C 322 -15.57 18.95 -33.76
N GLY C 323 -14.68 17.98 -33.57
CA GLY C 323 -14.22 17.66 -32.23
C GLY C 323 -12.79 18.03 -31.88
N ASP C 324 -12.05 18.57 -32.85
CA ASP C 324 -10.65 18.90 -32.59
C ASP C 324 -10.52 20.31 -32.05
N THR C 325 -9.34 20.63 -31.54
CA THR C 325 -8.99 21.97 -31.11
C THR C 325 -7.56 22.24 -31.58
N PRO C 326 -7.37 23.28 -32.41
CA PRO C 326 -8.35 24.29 -32.82
C PRO C 326 -9.37 23.85 -33.87
N ARG C 327 -10.38 24.69 -34.07
CA ARG C 327 -11.43 24.43 -35.06
C ARG C 327 -12.16 25.75 -35.34
N ASN C 328 -12.96 25.77 -36.41
CA ASN C 328 -13.82 26.90 -36.68
C ASN C 328 -14.99 26.92 -35.70
N ASP C 329 -15.62 28.07 -35.56
CA ASP C 329 -16.86 28.12 -34.78
C ASP C 329 -17.91 27.24 -35.46
N ASP C 330 -18.94 26.86 -34.72
CA ASP C 330 -19.97 25.94 -35.19
C ASP C 330 -20.68 26.39 -36.48
N SER C 331 -20.76 27.69 -36.70
CA SER C 331 -21.49 28.20 -37.85
C SER C 331 -20.70 28.07 -39.15
N SER C 332 -19.39 27.89 -39.03
CA SER C 332 -18.54 27.83 -40.22
C SER C 332 -17.65 26.59 -40.30
N SER C 333 -17.93 25.60 -39.45
CA SER C 333 -17.20 24.34 -39.47
C SER C 333 -17.88 23.35 -40.43
N ASN C 334 -17.08 22.47 -41.02
CA ASN C 334 -17.62 21.47 -41.94
C ASN C 334 -16.91 20.12 -41.86
N SER C 335 -17.63 19.07 -42.23
CA SER C 335 -17.03 17.77 -42.47
C SER C 335 -17.86 17.04 -43.52
N ASN C 336 -17.20 16.34 -44.44
CA ASN C 336 -17.93 15.58 -45.45
C ASN C 336 -17.82 14.07 -45.26
N CYS C 337 -17.29 13.67 -44.11
CA CYS C 337 -17.12 12.26 -43.74
C CYS C 337 -15.88 11.62 -44.36
N ARG C 338 -15.26 12.30 -45.32
CA ARG C 338 -14.24 11.66 -46.14
C ARG C 338 -12.85 12.31 -46.09
N ASN C 339 -12.82 13.64 -46.11
CA ASN C 339 -11.56 14.37 -46.21
C ASN C 339 -11.35 15.29 -45.02
N PRO C 340 -10.08 15.59 -44.70
CA PRO C 340 -9.81 16.63 -43.70
C PRO C 340 -10.43 17.93 -44.18
N ASN C 341 -11.05 18.69 -43.29
CA ASN C 341 -11.83 19.86 -43.70
C ASN C 341 -11.00 21.09 -44.09
N ASN C 342 -9.70 21.06 -43.79
CA ASN C 342 -8.84 22.22 -44.05
C ASN C 342 -9.33 23.49 -43.35
N GLU C 343 -9.89 23.33 -42.17
CA GLU C 343 -10.30 24.46 -41.35
C GLU C 343 -9.51 24.46 -40.05
N ARG C 344 -8.58 25.40 -39.92
CA ARG C 344 -7.69 25.46 -38.76
C ARG C 344 -7.15 24.06 -38.46
N GLY C 345 -6.77 23.36 -39.51
CA GLY C 345 -6.43 21.95 -39.43
C GLY C 345 -5.15 21.63 -38.69
N THR C 346 -4.16 22.50 -38.75
CA THR C 346 -2.87 22.18 -38.14
C THR C 346 -2.99 22.22 -36.61
N GLN C 347 -2.14 21.43 -35.95
CA GLN C 347 -2.22 21.23 -34.50
C GLN C 347 -3.46 20.43 -34.15
N GLY C 348 -3.77 20.30 -32.88
CA GLY C 348 -4.94 19.53 -32.46
C GLY C 348 -4.82 19.09 -31.02
N VAL C 349 -5.72 18.21 -30.61
CA VAL C 349 -5.70 17.66 -29.26
C VAL C 349 -6.32 16.27 -29.28
N LYS C 350 -5.83 15.37 -28.44
CA LYS C 350 -6.42 14.03 -28.36
C LYS C 350 -7.86 14.14 -27.87
N GLY C 351 -8.75 13.36 -28.48
CA GLY C 351 -10.16 13.37 -28.13
C GLY C 351 -10.85 12.08 -28.51
N TRP C 352 -12.19 12.08 -28.48
CA TRP C 352 -12.94 10.86 -28.71
C TRP C 352 -14.35 11.15 -29.22
N ALA C 353 -14.99 10.10 -29.70
CA ALA C 353 -16.40 10.11 -30.06
C ALA C 353 -16.76 8.67 -30.31
N PHE C 354 -18.04 8.34 -30.28
CA PHE C 354 -18.48 7.00 -30.67
C PHE C 354 -19.85 7.02 -31.32
N ASP C 355 -20.11 6.03 -32.17
CA ASP C 355 -21.35 5.96 -32.91
C ASP C 355 -22.44 5.25 -32.15
N ASN C 356 -23.68 5.68 -32.35
CA ASN C 356 -24.84 4.89 -31.98
C ASN C 356 -25.85 4.96 -33.11
N GLY C 357 -25.84 3.94 -33.97
CA GLY C 357 -26.66 3.96 -35.17
C GLY C 357 -26.21 5.07 -36.08
N ASN C 358 -27.12 5.97 -36.44
CA ASN C 358 -26.79 7.11 -37.27
C ASN C 358 -26.25 8.27 -36.45
N ASP C 359 -26.40 8.19 -35.13
CA ASP C 359 -26.06 9.31 -34.26
C ASP C 359 -24.64 9.22 -33.72
N LEU C 360 -24.16 10.31 -33.13
CA LEU C 360 -22.81 10.38 -32.60
C LEU C 360 -22.80 10.96 -31.19
N TRP C 361 -22.11 10.29 -30.27
CA TRP C 361 -21.81 10.88 -28.98
C TRP C 361 -20.37 11.37 -29.02
N MET C 362 -20.13 12.60 -28.59
CA MET C 362 -18.78 13.15 -28.66
C MET C 362 -18.50 14.16 -27.56
N GLY C 363 -17.22 14.35 -27.28
CA GLY C 363 -16.77 15.41 -26.39
C GLY C 363 -15.81 16.31 -27.14
N ARG C 364 -15.55 17.48 -26.57
CA ARG C 364 -14.58 18.42 -27.12
C ARG C 364 -14.39 19.54 -26.11
N THR C 365 -13.31 20.31 -26.25
CA THR C 365 -13.13 21.49 -25.42
C THR C 365 -14.23 22.49 -25.75
N ILE C 366 -14.60 23.32 -24.78
CA ILE C 366 -15.62 24.34 -25.04
C ILE C 366 -15.05 25.45 -25.92
N SER C 367 -13.83 25.89 -25.59
CA SER C 367 -13.13 26.87 -26.42
C SER C 367 -12.73 26.25 -27.75
N LYS C 368 -12.82 27.03 -28.83
CA LYS C 368 -12.50 26.50 -30.15
C LYS C 368 -11.02 26.63 -30.51
N GLU C 369 -10.27 27.39 -29.73
CA GLU C 369 -8.86 27.60 -30.04
C GLU C 369 -7.92 27.16 -28.92
N SER C 370 -8.44 27.03 -27.71
CA SER C 370 -7.59 26.66 -26.58
C SER C 370 -8.14 25.47 -25.79
N ARG C 371 -7.26 24.80 -25.06
CA ARG C 371 -7.65 23.64 -24.27
C ARG C 371 -8.31 24.07 -22.96
N SER C 372 -9.48 24.67 -23.11
CA SER C 372 -10.25 25.21 -22.00
C SER C 372 -11.69 24.70 -22.06
N GLY C 373 -12.24 24.32 -20.90
CA GLY C 373 -13.58 23.80 -20.82
C GLY C 373 -13.70 22.43 -21.44
N TYR C 374 -14.82 21.76 -21.19
CA TYR C 374 -15.12 20.48 -21.81
C TYR C 374 -16.61 20.20 -21.80
N GLU C 375 -17.13 19.80 -22.96
CA GLU C 375 -18.56 19.54 -23.13
C GLU C 375 -18.77 18.24 -23.89
N THR C 376 -19.87 17.55 -23.60
CA THR C 376 -20.28 16.38 -24.37
C THR C 376 -21.70 16.60 -24.90
N PHE C 377 -22.01 15.97 -26.03
CA PHE C 377 -23.36 16.01 -26.56
C PHE C 377 -23.58 14.92 -27.60
N LYS C 378 -24.84 14.70 -27.95
CA LYS C 378 -25.18 13.79 -29.02
C LYS C 378 -25.49 14.58 -30.28
N VAL C 379 -24.89 14.19 -31.40
CA VAL C 379 -25.22 14.80 -32.67
C VAL C 379 -26.16 13.87 -33.43
N ILE C 380 -27.37 14.36 -33.68
CA ILE C 380 -28.34 13.60 -34.45
C ILE C 380 -27.83 13.47 -35.89
N GLY C 381 -27.67 12.24 -36.35
CA GLY C 381 -27.12 11.97 -37.67
C GLY C 381 -25.63 12.23 -37.73
N GLY C 382 -25.01 12.43 -36.57
CA GLY C 382 -23.60 12.77 -36.50
C GLY C 382 -22.66 11.70 -37.01
N TRP C 383 -23.13 10.47 -37.08
CA TRP C 383 -22.30 9.41 -37.63
C TRP C 383 -22.52 9.19 -39.13
N SER C 384 -23.76 9.33 -39.58
CA SER C 384 -24.14 8.94 -40.94
C SER C 384 -24.37 10.11 -41.91
N THR C 385 -24.70 11.28 -41.36
CA THR C 385 -25.09 12.41 -42.20
C THR C 385 -24.00 13.47 -42.27
N PRO C 386 -23.42 13.67 -43.46
CA PRO C 386 -22.36 14.66 -43.60
C PRO C 386 -22.81 16.04 -43.12
N ASN C 387 -21.97 16.68 -42.31
CA ASN C 387 -22.19 18.06 -41.90
C ASN C 387 -23.36 18.28 -40.94
N SER C 388 -23.88 17.21 -40.35
CA SER C 388 -24.98 17.33 -39.40
C SER C 388 -24.59 18.18 -38.18
N LYS C 389 -25.47 19.10 -37.78
CA LYS C 389 -25.17 20.02 -36.69
C LYS C 389 -26.28 20.13 -35.65
N SER C 390 -27.22 19.21 -35.67
CA SER C 390 -28.28 19.21 -34.67
C SER C 390 -27.84 18.40 -33.45
N GLN C 391 -27.57 19.09 -32.35
CA GLN C 391 -27.17 18.40 -31.14
C GLN C 391 -28.28 18.36 -30.11
N VAL C 392 -28.14 17.46 -29.14
CA VAL C 392 -29.08 17.35 -28.04
C VAL C 392 -28.36 16.68 -26.87
N ASN C 393 -28.93 16.79 -25.67
CA ASN C 393 -28.34 16.14 -24.51
C ASN C 393 -26.94 16.64 -24.18
N ARG C 394 -26.71 17.93 -24.35
CA ARG C 394 -25.43 18.52 -23.98
C ARG C 394 -25.20 18.43 -22.47
N GLN C 395 -23.95 18.24 -22.07
CA GLN C 395 -23.54 18.34 -20.67
C GLN C 395 -22.22 19.08 -20.58
N VAL C 396 -22.15 20.04 -19.67
CA VAL C 396 -20.87 20.65 -19.34
C VAL C 396 -20.14 19.73 -18.38
N ILE C 397 -18.90 19.37 -18.70
CA ILE C 397 -18.09 18.58 -17.79
C ILE C 397 -17.13 19.50 -17.03
N VAL C 398 -16.51 20.42 -17.76
CA VAL C 398 -15.64 21.44 -17.19
C VAL C 398 -16.04 22.77 -17.82
N ASP C 399 -16.40 23.77 -17.00
CA ASP C 399 -16.81 25.04 -17.58
C ASP C 399 -15.64 25.76 -18.25
N ASN C 400 -15.94 26.72 -19.12
CA ASN C 400 -14.92 27.33 -19.97
C ASN C 400 -14.01 28.32 -19.24
N ASN C 401 -14.20 28.46 -17.93
CA ASN C 401 -13.28 29.25 -17.12
C ASN C 401 -12.14 28.40 -16.57
N ASN C 402 -12.13 27.11 -16.92
CA ASN C 402 -11.14 26.18 -16.38
C ASN C 402 -10.42 25.38 -17.46
N TRP C 403 -9.17 25.03 -17.19
CA TRP C 403 -8.35 24.33 -18.17
C TRP C 403 -8.73 22.87 -18.30
N SER C 404 -8.75 22.37 -19.53
CA SER C 404 -8.94 20.94 -19.77
C SER C 404 -7.67 20.39 -20.41
N GLY C 405 -7.82 19.58 -21.44
CA GLY C 405 -6.68 18.97 -22.09
C GLY C 405 -7.09 17.75 -22.88
N TYR C 406 -6.26 16.71 -22.87
CA TYR C 406 -6.57 15.48 -23.57
C TYR C 406 -7.85 14.84 -23.04
N SER C 407 -8.51 14.07 -23.90
CA SER C 407 -9.63 13.23 -23.46
C SER C 407 -9.59 11.94 -24.24
N GLY C 408 -10.18 10.90 -23.68
CA GLY C 408 -10.15 9.60 -24.34
C GLY C 408 -11.24 8.70 -23.85
N ILE C 409 -11.52 7.68 -24.64
CA ILE C 409 -12.60 6.75 -24.32
C ILE C 409 -12.05 5.52 -23.66
N PHE C 410 -12.87 4.87 -22.83
CA PHE C 410 -12.59 3.51 -22.39
C PHE C 410 -13.91 2.76 -22.27
N SER C 411 -13.85 1.44 -22.42
CA SER C 411 -15.08 0.64 -22.44
C SER C 411 -15.13 -0.32 -21.26
N VAL C 412 -16.32 -0.44 -20.68
CA VAL C 412 -16.51 -1.28 -19.49
C VAL C 412 -17.63 -2.27 -19.74
N GLU C 413 -17.35 -3.55 -19.52
CA GLU C 413 -18.35 -4.58 -19.77
C GLU C 413 -19.36 -4.69 -18.63
N GLY C 414 -20.63 -4.55 -18.97
CA GLY C 414 -21.70 -4.71 -18.00
C GLY C 414 -22.32 -6.08 -18.14
N LYS C 415 -23.37 -6.33 -17.38
CA LYS C 415 -24.05 -7.62 -17.39
C LYS C 415 -24.55 -7.99 -18.78
N SER C 416 -25.17 -7.03 -19.48
CA SER C 416 -25.79 -7.31 -20.76
C SER C 416 -25.33 -6.40 -21.89
N CYS C 417 -24.55 -5.36 -21.56
CA CYS C 417 -24.08 -4.44 -22.59
C CYS C 417 -22.70 -3.87 -22.28
N ILE C 418 -22.05 -3.36 -23.32
CA ILE C 418 -20.75 -2.71 -23.18
C ILE C 418 -20.99 -1.20 -23.05
N ASN C 419 -20.55 -0.63 -21.94
CA ASN C 419 -20.75 0.79 -21.68
C ASN C 419 -19.55 1.60 -22.16
N ARG C 420 -19.78 2.86 -22.55
CA ARG C 420 -18.68 3.73 -22.95
C ARG C 420 -18.44 4.78 -21.88
N CYS C 421 -17.18 4.96 -21.51
CA CYS C 421 -16.78 5.96 -20.53
C CYS C 421 -15.71 6.86 -21.14
N PHE C 422 -15.44 7.99 -20.50
CA PHE C 422 -14.34 8.85 -20.94
C PHE C 422 -13.68 9.57 -19.77
N TYR C 423 -12.42 9.96 -19.94
CA TYR C 423 -11.72 10.74 -18.95
C TYR C 423 -11.37 12.08 -19.58
N VAL C 424 -11.14 13.08 -18.73
CA VAL C 424 -10.64 14.36 -19.21
C VAL C 424 -9.39 14.76 -18.42
N GLU C 425 -8.32 15.06 -19.15
CA GLU C 425 -7.08 15.55 -18.57
C GLU C 425 -7.24 17.03 -18.26
N LEU C 426 -6.92 17.41 -17.02
CA LEU C 426 -7.05 18.80 -16.60
C LEU C 426 -5.67 19.38 -16.36
N ILE C 427 -5.13 20.04 -17.38
CA ILE C 427 -3.75 20.51 -17.35
C ILE C 427 -3.62 21.80 -16.56
N ARG C 428 -2.64 21.83 -15.66
CA ARG C 428 -2.32 23.04 -14.90
C ARG C 428 -0.85 23.40 -15.08
N GLY C 429 -0.53 24.67 -14.89
CA GLY C 429 0.85 25.13 -15.04
C GLY C 429 1.11 25.67 -16.43
N ARG C 430 2.35 25.51 -16.88
CA ARG C 430 2.73 26.08 -18.19
C ARG C 430 2.21 25.24 -19.35
N PRO C 431 1.99 25.88 -20.52
CA PRO C 431 2.31 27.28 -20.83
C PRO C 431 1.27 28.31 -20.36
N GLN C 432 0.06 27.87 -20.00
CA GLN C 432 -1.02 28.81 -19.74
C GLN C 432 -0.87 29.57 -18.42
N GLU C 433 -0.31 28.92 -17.42
CA GLU C 433 -0.20 29.49 -16.09
C GLU C 433 1.26 29.61 -15.67
N THR C 434 1.82 30.81 -15.79
CA THR C 434 3.25 30.99 -15.69
C THR C 434 3.76 31.36 -14.29
N ARG C 435 2.87 31.48 -13.32
CA ARG C 435 3.31 31.68 -11.94
C ARG C 435 4.18 30.51 -11.51
N VAL C 436 3.82 29.31 -11.95
CA VAL C 436 4.59 28.10 -11.66
C VAL C 436 5.46 27.73 -12.85
N TRP C 437 6.49 26.93 -12.62
CA TRP C 437 7.41 26.56 -13.70
C TRP C 437 7.20 25.12 -14.19
N TRP C 438 6.23 24.43 -13.59
CA TRP C 438 5.93 23.06 -13.96
C TRP C 438 4.69 22.94 -14.83
N THR C 439 4.49 21.74 -15.38
CA THR C 439 3.28 21.39 -16.10
C THR C 439 2.83 20.03 -15.58
N SER C 440 1.58 19.93 -15.16
CA SER C 440 1.06 18.66 -14.66
C SER C 440 -0.44 18.59 -14.94
N ASN C 441 -1.11 17.59 -14.39
CA ASN C 441 -2.55 17.46 -14.60
C ASN C 441 -3.25 16.66 -13.52
N SER C 442 -4.56 16.86 -13.41
CA SER C 442 -5.42 15.94 -12.67
C SER C 442 -6.40 15.36 -13.67
N ILE C 443 -7.32 14.52 -13.19
CA ILE C 443 -8.33 13.95 -14.09
C ILE C 443 -9.73 13.98 -13.51
N VAL C 444 -10.72 13.95 -14.39
CA VAL C 444 -12.10 13.72 -14.01
C VAL C 444 -12.63 12.69 -15.00
N VAL C 445 -13.54 11.83 -14.56
CA VAL C 445 -13.96 10.69 -15.35
C VAL C 445 -15.47 10.51 -15.26
N PHE C 446 -16.11 10.30 -16.42
CA PHE C 446 -17.56 10.08 -16.50
C PHE C 446 -17.85 8.78 -17.24
N CYS C 447 -18.97 8.14 -16.92
CA CYS C 447 -19.39 6.94 -17.62
C CYS C 447 -20.80 7.08 -18.19
N GLY C 448 -21.04 6.41 -19.31
CA GLY C 448 -22.36 6.40 -19.92
C GLY C 448 -23.40 5.93 -18.91
N THR C 449 -24.60 6.48 -19.02
CA THR C 449 -25.70 6.06 -18.16
C THR C 449 -26.99 5.96 -18.98
N SER C 450 -27.87 5.05 -18.59
CA SER C 450 -29.19 4.97 -19.20
C SER C 450 -30.22 5.64 -18.29
N GLY C 451 -29.74 6.16 -17.16
CA GLY C 451 -30.60 6.83 -16.21
C GLY C 451 -30.71 8.32 -16.49
N THR C 452 -30.89 9.11 -15.42
CA THR C 452 -30.98 10.56 -15.56
C THR C 452 -29.91 11.26 -14.74
N TYR C 453 -29.81 12.57 -14.89
CA TYR C 453 -28.71 13.33 -14.31
C TYR C 453 -29.01 14.82 -14.34
N GLY C 454 -28.18 15.60 -13.66
CA GLY C 454 -28.35 17.04 -13.59
C GLY C 454 -27.24 17.80 -14.29
N THR C 455 -26.74 18.83 -13.63
CA THR C 455 -25.68 19.66 -14.19
C THR C 455 -24.60 19.95 -13.15
N GLY C 456 -23.43 20.35 -13.64
CA GLY C 456 -22.36 20.80 -12.77
C GLY C 456 -21.12 21.16 -13.55
N SER C 457 -20.01 21.31 -12.83
CA SER C 457 -18.70 21.54 -13.43
C SER C 457 -17.67 20.96 -12.48
N TRP C 458 -16.74 20.17 -13.01
CA TRP C 458 -15.77 19.48 -12.17
C TRP C 458 -14.35 19.75 -12.67
N PRO C 459 -13.85 20.96 -12.46
CA PRO C 459 -12.53 21.36 -12.95
C PRO C 459 -11.43 20.86 -12.02
N ASP C 460 -10.18 21.15 -12.34
CA ASP C 460 -9.07 20.71 -11.52
C ASP C 460 -9.23 21.15 -10.07
N GLY C 461 -9.53 22.43 -9.88
CA GLY C 461 -9.83 22.96 -8.55
C GLY C 461 -8.67 23.54 -7.76
N ALA C 462 -7.45 23.38 -8.24
CA ALA C 462 -6.31 23.97 -7.55
C ALA C 462 -6.26 25.48 -7.72
N ASN C 463 -5.80 26.17 -6.68
CA ASN C 463 -5.55 27.60 -6.76
C ASN C 463 -4.10 27.79 -7.14
N ILE C 464 -3.85 28.29 -8.34
CA ILE C 464 -2.48 28.43 -8.83
C ILE C 464 -1.62 29.23 -7.85
N ASN C 465 -2.25 30.15 -7.12
CA ASN C 465 -1.53 30.99 -6.17
C ASN C 465 -1.11 30.24 -4.91
N PHE C 466 -1.73 29.10 -4.66
CA PHE C 466 -1.42 28.28 -3.48
C PHE C 466 -0.33 27.25 -3.80
N MET C 467 0.10 27.17 -5.04
CA MET C 467 1.01 26.10 -5.47
C MET C 467 2.49 26.44 -5.26
N PRO C 468 3.29 25.43 -4.88
CA PRO C 468 4.74 25.55 -4.99
C PRO C 468 5.04 25.87 -6.45
N ILE C 469 6.01 26.73 -6.71
CA ILE C 469 6.30 27.12 -8.08
C ILE C 469 7.30 26.17 -8.74
N VAL D 82 -19.63 -17.07 -3.27
CA VAL D 82 -20.11 -15.98 -2.44
C VAL D 82 -21.61 -15.76 -2.62
N GLU D 83 -22.34 -15.70 -1.52
CA GLU D 83 -23.79 -15.60 -1.54
C GLU D 83 -24.25 -14.22 -1.07
N TYR D 84 -25.45 -13.82 -1.47
CA TYR D 84 -26.01 -12.55 -0.99
C TYR D 84 -26.23 -12.61 0.53
N ARG D 85 -26.03 -11.47 1.19
CA ARG D 85 -26.38 -11.33 2.59
C ARG D 85 -27.89 -11.27 2.77
N ASN D 86 -28.40 -11.95 3.80
CA ASN D 86 -29.82 -11.87 4.15
C ASN D 86 -30.01 -11.27 5.54
N TRP D 87 -28.96 -11.26 6.35
CA TRP D 87 -29.03 -10.74 7.71
C TRP D 87 -30.11 -11.45 8.51
N SER D 88 -30.35 -12.72 8.21
CA SER D 88 -31.44 -13.47 8.84
C SER D 88 -30.97 -14.18 10.11
N LYS D 89 -30.44 -13.40 11.04
CA LYS D 89 -30.11 -13.88 12.37
C LYS D 89 -30.70 -12.89 13.36
N PRO D 90 -30.97 -13.35 14.59
CA PRO D 90 -31.53 -12.42 15.58
C PRO D 90 -30.51 -11.34 15.94
N GLN D 91 -30.98 -10.21 16.44
CA GLN D 91 -30.10 -9.15 16.90
C GLN D 91 -29.35 -9.61 18.16
N CYS D 92 -28.05 -9.36 18.20
CA CYS D 92 -27.26 -9.69 19.39
C CYS D 92 -27.81 -8.97 20.60
N GLN D 93 -27.97 -9.69 21.71
CA GLN D 93 -28.39 -9.07 22.95
C GLN D 93 -27.18 -8.44 23.61
N ILE D 94 -27.19 -7.12 23.75
CA ILE D 94 -26.02 -6.41 24.26
C ILE D 94 -26.24 -5.80 25.64
N THR D 95 -25.13 -5.53 26.32
CA THR D 95 -25.14 -4.94 27.66
C THR D 95 -24.61 -3.52 27.58
N GLY D 96 -24.23 -3.11 26.37
CA GLY D 96 -23.58 -1.84 26.16
C GLY D 96 -22.60 -1.98 25.00
N PHE D 97 -21.58 -1.12 24.96
CA PHE D 97 -20.65 -1.10 23.85
C PHE D 97 -19.19 -1.12 24.30
N ALA D 98 -18.34 -1.73 23.48
CA ALA D 98 -16.91 -1.78 23.77
C ALA D 98 -16.11 -1.12 22.64
N PRO D 99 -14.95 -0.55 23.00
CA PRO D 99 -14.06 0.13 22.03
C PRO D 99 -13.72 -0.78 20.85
N PHE D 100 -13.77 -0.22 19.64
CA PHE D 100 -13.51 -1.00 18.43
C PHE D 100 -12.41 -0.38 17.56
N SER D 101 -12.46 0.93 17.35
CA SER D 101 -11.48 1.59 16.47
C SER D 101 -11.37 3.10 16.71
N LYS D 102 -10.24 3.68 16.31
CA LYS D 102 -10.01 5.12 16.40
C LYS D 102 -8.88 5.45 15.41
N ASP D 103 -9.01 6.55 14.67
CA ASP D 103 -8.01 6.83 13.63
C ASP D 103 -7.04 7.99 13.90
N ASN D 104 -7.35 8.84 14.88
CA ASN D 104 -6.44 9.91 15.27
C ASN D 104 -6.07 10.84 14.11
N SER D 105 -7.01 11.04 13.20
CA SER D 105 -6.75 11.74 11.95
C SER D 105 -6.13 13.12 12.14
N ILE D 106 -6.67 13.90 13.07
CA ILE D 106 -6.25 15.29 13.23
C ILE D 106 -4.88 15.39 13.90
N ARG D 107 -4.65 14.57 14.92
CA ARG D 107 -3.32 14.52 15.53
C ARG D 107 -2.25 14.21 14.48
N LEU D 108 -2.54 13.25 13.59
CA LEU D 108 -1.58 12.87 12.56
C LEU D 108 -1.41 13.98 11.52
N SER D 109 -2.47 14.74 11.27
CA SER D 109 -2.46 15.80 10.27
C SER D 109 -1.44 16.89 10.59
N ALA D 110 -1.02 16.96 11.85
CA ALA D 110 -0.04 17.94 12.28
C ALA D 110 1.39 17.50 11.97
N GLY D 111 1.53 16.27 11.49
CA GLY D 111 2.83 15.73 11.15
C GLY D 111 2.72 14.65 10.09
N GLY D 112 2.17 15.01 8.95
CA GLY D 112 1.92 14.05 7.89
C GLY D 112 0.83 14.56 6.97
N ASP D 113 0.76 14.00 5.77
CA ASP D 113 -0.20 14.46 4.77
C ASP D 113 -1.49 13.63 4.87
N ILE D 114 -2.52 14.24 5.43
CA ILE D 114 -3.77 13.54 5.74
C ILE D 114 -4.94 14.31 5.14
N TRP D 115 -5.85 13.59 4.50
CA TRP D 115 -7.03 14.19 3.87
C TRP D 115 -7.87 15.01 4.85
N VAL D 116 -8.36 16.14 4.37
CA VAL D 116 -9.42 16.87 5.08
C VAL D 116 -10.75 16.19 4.75
N THR D 117 -11.54 15.90 5.78
CA THR D 117 -12.79 15.16 5.58
C THR D 117 -13.92 15.72 6.44
N ARG D 118 -15.12 15.20 6.20
CA ARG D 118 -16.25 15.27 7.12
C ARG D 118 -17.26 14.23 6.68
N GLU D 119 -18.34 14.08 7.44
CA GLU D 119 -19.36 13.07 7.13
C GLU D 119 -18.80 11.65 6.93
N PRO D 120 -18.04 11.15 7.92
CA PRO D 120 -17.50 9.79 7.81
C PRO D 120 -18.55 8.74 8.17
N TYR D 121 -18.26 7.50 7.82
CA TYR D 121 -19.03 6.38 8.33
C TYR D 121 -18.26 5.08 8.21
N VAL D 122 -18.86 3.98 8.66
CA VAL D 122 -18.22 2.68 8.58
C VAL D 122 -19.18 1.66 7.99
N SER D 123 -18.63 0.75 7.19
CA SER D 123 -19.40 -0.35 6.65
C SER D 123 -18.46 -1.51 6.40
N CYS D 124 -18.95 -2.73 6.59
CA CYS D 124 -18.09 -3.90 6.48
C CYS D 124 -18.58 -4.88 5.43
N ASP D 125 -17.66 -5.46 4.68
CA ASP D 125 -17.98 -6.62 3.86
C ASP D 125 -18.01 -7.84 4.79
N PRO D 126 -18.34 -9.04 4.26
CA PRO D 126 -18.48 -10.19 5.16
C PRO D 126 -17.22 -10.52 5.94
N GLY D 127 -16.06 -10.04 5.47
CA GLY D 127 -14.79 -10.32 6.11
C GLY D 127 -14.27 -9.22 7.02
N LYS D 128 -14.26 -7.98 6.53
CA LYS D 128 -13.70 -6.89 7.32
C LYS D 128 -14.35 -5.52 7.09
N CYS D 129 -14.02 -4.59 7.98
CA CYS D 129 -14.66 -3.29 8.00
C CYS D 129 -13.83 -2.20 7.33
N TYR D 130 -14.53 -1.21 6.77
CA TYR D 130 -13.90 -0.08 6.09
C TYR D 130 -14.39 1.22 6.68
N GLN D 131 -13.51 2.22 6.73
CA GLN D 131 -13.96 3.56 7.08
C GLN D 131 -14.08 4.42 5.83
N PHE D 132 -15.17 5.17 5.76
CA PHE D 132 -15.48 6.03 4.63
C PHE D 132 -15.54 7.47 5.12
N ALA D 133 -15.32 8.42 4.21
CA ALA D 133 -15.60 9.83 4.51
C ALA D 133 -15.64 10.64 3.23
N LEU D 134 -16.22 11.83 3.31
CA LEU D 134 -16.19 12.75 2.18
C LEU D 134 -14.95 13.62 2.27
N GLY D 135 -14.01 13.42 1.35
CA GLY D 135 -12.83 14.26 1.30
C GLY D 135 -13.21 15.67 0.87
N GLN D 136 -12.31 16.61 1.08
CA GLN D 136 -12.50 17.97 0.59
C GLN D 136 -11.52 18.30 -0.53
N GLY D 137 -11.03 17.26 -1.20
CA GLY D 137 -10.12 17.44 -2.32
C GLY D 137 -8.78 18.03 -1.92
N THR D 138 -8.41 17.85 -0.65
CA THR D 138 -7.18 18.44 -0.14
C THR D 138 -6.73 17.76 1.15
N THR D 139 -5.44 17.88 1.44
CA THR D 139 -4.92 17.49 2.74
C THR D 139 -5.06 18.69 3.68
N LEU D 140 -4.76 18.48 4.96
CA LEU D 140 -4.97 19.50 5.98
C LEU D 140 -3.84 20.54 5.97
N ASP D 141 -2.60 20.06 5.96
CA ASP D 141 -1.44 20.95 5.90
C ASP D 141 -1.22 21.32 4.44
N ASN D 142 -2.03 22.26 3.96
CA ASN D 142 -2.21 22.51 2.54
C ASN D 142 -3.07 23.76 2.47
N LYS D 143 -2.65 24.77 1.72
CA LYS D 143 -3.42 26.01 1.65
C LYS D 143 -4.85 25.81 1.17
N HIS D 144 -5.10 24.71 0.48
CA HIS D 144 -6.45 24.43 0.00
C HIS D 144 -7.40 24.00 1.12
N SER D 145 -6.86 23.81 2.32
CA SER D 145 -7.70 23.43 3.46
C SER D 145 -8.52 24.63 3.95
N ASN D 146 -8.09 25.82 3.56
CA ASN D 146 -8.78 27.05 3.92
C ASN D 146 -10.24 27.02 3.45
N ASP D 147 -11.15 27.35 4.35
CA ASP D 147 -12.58 27.47 4.04
C ASP D 147 -13.27 26.15 3.69
N THR D 148 -12.75 25.05 4.23
CA THR D 148 -13.38 23.74 4.01
C THR D 148 -14.58 23.49 4.94
N VAL D 149 -15.03 24.53 5.62
CA VAL D 149 -16.25 24.39 6.42
C VAL D 149 -17.45 24.17 5.50
N HIS D 150 -17.33 24.63 4.25
CA HIS D 150 -18.44 24.51 3.30
C HIS D 150 -18.77 23.06 2.93
N ASP D 151 -20.06 22.79 2.74
CA ASP D 151 -20.55 21.42 2.57
C ASP D 151 -20.37 20.82 1.18
N ARG D 152 -20.45 21.64 0.15
CA ARG D 152 -20.51 21.12 -1.21
C ARG D 152 -19.60 21.85 -2.19
N ILE D 153 -18.57 21.15 -2.65
CA ILE D 153 -17.75 21.60 -3.77
C ILE D 153 -17.53 20.42 -4.73
N PRO D 154 -17.15 20.70 -5.98
CA PRO D 154 -17.03 19.62 -6.98
C PRO D 154 -15.87 18.67 -6.68
N HIS D 155 -14.99 19.06 -5.77
CA HIS D 155 -13.77 18.31 -5.49
C HIS D 155 -13.90 17.29 -4.35
N ARG D 156 -15.07 17.27 -3.72
CA ARG D 156 -15.34 16.28 -2.70
C ARG D 156 -15.52 14.92 -3.35
N THR D 157 -14.85 13.91 -2.80
CA THR D 157 -14.93 12.55 -3.30
C THR D 157 -15.06 11.61 -2.12
N LEU D 158 -15.65 10.44 -2.34
CA LEU D 158 -15.81 9.46 -1.28
C LEU D 158 -14.52 8.66 -1.10
N LEU D 159 -13.97 8.71 0.11
CA LEU D 159 -12.74 7.99 0.44
C LEU D 159 -13.07 6.65 1.12
N MET D 160 -12.24 5.65 0.90
CA MET D 160 -12.48 4.31 1.45
C MET D 160 -11.18 3.59 1.78
N ASN D 161 -10.98 3.33 3.08
CA ASN D 161 -9.84 2.59 3.60
C ASN D 161 -10.31 1.49 4.52
N GLU D 162 -9.45 0.50 4.79
CA GLU D 162 -9.76 -0.44 5.85
C GLU D 162 -9.90 0.35 7.15
N LEU D 163 -10.81 -0.09 8.01
CA LEU D 163 -11.03 0.61 9.27
C LEU D 163 -9.74 0.68 10.09
N GLY D 164 -9.39 1.88 10.54
CA GLY D 164 -8.17 2.05 11.31
C GLY D 164 -7.00 2.57 10.48
N VAL D 165 -7.15 2.54 9.16
CA VAL D 165 -6.13 3.13 8.28
C VAL D 165 -6.53 4.58 8.03
N PRO D 166 -5.72 5.53 8.51
CA PRO D 166 -6.09 6.95 8.38
C PRO D 166 -6.08 7.34 6.91
N PHE D 167 -6.75 8.42 6.55
CA PHE D 167 -6.82 8.82 5.15
C PHE D 167 -5.53 9.49 4.67
N HIS D 168 -4.56 8.64 4.34
CA HIS D 168 -3.27 9.08 3.81
C HIS D 168 -3.38 9.24 2.30
N LEU D 169 -2.29 9.66 1.67
CA LEU D 169 -2.32 9.97 0.23
C LEU D 169 -2.52 8.75 -0.66
N GLY D 170 -2.40 7.56 -0.11
CA GLY D 170 -2.65 6.34 -0.86
C GLY D 170 -4.09 5.90 -0.86
N THR D 171 -4.93 6.70 -0.19
CA THR D 171 -6.37 6.42 -0.07
C THR D 171 -7.05 6.50 -1.43
N ARG D 172 -7.92 5.52 -1.71
CA ARG D 172 -8.66 5.51 -2.96
C ARG D 172 -9.91 6.40 -2.88
N GLN D 173 -10.06 7.26 -3.87
CA GLN D 173 -11.26 8.07 -4.03
C GLN D 173 -12.24 7.30 -4.90
N VAL D 174 -13.25 6.74 -4.23
CA VAL D 174 -14.16 5.78 -4.82
C VAL D 174 -15.13 6.39 -5.84
N CYS D 175 -15.46 7.66 -5.66
CA CYS D 175 -16.37 8.34 -6.58
C CYS D 175 -16.42 9.81 -6.22
N ILE D 176 -17.07 10.61 -7.06
CA ILE D 176 -17.27 12.02 -6.77
C ILE D 176 -18.54 12.17 -5.94
N ALA D 177 -18.43 12.84 -4.78
CA ALA D 177 -19.56 12.92 -3.87
C ALA D 177 -19.43 13.99 -2.79
N TRP D 178 -20.45 14.83 -2.66
CA TRP D 178 -20.59 15.64 -1.45
C TRP D 178 -21.72 15.12 -0.56
N SER D 179 -22.27 13.97 -0.93
CA SER D 179 -23.22 13.24 -0.11
C SER D 179 -23.16 11.79 -0.61
N SER D 180 -23.20 10.82 0.31
CA SER D 180 -23.03 9.43 -0.11
C SER D 180 -23.63 8.39 0.82
N SER D 181 -23.66 7.15 0.32
CA SER D 181 -24.03 5.99 1.09
C SER D 181 -23.36 4.78 0.43
N SER D 182 -22.90 3.82 1.23
CA SER D 182 -22.26 2.63 0.70
C SER D 182 -22.69 1.37 1.45
N CYS D 183 -22.71 0.25 0.75
CA CYS D 183 -23.05 -1.03 1.37
C CYS D 183 -22.63 -2.21 0.49
N HIS D 184 -22.43 -3.34 1.13
CA HIS D 184 -21.99 -4.56 0.45
C HIS D 184 -23.13 -5.59 0.54
N ASP D 185 -23.52 -6.18 -0.59
CA ASP D 185 -24.67 -7.08 -0.61
C ASP D 185 -24.29 -8.54 -0.39
N GLY D 186 -23.02 -8.79 -0.13
CA GLY D 186 -22.52 -10.14 0.08
C GLY D 186 -21.59 -10.54 -1.05
N LYS D 187 -21.78 -9.90 -2.19
CA LYS D 187 -20.97 -10.19 -3.38
C LYS D 187 -20.08 -9.02 -3.77
N ALA D 188 -20.63 -7.81 -3.71
CA ALA D 188 -19.88 -6.63 -4.11
C ALA D 188 -20.35 -5.33 -3.43
N TRP D 189 -19.57 -4.28 -3.61
CA TRP D 189 -19.87 -2.97 -3.03
C TRP D 189 -20.79 -2.13 -3.90
N LEU D 190 -21.77 -1.50 -3.26
CA LEU D 190 -22.60 -0.48 -3.88
C LEU D 190 -22.20 0.87 -3.31
N HIS D 191 -22.01 1.86 -4.18
CA HIS D 191 -21.77 3.22 -3.73
C HIS D 191 -22.79 4.16 -4.35
N VAL D 192 -23.47 4.92 -3.51
CA VAL D 192 -24.39 5.96 -3.96
C VAL D 192 -23.70 7.30 -3.79
N CYS D 193 -23.38 7.96 -4.89
CA CYS D 193 -22.56 9.17 -4.86
C CYS D 193 -23.25 10.38 -5.50
N ILE D 194 -23.43 11.44 -4.72
CA ILE D 194 -24.15 12.63 -5.21
C ILE D 194 -23.21 13.83 -5.33
N THR D 195 -23.20 14.46 -6.51
CA THR D 195 -22.37 15.64 -6.74
C THR D 195 -23.03 16.58 -7.74
N GLY D 196 -22.44 17.75 -7.96
CA GLY D 196 -22.97 18.70 -8.93
C GLY D 196 -23.70 19.88 -8.31
N ASP D 197 -24.40 20.64 -9.15
CA ASP D 197 -25.11 21.86 -8.72
C ASP D 197 -26.17 21.57 -7.66
N ASP D 198 -26.29 22.49 -6.70
CA ASP D 198 -27.32 22.39 -5.66
C ASP D 198 -28.70 22.14 -6.25
N LYS D 199 -29.03 22.87 -7.30
CA LYS D 199 -30.37 22.83 -7.88
C LYS D 199 -30.58 21.76 -8.94
N ASN D 200 -29.55 21.00 -9.24
CA ASN D 200 -29.64 20.02 -10.32
C ASN D 200 -28.58 18.95 -10.16
N ALA D 201 -28.57 18.28 -9.01
CA ALA D 201 -27.53 17.31 -8.69
C ALA D 201 -27.71 15.97 -9.40
N THR D 202 -26.64 15.18 -9.41
CA THR D 202 -26.67 13.84 -9.98
C THR D 202 -26.26 12.81 -8.94
N ALA D 203 -27.06 11.77 -8.80
CA ALA D 203 -26.68 10.62 -7.98
C ALA D 203 -26.20 9.49 -8.90
N SER D 204 -24.97 9.06 -8.70
CA SER D 204 -24.42 7.93 -9.45
C SER D 204 -24.48 6.67 -8.61
N PHE D 205 -24.81 5.55 -9.25
CA PHE D 205 -24.85 4.28 -8.55
C PHE D 205 -23.78 3.35 -9.13
N ILE D 206 -22.79 3.05 -8.31
CA ILE D 206 -21.64 2.29 -8.76
C ILE D 206 -21.62 0.94 -8.04
N TYR D 207 -21.59 -0.13 -8.81
CA TYR D 207 -21.66 -1.47 -8.23
C TYR D 207 -20.57 -2.36 -8.80
N ASP D 208 -19.84 -3.04 -7.93
CA ASP D 208 -18.78 -3.94 -8.36
C ASP D 208 -17.82 -3.20 -9.29
N GLY D 209 -17.53 -1.95 -8.96
CA GLY D 209 -16.51 -1.18 -9.65
C GLY D 209 -16.92 -0.57 -10.97
N ARG D 210 -18.22 -0.52 -11.24
CA ARG D 210 -18.67 0.10 -12.48
C ARG D 210 -19.98 0.86 -12.31
N LEU D 211 -20.14 1.93 -13.09
CA LEU D 211 -21.35 2.75 -13.03
C LEU D 211 -22.50 1.99 -13.68
N VAL D 212 -23.57 1.78 -12.92
CA VAL D 212 -24.69 0.99 -13.41
C VAL D 212 -25.95 1.83 -13.64
N ASP D 213 -26.12 2.88 -12.85
CA ASP D 213 -27.31 3.70 -12.95
C ASP D 213 -27.04 5.12 -12.45
N SER D 214 -27.98 6.02 -12.72
CA SER D 214 -27.92 7.37 -12.17
C SER D 214 -29.32 8.00 -12.17
N ILE D 215 -29.53 8.94 -11.26
CA ILE D 215 -30.79 9.69 -11.25
C ILE D 215 -30.51 11.15 -10.96
N GLY D 216 -31.30 12.03 -11.57
CA GLY D 216 -31.17 13.46 -11.35
C GLY D 216 -32.09 13.95 -10.24
N SER D 217 -31.79 15.14 -9.73
CA SER D 217 -32.57 15.80 -8.69
C SER D 217 -34.05 15.86 -9.08
N TRP D 218 -34.95 15.51 -8.15
CA TRP D 218 -36.38 15.56 -8.43
C TRP D 218 -37.09 16.78 -7.86
N SER D 219 -36.41 17.51 -6.98
CA SER D 219 -36.99 18.72 -6.38
C SER D 219 -36.10 19.94 -6.55
N GLN D 220 -34.99 19.77 -7.26
CA GLN D 220 -34.10 20.88 -7.58
C GLN D 220 -33.63 21.64 -6.33
N ASN D 221 -33.38 20.91 -5.24
CA ASN D 221 -32.94 21.55 -4.01
C ASN D 221 -32.07 20.64 -3.15
N ILE D 222 -30.85 20.42 -3.61
CA ILE D 222 -29.84 19.64 -2.88
C ILE D 222 -30.27 18.19 -2.60
N LEU D 223 -30.35 17.40 -3.65
CA LEU D 223 -30.53 15.97 -3.53
C LEU D 223 -29.46 15.45 -2.56
N ARG D 224 -29.87 14.67 -1.56
CA ARG D 224 -28.94 14.24 -0.52
C ARG D 224 -29.33 12.89 0.06
N THR D 225 -28.37 12.21 0.68
CA THR D 225 -28.64 10.87 1.21
C THR D 225 -28.06 10.62 2.63
N GLN D 226 -27.83 9.36 2.96
CA GLN D 226 -27.64 8.95 4.36
C GLN D 226 -26.36 9.41 5.09
N GLU D 227 -25.24 9.49 4.37
CA GLU D 227 -23.93 9.68 4.98
C GLU D 227 -23.59 8.54 5.95
N SER D 228 -24.20 7.39 5.74
CA SER D 228 -23.81 6.16 6.42
C SER D 228 -24.26 4.97 5.58
N GLU D 229 -24.02 3.76 6.07
CA GLU D 229 -24.22 2.57 5.23
C GLU D 229 -25.67 2.33 4.81
N CYS D 230 -25.83 1.90 3.55
CA CYS D 230 -27.12 1.39 3.10
C CYS D 230 -27.23 -0.07 3.53
N VAL D 231 -28.34 -0.72 3.20
CA VAL D 231 -28.57 -2.08 3.68
C VAL D 231 -29.12 -2.95 2.56
N CYS D 232 -28.56 -4.14 2.42
CA CYS D 232 -28.95 -5.07 1.36
C CYS D 232 -29.48 -6.36 1.95
N ILE D 233 -30.59 -6.85 1.40
CA ILE D 233 -31.11 -8.16 1.74
C ILE D 233 -31.42 -8.94 0.47
N ASN D 234 -30.88 -10.14 0.37
CA ASN D 234 -31.16 -11.04 -0.75
C ASN D 234 -30.87 -10.41 -2.11
N GLY D 235 -29.86 -9.55 -2.17
CA GLY D 235 -29.46 -8.96 -3.43
C GLY D 235 -30.10 -7.61 -3.73
N THR D 236 -31.01 -7.19 -2.87
CA THR D 236 -31.64 -5.88 -3.03
C THR D 236 -31.16 -4.92 -1.94
N CYS D 237 -30.52 -3.83 -2.35
CA CYS D 237 -30.06 -2.81 -1.41
C CYS D 237 -31.03 -1.65 -1.38
N THR D 238 -31.28 -1.11 -0.20
CA THR D 238 -32.17 0.04 -0.07
C THR D 238 -31.42 1.25 0.48
N VAL D 239 -31.84 2.45 0.06
CA VAL D 239 -31.22 3.67 0.53
C VAL D 239 -32.25 4.79 0.57
N VAL D 240 -32.13 5.69 1.54
CA VAL D 240 -33.09 6.77 1.72
C VAL D 240 -32.49 8.08 1.21
N MET D 241 -33.24 8.77 0.34
CA MET D 241 -32.76 10.01 -0.25
C MET D 241 -33.80 11.12 -0.12
N THR D 242 -33.33 12.34 0.04
CA THR D 242 -34.21 13.49 0.17
C THR D 242 -33.82 14.62 -0.79
N ASP D 243 -34.81 15.34 -1.28
CA ASP D 243 -34.59 16.48 -2.17
C ASP D 243 -35.62 17.52 -1.78
N GLY D 244 -35.19 18.76 -1.58
CA GLY D 244 -36.11 19.81 -1.18
C GLY D 244 -35.67 20.57 0.06
N SER D 245 -36.60 21.31 0.66
CA SER D 245 -36.28 22.24 1.75
C SER D 245 -35.56 21.58 2.92
N ALA D 246 -34.62 22.32 3.50
CA ALA D 246 -33.95 21.88 4.72
C ALA D 246 -34.72 22.35 5.95
N SER D 247 -35.73 23.19 5.72
CA SER D 247 -36.48 23.80 6.82
C SER D 247 -37.98 23.78 6.58
N GLY D 248 -38.46 22.74 5.92
CA GLY D 248 -39.87 22.61 5.59
C GLY D 248 -40.13 21.31 4.89
N ARG D 249 -41.38 21.06 4.51
CA ARG D 249 -41.72 19.81 3.82
C ARG D 249 -40.81 19.57 2.61
N ALA D 250 -40.25 18.37 2.54
CA ALA D 250 -39.36 18.00 1.46
C ALA D 250 -39.86 16.73 0.77
N ASP D 251 -39.12 16.27 -0.24
CA ASP D 251 -39.53 15.11 -1.01
C ASP D 251 -38.58 13.95 -0.75
N THR D 252 -38.97 13.06 0.14
CA THR D 252 -38.12 11.92 0.50
C THR D 252 -38.55 10.66 -0.24
N ARG D 253 -37.57 9.92 -0.76
CA ARG D 253 -37.86 8.71 -1.51
C ARG D 253 -36.93 7.57 -1.08
N ILE D 254 -37.44 6.35 -1.16
CA ILE D 254 -36.67 5.17 -0.78
C ILE D 254 -36.39 4.35 -2.03
N LEU D 255 -35.11 4.17 -2.35
CA LEU D 255 -34.73 3.43 -3.56
C LEU D 255 -34.43 1.97 -3.27
N PHE D 256 -34.77 1.12 -4.23
CA PHE D 256 -34.42 -0.29 -4.15
C PHE D 256 -33.53 -0.61 -5.34
N ILE D 257 -32.35 -1.17 -5.06
CA ILE D 257 -31.29 -1.27 -6.05
C ILE D 257 -30.72 -2.68 -6.13
N GLU D 258 -30.71 -3.24 -7.34
CA GLU D 258 -30.20 -4.59 -7.54
C GLU D 258 -28.99 -4.58 -8.46
N GLU D 259 -27.84 -4.94 -7.91
CA GLU D 259 -26.58 -4.89 -8.64
C GLU D 259 -26.35 -3.52 -9.29
N GLY D 260 -26.67 -2.46 -8.56
CA GLY D 260 -26.41 -1.10 -9.00
C GLY D 260 -27.53 -0.49 -9.81
N LYS D 261 -28.52 -1.31 -10.16
CA LYS D 261 -29.63 -0.89 -10.99
C LYS D 261 -30.87 -0.57 -10.14
N ILE D 262 -31.40 0.64 -10.28
CA ILE D 262 -32.61 1.02 -9.57
C ILE D 262 -33.79 0.23 -10.11
N VAL D 263 -34.46 -0.55 -9.27
CA VAL D 263 -35.59 -1.36 -9.73
C VAL D 263 -36.93 -0.86 -9.24
N HIS D 264 -36.92 -0.01 -8.22
CA HIS D 264 -38.14 0.55 -7.67
C HIS D 264 -37.84 1.76 -6.80
N ILE D 265 -38.76 2.72 -6.81
CA ILE D 265 -38.67 3.89 -5.96
C ILE D 265 -40.00 4.12 -5.24
N SER D 266 -39.96 4.12 -3.91
CA SER D 266 -41.17 4.33 -3.11
C SER D 266 -41.12 5.69 -2.42
N PRO D 267 -42.23 6.44 -2.49
CA PRO D 267 -42.29 7.71 -1.76
C PRO D 267 -42.29 7.45 -0.27
N LEU D 268 -41.83 8.42 0.52
CA LEU D 268 -41.99 8.33 1.97
C LEU D 268 -43.48 8.34 2.29
N SER D 269 -43.86 7.56 3.29
CA SER D 269 -45.23 7.52 3.78
C SER D 269 -45.18 7.41 5.29
N GLY D 270 -46.31 7.66 5.95
CA GLY D 270 -46.35 7.61 7.41
C GLY D 270 -46.40 9.00 8.02
N SER D 271 -45.99 9.12 9.27
CA SER D 271 -46.14 10.38 10.00
C SER D 271 -44.86 11.21 10.17
N ALA D 272 -43.72 10.70 9.70
CA ALA D 272 -42.50 11.51 9.75
C ALA D 272 -42.66 12.69 8.79
N GLN D 273 -42.34 13.89 9.27
CA GLN D 273 -42.59 15.10 8.49
C GLN D 273 -41.35 15.70 7.83
N HIS D 274 -40.18 15.20 8.21
CA HIS D 274 -38.93 15.63 7.59
C HIS D 274 -37.87 14.57 7.84
N ILE D 275 -37.22 14.12 6.77
CA ILE D 275 -36.29 13.01 6.84
C ILE D 275 -34.95 13.36 6.19
N GLU D 276 -33.87 13.25 6.95
CA GLU D 276 -32.52 13.44 6.43
C GLU D 276 -31.57 12.47 7.08
N GLU D 277 -30.52 12.10 6.34
CA GLU D 277 -29.38 11.41 6.92
C GLU D 277 -29.75 10.19 7.75
N CYS D 278 -30.53 9.27 7.17
CA CYS D 278 -30.96 8.09 7.90
C CYS D 278 -29.81 7.17 8.28
N SER D 279 -29.85 6.69 9.52
CA SER D 279 -28.97 5.62 9.95
C SER D 279 -29.77 4.33 9.94
N CYS D 280 -29.53 3.50 8.94
CA CYS D 280 -30.36 2.32 8.71
C CYS D 280 -29.67 1.02 9.11
N TYR D 281 -30.47 0.02 9.42
CA TYR D 281 -29.94 -1.29 9.78
C TYR D 281 -30.90 -2.41 9.41
N PRO D 282 -30.34 -3.60 9.13
CA PRO D 282 -31.17 -4.76 8.81
C PRO D 282 -31.95 -5.20 10.02
N ARG D 283 -33.26 -5.36 9.86
CA ARG D 283 -34.08 -5.97 10.89
C ARG D 283 -34.96 -6.99 10.19
N TYR D 284 -34.35 -8.11 9.83
CA TYR D 284 -35.01 -9.11 9.00
C TYR D 284 -36.46 -9.30 9.43
N PRO D 285 -37.39 -9.33 8.46
CA PRO D 285 -37.12 -9.36 7.01
C PRO D 285 -37.01 -7.98 6.39
N GLY D 286 -36.99 -6.93 7.19
CA GLY D 286 -37.00 -5.58 6.66
C GLY D 286 -35.79 -4.74 7.03
N VAL D 287 -35.90 -3.45 6.80
CA VAL D 287 -34.86 -2.49 7.13
C VAL D 287 -35.48 -1.36 7.93
N ARG D 288 -34.81 -0.96 9.01
CA ARG D 288 -35.29 0.11 9.86
C ARG D 288 -34.28 1.26 9.95
N CYS D 289 -34.78 2.49 9.94
CA CYS D 289 -33.93 3.66 9.91
C CYS D 289 -34.31 4.67 10.97
N ILE D 290 -33.31 5.19 11.66
CA ILE D 290 -33.50 6.33 12.57
C ILE D 290 -32.77 7.51 11.95
N CYS D 291 -33.48 8.61 11.76
CA CYS D 291 -32.98 9.69 10.92
C CYS D 291 -32.91 11.04 11.64
N ARG D 292 -32.86 12.11 10.86
CA ARG D 292 -32.77 13.47 11.37
C ARG D 292 -33.93 14.29 10.82
N ASP D 293 -34.72 14.88 11.70
CA ASP D 293 -35.75 15.82 11.29
C ASP D 293 -35.15 17.20 11.45
N ASN D 294 -34.95 17.91 10.35
CA ASN D 294 -34.25 19.19 10.41
C ASN D 294 -35.21 20.37 10.50
N TRP D 295 -36.49 20.07 10.66
CA TRP D 295 -37.55 21.06 10.53
C TRP D 295 -38.31 21.35 11.84
N LYS D 296 -39.09 20.39 12.32
CA LYS D 296 -39.92 20.62 13.50
C LYS D 296 -39.65 19.69 14.69
N GLY D 297 -38.75 18.73 14.53
CA GLY D 297 -38.57 17.74 15.56
C GLY D 297 -37.16 17.64 16.14
N SER D 298 -37.06 17.59 17.47
CA SER D 298 -35.79 17.25 18.10
C SER D 298 -35.82 15.79 18.54
N ASN D 299 -36.99 15.18 18.39
CA ASN D 299 -37.11 13.73 18.42
C ASN D 299 -36.76 13.18 17.05
N ARG D 300 -36.09 12.02 17.00
CA ARG D 300 -35.65 11.45 15.73
C ARG D 300 -36.74 10.65 15.02
N PRO D 301 -36.91 10.89 13.72
CA PRO D 301 -37.86 10.14 12.91
C PRO D 301 -37.44 8.70 12.71
N VAL D 302 -38.42 7.83 12.46
CA VAL D 302 -38.17 6.44 12.13
C VAL D 302 -38.70 6.20 10.73
N VAL D 303 -37.94 5.45 9.92
CA VAL D 303 -38.46 5.01 8.64
C VAL D 303 -38.34 3.49 8.54
N ASP D 304 -39.47 2.83 8.28
CA ASP D 304 -39.50 1.38 8.16
C ASP D 304 -39.68 0.98 6.71
N ILE D 305 -38.81 0.10 6.22
CA ILE D 305 -38.79 -0.27 4.81
C ILE D 305 -39.12 -1.74 4.64
N ASN D 306 -40.21 -2.01 3.93
CA ASN D 306 -40.58 -3.39 3.60
C ASN D 306 -39.90 -3.82 2.31
N MET D 307 -39.02 -4.80 2.41
CA MET D 307 -38.21 -5.22 1.28
C MET D 307 -38.96 -6.20 0.37
N GLU D 308 -40.11 -6.66 0.84
CA GLU D 308 -40.91 -7.62 0.08
C GLU D 308 -41.88 -6.94 -0.89
N ASP D 309 -42.61 -5.94 -0.42
CA ASP D 309 -43.57 -5.23 -1.27
C ASP D 309 -43.22 -3.75 -1.49
N TYR D 310 -42.07 -3.34 -0.96
CA TYR D 310 -41.58 -1.97 -1.14
C TYR D 310 -42.36 -0.91 -0.38
N SER D 311 -43.29 -1.34 0.48
CA SER D 311 -44.09 -0.38 1.22
C SER D 311 -43.26 0.33 2.31
N ILE D 312 -43.69 1.53 2.66
CA ILE D 312 -42.95 2.38 3.59
C ILE D 312 -43.85 2.87 4.72
N ASP D 313 -43.31 2.88 5.93
CA ASP D 313 -43.99 3.48 7.07
C ASP D 313 -43.01 4.41 7.79
N SER D 314 -43.52 5.35 8.55
CA SER D 314 -42.65 6.25 9.30
C SER D 314 -43.35 6.80 10.53
N SER D 315 -42.54 7.19 11.52
CA SER D 315 -43.03 7.71 12.78
C SER D 315 -41.87 8.40 13.49
N TYR D 316 -41.93 8.45 14.82
CA TYR D 316 -40.83 9.02 15.60
C TYR D 316 -40.47 8.11 16.77
N VAL D 317 -39.19 8.12 17.15
CA VAL D 317 -38.74 7.38 18.31
C VAL D 317 -39.55 7.80 19.54
N CYS D 318 -40.10 6.83 20.27
CA CYS D 318 -40.97 7.12 21.41
C CYS D 318 -40.26 7.84 22.55
N SER D 319 -38.99 7.48 22.77
CA SER D 319 -38.24 7.94 23.94
C SER D 319 -38.38 9.43 24.24
N GLY D 320 -38.70 9.74 25.50
CA GLY D 320 -38.77 11.12 25.96
C GLY D 320 -37.39 11.71 26.11
N LEU D 321 -36.36 10.85 26.15
CA LEU D 321 -35.00 11.30 26.04
C LEU D 321 -34.66 11.31 24.56
N VAL D 322 -34.68 12.49 23.95
CA VAL D 322 -34.60 12.62 22.51
C VAL D 322 -33.16 12.69 22.00
N GLY D 323 -32.94 12.38 20.74
CA GLY D 323 -31.61 12.16 20.23
C GLY D 323 -30.98 13.23 19.35
N ASP D 324 -31.76 14.24 18.97
CA ASP D 324 -31.26 15.26 18.07
C ASP D 324 -30.53 16.36 18.84
N THR D 325 -29.78 17.19 18.11
CA THR D 325 -29.18 18.40 18.67
C THR D 325 -29.39 19.51 17.66
N PRO D 326 -30.02 20.62 18.07
CA PRO D 326 -30.43 20.98 19.43
C PRO D 326 -31.68 20.23 19.91
N ARG D 327 -31.96 20.35 21.20
CA ARG D 327 -33.10 19.73 21.84
C ARG D 327 -33.33 20.40 23.19
N ASN D 328 -34.50 20.20 23.78
CA ASN D 328 -34.74 20.64 25.15
C ASN D 328 -33.95 19.77 26.11
N ASP D 329 -33.77 20.24 27.34
CA ASP D 329 -33.12 19.42 28.36
C ASP D 329 -34.04 18.27 28.76
N ASP D 330 -33.49 17.27 29.42
CA ASP D 330 -34.21 16.03 29.71
C ASP D 330 -35.52 16.23 30.46
N SER D 331 -35.59 17.27 31.27
CA SER D 331 -36.75 17.49 32.12
C SER D 331 -37.91 18.11 31.35
N SER D 332 -37.65 18.66 30.17
CA SER D 332 -38.70 19.32 29.40
C SER D 332 -38.80 18.86 27.95
N SER D 333 -38.19 17.73 27.62
CA SER D 333 -38.26 17.18 26.28
C SER D 333 -39.40 16.16 26.18
N ASN D 334 -39.97 16.03 24.98
CA ASN D 334 -41.09 15.12 24.79
C ASN D 334 -41.09 14.43 23.43
N SER D 335 -41.71 13.26 23.37
CA SER D 335 -42.01 12.60 22.10
C SER D 335 -43.25 11.72 22.26
N ASN D 336 -44.14 11.76 21.28
CA ASN D 336 -45.34 10.93 21.33
C ASN D 336 -45.33 9.74 20.37
N CYS D 337 -44.17 9.51 19.75
CA CYS D 337 -43.96 8.41 18.79
C CYS D 337 -44.47 8.72 17.39
N ARG D 338 -45.24 9.79 17.24
CA ARG D 338 -45.96 10.02 15.99
C ARG D 338 -45.64 11.33 15.29
N ASN D 339 -45.51 12.41 16.06
CA ASN D 339 -45.31 13.72 15.48
C ASN D 339 -43.99 14.36 15.91
N PRO D 340 -43.46 15.28 15.10
CA PRO D 340 -42.32 16.07 15.55
C PRO D 340 -42.73 16.83 16.80
N ASN D 341 -41.84 16.93 17.78
CA ASN D 341 -42.18 17.52 19.07
C ASN D 341 -42.25 19.04 19.10
N ASN D 342 -41.81 19.68 18.03
CA ASN D 342 -41.76 21.14 17.99
C ASN D 342 -41.00 21.73 19.16
N GLU D 343 -39.97 21.02 19.61
CA GLU D 343 -39.08 21.53 20.64
C GLU D 343 -37.68 21.74 20.03
N ARG D 344 -37.30 23.01 19.87
CA ARG D 344 -36.04 23.34 19.21
C ARG D 344 -35.84 22.48 17.97
N GLY D 345 -36.92 22.33 17.21
CA GLY D 345 -36.95 21.38 16.12
C GLY D 345 -36.07 21.71 14.93
N THR D 346 -35.85 23.00 14.67
CA THR D 346 -35.08 23.38 13.48
C THR D 346 -33.60 23.04 13.66
N GLN D 347 -32.92 22.74 12.55
CA GLN D 347 -31.55 22.26 12.56
C GLN D 347 -31.50 20.83 13.09
N GLY D 348 -30.30 20.30 13.30
CA GLY D 348 -30.16 18.95 13.83
C GLY D 348 -28.79 18.39 13.56
N VAL D 349 -28.62 17.09 13.80
CA VAL D 349 -27.36 16.41 13.54
C VAL D 349 -27.67 14.96 13.22
N LYS D 350 -26.87 14.35 12.34
CA LYS D 350 -27.06 12.93 12.03
C LYS D 350 -26.81 12.10 13.28
N GLY D 351 -27.70 11.14 13.54
CA GLY D 351 -27.56 10.26 14.69
C GLY D 351 -28.16 8.89 14.45
N TRP D 352 -28.31 8.11 15.52
CA TRP D 352 -28.77 6.73 15.41
C TRP D 352 -29.46 6.26 16.68
N ALA D 353 -30.13 5.12 16.58
CA ALA D 353 -30.72 4.41 17.70
C ALA D 353 -31.20 3.10 17.12
N PHE D 354 -31.42 2.12 17.99
CA PHE D 354 -32.05 0.88 17.53
C PHE D 354 -32.90 0.26 18.63
N ASP D 355 -33.91 -0.49 18.21
CA ASP D 355 -34.86 -1.09 19.14
C ASP D 355 -34.35 -2.44 19.63
N ASN D 356 -34.68 -2.74 20.89
CA ASN D 356 -34.57 -4.10 21.40
C ASN D 356 -35.83 -4.41 22.20
N GLY D 357 -36.77 -5.09 21.57
CA GLY D 357 -38.06 -5.32 22.19
C GLY D 357 -38.74 -3.98 22.42
N ASN D 358 -39.16 -3.73 23.66
CA ASN D 358 -39.78 -2.46 24.01
C ASN D 358 -38.75 -1.38 24.29
N ASP D 359 -37.49 -1.78 24.43
CA ASP D 359 -36.43 -0.84 24.84
C ASP D 359 -35.70 -0.25 23.64
N LEU D 360 -34.91 0.79 23.91
CA LEU D 360 -34.16 1.50 22.88
C LEU D 360 -32.71 1.73 23.29
N TRP D 361 -31.77 1.36 22.43
CA TRP D 361 -30.39 1.78 22.58
C TRP D 361 -30.17 2.99 21.70
N MET D 362 -29.56 4.05 22.25
CA MET D 362 -29.36 5.27 21.49
C MET D 362 -28.11 6.01 21.92
N GLY D 363 -27.58 6.81 21.00
CA GLY D 363 -26.51 7.74 21.32
C GLY D 363 -26.97 9.17 21.06
N ARG D 364 -26.23 10.14 21.59
CA ARG D 364 -26.50 11.55 21.32
C ARG D 364 -25.35 12.37 21.84
N THR D 365 -25.27 13.63 21.42
CA THR D 365 -24.30 14.55 22.01
C THR D 365 -24.69 14.76 23.46
N ILE D 366 -23.71 15.02 24.31
CA ILE D 366 -23.99 15.30 25.71
C ILE D 366 -24.62 16.68 25.84
N SER D 367 -24.05 17.66 25.13
CA SER D 367 -24.63 19.01 25.09
C SER D 367 -25.96 18.99 24.35
N LYS D 368 -26.93 19.77 24.83
CA LYS D 368 -28.24 19.81 24.19
C LYS D 368 -28.30 20.86 23.08
N GLU D 369 -27.32 21.75 23.05
CA GLU D 369 -27.31 22.85 22.08
C GLU D 369 -26.21 22.71 21.03
N SER D 370 -25.08 22.12 21.42
CA SER D 370 -23.94 22.07 20.51
C SER D 370 -23.42 20.66 20.29
N ARG D 371 -22.65 20.48 19.22
CA ARG D 371 -22.09 19.17 18.90
C ARG D 371 -20.86 18.91 19.75
N SER D 372 -21.13 18.72 21.05
CA SER D 372 -20.08 18.52 22.04
C SER D 372 -20.40 17.28 22.86
N GLY D 373 -19.38 16.49 23.18
CA GLY D 373 -19.56 15.28 23.95
C GLY D 373 -20.35 14.23 23.20
N TYR D 374 -20.33 13.00 23.71
CA TYR D 374 -21.16 11.94 23.15
C TYR D 374 -21.42 10.85 24.19
N GLU D 375 -22.68 10.44 24.31
CA GLU D 375 -23.09 9.45 25.30
C GLU D 375 -24.03 8.42 24.69
N THR D 376 -23.99 7.21 25.23
CA THR D 376 -24.94 6.18 24.84
C THR D 376 -25.63 5.63 26.09
N PHE D 377 -26.84 5.12 25.91
CA PHE D 377 -27.58 4.49 27.01
C PHE D 377 -28.77 3.71 26.47
N LYS D 378 -29.37 2.92 27.34
CA LYS D 378 -30.59 2.20 27.00
C LYS D 378 -31.75 2.91 27.67
N VAL D 379 -32.81 3.17 26.92
CA VAL D 379 -34.02 3.74 27.50
C VAL D 379 -35.04 2.63 27.71
N ILE D 380 -35.45 2.44 28.96
CA ILE D 380 -36.44 1.42 29.28
C ILE D 380 -37.79 1.85 28.70
N GLY D 381 -38.34 1.03 27.81
CA GLY D 381 -39.57 1.38 27.11
C GLY D 381 -39.36 2.43 26.04
N GLY D 382 -38.11 2.69 25.70
CA GLY D 382 -37.79 3.75 24.75
C GLY D 382 -38.31 3.54 23.34
N TRP D 383 -38.63 2.30 23.00
CA TRP D 383 -39.17 2.04 21.68
C TRP D 383 -40.70 2.03 21.66
N SER D 384 -41.29 1.50 22.72
CA SER D 384 -42.74 1.25 22.76
C SER D 384 -43.54 2.25 23.57
N THR D 385 -42.92 2.88 24.56
CA THR D 385 -43.65 3.74 25.47
C THR D 385 -43.40 5.22 25.18
N PRO D 386 -44.45 5.94 24.76
CA PRO D 386 -44.31 7.38 24.51
C PRO D 386 -43.73 8.11 25.70
N ASN D 387 -42.74 8.96 25.45
CA ASN D 387 -42.19 9.85 26.48
C ASN D 387 -41.42 9.14 27.60
N SER D 388 -41.06 7.88 27.39
CA SER D 388 -40.29 7.14 28.38
C SER D 388 -38.93 7.81 28.65
N LYS D 389 -38.55 7.93 29.91
CA LYS D 389 -37.31 8.63 30.26
C LYS D 389 -36.45 7.90 31.29
N SER D 390 -36.74 6.63 31.53
CA SER D 390 -35.91 5.83 32.43
C SER D 390 -34.75 5.23 31.66
N GLN D 391 -33.54 5.69 31.94
CA GLN D 391 -32.37 5.13 31.25
C GLN D 391 -31.51 4.29 32.18
N VAL D 392 -30.69 3.44 31.57
CA VAL D 392 -29.76 2.59 32.29
C VAL D 392 -28.58 2.27 31.38
N ASN D 393 -27.48 1.78 31.95
CA ASN D 393 -26.31 1.41 31.17
C ASN D 393 -25.71 2.55 30.34
N ARG D 394 -25.67 3.74 30.92
CA ARG D 394 -25.05 4.88 30.24
C ARG D 394 -23.56 4.66 30.08
N GLN D 395 -23.01 5.13 28.97
CA GLN D 395 -21.55 5.17 28.77
C GLN D 395 -21.17 6.49 28.13
N VAL D 396 -20.15 7.13 28.68
CA VAL D 396 -19.56 8.28 28.03
C VAL D 396 -18.60 7.79 26.94
N ILE D 397 -18.83 8.22 25.70
CA ILE D 397 -17.90 7.91 24.61
C ILE D 397 -16.91 9.07 24.43
N VAL D 398 -17.42 10.29 24.47
CA VAL D 398 -16.60 11.50 24.42
C VAL D 398 -17.12 12.46 25.49
N ASP D 399 -16.25 12.88 26.41
CA ASP D 399 -16.70 13.79 27.46
C ASP D 399 -17.11 15.15 26.90
N ASN D 400 -17.88 15.91 27.67
CA ASN D 400 -18.48 17.14 27.16
C ASN D 400 -17.52 18.32 27.04
N ASN D 401 -16.24 18.08 27.32
CA ASN D 401 -15.21 19.10 27.10
C ASN D 401 -14.62 19.00 25.71
N ASN D 402 -15.11 18.04 24.93
CA ASN D 402 -14.55 17.76 23.62
C ASN D 402 -15.60 17.72 22.52
N TRP D 403 -15.18 18.09 21.30
CA TRP D 403 -16.12 18.19 20.19
C TRP D 403 -16.47 16.82 19.63
N SER D 404 -17.73 16.65 19.25
CA SER D 404 -18.16 15.46 18.54
C SER D 404 -18.68 15.85 17.17
N GLY D 405 -19.85 15.34 16.79
CA GLY D 405 -20.40 15.62 15.48
C GLY D 405 -21.37 14.54 15.05
N TYR D 406 -21.34 14.19 13.77
CA TYR D 406 -22.20 13.14 13.24
C TYR D 406 -21.92 11.83 13.93
N SER D 407 -22.94 10.97 13.96
CA SER D 407 -22.78 9.59 14.41
C SER D 407 -23.72 8.72 13.60
N GLY D 408 -23.38 7.45 13.46
CA GLY D 408 -24.20 6.56 12.67
C GLY D 408 -24.02 5.11 13.06
N ILE D 409 -24.95 4.27 12.62
CA ILE D 409 -24.92 2.86 12.95
C ILE D 409 -24.36 2.03 11.81
N PHE D 410 -23.75 0.90 12.15
CA PHE D 410 -23.47 -0.15 11.16
C PHE D 410 -23.66 -1.52 11.80
N SER D 411 -23.97 -2.51 11.00
CA SER D 411 -24.25 -3.85 11.52
C SER D 411 -23.22 -4.86 11.05
N VAL D 412 -22.82 -5.74 11.96
CA VAL D 412 -21.80 -6.73 11.67
C VAL D 412 -22.33 -8.12 12.00
N GLU D 413 -22.27 -9.03 11.02
CA GLU D 413 -22.79 -10.37 11.22
C GLU D 413 -21.83 -11.25 12.02
N GLY D 414 -22.33 -11.78 13.13
CA GLY D 414 -21.57 -12.72 13.92
C GLY D 414 -22.01 -14.14 13.64
N LYS D 415 -21.45 -15.09 14.37
CA LYS D 415 -21.73 -16.50 14.15
C LYS D 415 -23.22 -16.82 14.29
N SER D 416 -23.86 -16.27 15.31
CA SER D 416 -25.25 -16.60 15.60
C SER D 416 -26.17 -15.39 15.69
N CYS D 417 -25.62 -14.18 15.62
CA CYS D 417 -26.45 -12.98 15.75
C CYS D 417 -25.85 -11.78 15.01
N ILE D 418 -26.70 -10.79 14.74
CA ILE D 418 -26.28 -9.56 14.09
C ILE D 418 -25.99 -8.51 15.15
N ASN D 419 -24.77 -8.00 15.15
CA ASN D 419 -24.33 -7.03 16.15
C ASN D 419 -24.52 -5.61 15.62
N ARG D 420 -24.78 -4.67 16.52
CA ARG D 420 -24.89 -3.27 16.15
C ARG D 420 -23.66 -2.52 16.63
N CYS D 421 -23.06 -1.72 15.75
CA CYS D 421 -21.95 -0.87 16.11
C CYS D 421 -22.27 0.58 15.72
N PHE D 422 -21.46 1.52 16.19
CA PHE D 422 -21.62 2.91 15.78
C PHE D 422 -20.28 3.63 15.72
N TYR D 423 -20.22 4.68 14.91
CA TYR D 423 -19.04 5.51 14.84
C TYR D 423 -19.47 6.89 15.30
N VAL D 424 -18.53 7.69 15.78
CA VAL D 424 -18.82 9.11 15.91
C VAL D 424 -17.73 9.96 15.27
N GLU D 425 -18.20 10.98 14.56
CA GLU D 425 -17.36 11.96 13.90
C GLU D 425 -16.92 12.98 14.93
N LEU D 426 -15.62 13.24 15.00
CA LEU D 426 -15.05 14.18 15.96
C LEU D 426 -14.54 15.38 15.18
N ILE D 427 -15.37 16.42 15.09
CA ILE D 427 -15.08 17.56 14.23
C ILE D 427 -14.12 18.55 14.89
N ARG D 428 -13.07 18.91 14.15
CA ARG D 428 -12.13 19.92 14.61
C ARG D 428 -12.07 21.08 13.61
N GLY D 429 -11.73 22.26 14.10
CA GLY D 429 -11.64 23.44 13.25
C GLY D 429 -12.91 24.29 13.28
N ARG D 430 -13.19 24.96 12.17
CA ARG D 430 -14.33 25.88 12.12
C ARG D 430 -15.65 25.12 12.04
N PRO D 431 -16.74 25.75 12.53
CA PRO D 431 -16.79 27.12 13.04
C PRO D 431 -16.38 27.26 14.51
N GLN D 432 -16.29 26.16 15.26
CA GLN D 432 -16.06 26.25 16.70
C GLN D 432 -14.66 26.74 17.09
N GLU D 433 -13.65 26.35 16.31
CA GLU D 433 -12.28 26.68 16.64
C GLU D 433 -11.64 27.52 15.54
N THR D 434 -11.53 28.83 15.79
CA THR D 434 -11.19 29.77 14.73
C THR D 434 -9.70 30.07 14.57
N ARG D 435 -8.86 29.43 15.38
CA ARG D 435 -7.42 29.59 15.18
C ARG D 435 -7.02 29.03 13.81
N VAL D 436 -7.70 27.96 13.39
CA VAL D 436 -7.42 27.35 12.09
C VAL D 436 -8.49 27.78 11.09
N TRP D 437 -8.19 27.64 9.81
CA TRP D 437 -9.13 28.08 8.77
C TRP D 437 -9.83 26.91 8.10
N TRP D 438 -9.48 25.69 8.51
CA TRP D 438 -10.06 24.48 7.94
C TRP D 438 -11.12 23.85 8.84
N THR D 439 -11.82 22.85 8.30
CA THR D 439 -12.74 22.01 9.06
C THR D 439 -12.45 20.57 8.68
N SER D 440 -12.21 19.72 9.67
CA SER D 440 -11.94 18.31 9.39
C SER D 440 -12.45 17.46 10.55
N ASN D 441 -12.16 16.16 10.52
CA ASN D 441 -12.60 15.27 11.60
C ASN D 441 -11.74 14.02 11.74
N SER D 442 -11.76 13.43 12.92
CA SER D 442 -11.28 12.06 13.10
C SER D 442 -12.50 11.23 13.50
N ILE D 443 -12.30 9.95 13.79
CA ILE D 443 -13.41 9.12 14.24
C ILE D 443 -13.04 8.25 15.42
N VAL D 444 -14.06 7.82 16.15
CA VAL D 444 -13.92 6.79 17.17
C VAL D 444 -15.11 5.85 16.96
N VAL D 445 -14.88 4.56 17.19
CA VAL D 445 -15.85 3.53 16.81
C VAL D 445 -16.03 2.50 17.92
N PHE D 446 -17.28 2.21 18.24
CA PHE D 446 -17.63 1.21 19.26
C PHE D 446 -18.56 0.14 18.70
N CYS D 447 -18.51 -1.05 19.28
CA CYS D 447 -19.39 -2.14 18.88
C CYS D 447 -20.15 -2.73 20.07
N GLY D 448 -21.37 -3.19 19.82
CA GLY D 448 -22.16 -3.84 20.83
C GLY D 448 -21.40 -5.01 21.46
N THR D 449 -21.63 -5.23 22.74
CA THR D 449 -21.00 -6.34 23.43
C THR D 449 -22.00 -7.01 24.39
N SER D 450 -21.85 -8.32 24.55
CA SER D 450 -22.64 -9.07 25.52
C SER D 450 -21.81 -9.28 26.79
N GLY D 451 -20.56 -8.83 26.76
CA GLY D 451 -19.68 -8.96 27.89
C GLY D 451 -19.77 -7.78 28.84
N THR D 452 -18.66 -7.46 29.49
CA THR D 452 -18.62 -6.30 30.39
C THR D 452 -17.57 -5.28 29.96
N TYR D 453 -17.55 -4.15 30.65
CA TYR D 453 -16.73 -3.01 30.23
C TYR D 453 -16.63 -1.99 31.36
N GLY D 454 -15.74 -1.02 31.18
CA GLY D 454 -15.54 0.01 32.17
C GLY D 454 -15.96 1.39 31.71
N THR D 455 -15.09 2.38 31.94
CA THR D 455 -15.40 3.76 31.56
C THR D 455 -14.19 4.41 30.89
N GLY D 456 -14.45 5.50 30.18
CA GLY D 456 -13.39 6.30 29.58
C GLY D 456 -13.92 7.46 28.79
N SER D 457 -13.04 8.08 28.00
CA SER D 457 -13.41 9.13 27.07
C SER D 457 -12.38 9.10 25.96
N TRP D 458 -12.85 9.09 24.72
CA TRP D 458 -11.95 8.94 23.58
C TRP D 458 -12.20 10.04 22.55
N PRO D 459 -11.77 11.26 22.87
CA PRO D 459 -12.00 12.42 22.00
C PRO D 459 -10.99 12.44 20.86
N ASP D 460 -11.11 13.44 19.99
CA ASP D 460 -10.17 13.60 18.88
C ASP D 460 -8.73 13.59 19.38
N GLY D 461 -8.43 14.47 20.33
CA GLY D 461 -7.12 14.47 20.97
C GLY D 461 -6.08 15.43 20.41
N ALA D 462 -6.39 16.13 19.33
CA ALA D 462 -5.46 17.10 18.78
C ALA D 462 -5.44 18.37 19.62
N ASN D 463 -4.26 19.00 19.71
CA ASN D 463 -4.13 20.30 20.36
C ASN D 463 -4.26 21.36 19.28
N ILE D 464 -5.38 22.09 19.28
CA ILE D 464 -5.64 23.07 18.23
C ILE D 464 -4.47 24.04 18.05
N ASN D 465 -3.72 24.28 19.12
CA ASN D 465 -2.58 25.20 19.08
C ASN D 465 -1.36 24.62 18.36
N PHE D 466 -1.35 23.30 18.19
CA PHE D 466 -0.25 22.61 17.52
C PHE D 466 -0.49 22.46 16.02
N MET D 467 -1.69 22.84 15.57
CA MET D 467 -2.10 22.57 14.19
C MET D 467 -1.64 23.63 13.19
N PRO D 468 -1.28 23.18 11.97
CA PRO D 468 -1.15 24.12 10.86
C PRO D 468 -2.50 24.82 10.70
N ILE D 469 -2.51 26.12 10.48
CA ILE D 469 -3.77 26.85 10.40
C ILE D 469 -4.35 26.83 8.99
C1 NAG E . 7.08 20.10 25.25
C2 NAG E . 7.70 21.35 24.63
C3 NAG E . 8.34 22.23 25.70
C4 NAG E . 7.44 22.42 26.92
C5 NAG E . 6.79 21.10 27.35
C6 NAG E . 5.76 21.29 28.44
C7 NAG E . 8.71 21.48 22.42
C8 NAG E . 9.91 21.17 21.58
N2 NAG E . 8.70 20.98 23.64
O3 NAG E . 8.65 23.49 25.14
O4 NAG E . 8.26 22.91 27.96
O5 NAG E . 6.16 20.49 26.25
O6 NAG E . 4.75 22.17 27.99
O7 NAG E . 7.79 22.16 21.97
C1 NAG E . 7.58 23.92 28.74
C2 NAG E . 8.29 24.03 30.09
C3 NAG E . 7.86 25.23 30.92
C4 NAG E . 7.67 26.48 30.05
C5 NAG E . 6.81 26.12 28.85
C6 NAG E . 6.48 27.35 28.00
C7 NAG E . 9.06 22.02 31.20
C8 NAG E . 8.69 20.80 31.99
N2 NAG E . 8.05 22.82 30.86
O3 NAG E . 8.83 25.50 31.90
O4 NAG E . 7.05 27.50 30.82
O5 NAG E . 7.49 25.16 28.07
O6 NAG E . 7.64 27.75 27.29
O7 NAG E . 10.23 22.24 30.90
C1 NAG F . -17.00 1.23 35.90
C2 NAG F . -17.80 2.22 36.75
C3 NAG F . -19.29 1.86 36.84
C4 NAG F . -19.88 1.61 35.46
C5 NAG F . -18.98 0.62 34.71
C6 NAG F . -19.49 0.40 33.28
C7 NAG F . -16.82 3.47 38.56
C8 NAG F . -16.80 3.66 40.05
N2 NAG F . -17.27 2.31 38.10
O3 NAG F . -20.00 2.88 37.50
O4 NAG F . -21.19 1.08 35.61
O5 NAG F . -17.65 1.07 34.64
O6 NAG F . -19.49 1.63 32.60
O7 NAG F . -16.41 4.37 37.81
C1 NAG F . -22.21 1.92 35.03
C2 NAG F . -23.47 1.08 34.86
C3 NAG F . -24.61 1.91 34.25
C4 NAG F . -24.81 3.21 34.99
C5 NAG F . -23.47 3.94 35.15
C6 NAG F . -23.61 5.22 35.97
C7 NAG F . -23.26 -1.32 34.45
C8 NAG F . -23.19 -2.39 33.40
N2 NAG F . -23.21 -0.06 34.00
O3 NAG F . -25.80 1.16 34.26
O4 NAG F . -25.71 3.98 34.22
O5 NAG F . -22.50 3.09 35.77
O6 NAG F . -24.03 4.90 37.27
O7 NAG F . -23.36 -1.60 35.63
C1 BMA F . -26.72 4.60 35.04
C2 BMA F . -27.16 5.87 34.32
C3 BMA F . -28.23 6.59 35.14
C4 BMA F . -29.33 5.62 35.52
C5 BMA F . -28.77 4.36 36.15
C6 BMA F . -29.88 3.36 36.47
O2 BMA F . -27.70 5.50 33.06
O3 BMA F . -28.74 7.67 34.38
O4 BMA F . -30.19 6.26 36.44
O5 BMA F . -27.83 3.76 35.28
O6 BMA F . -29.39 2.38 37.35
C1 MAN F . -28.79 8.85 35.20
C2 MAN F . -29.49 10.00 34.48
C3 MAN F . -28.64 10.48 33.30
C4 MAN F . -27.25 10.83 33.81
C5 MAN F . -26.67 9.63 34.53
C6 MAN F . -25.27 9.94 35.08
O2 MAN F . -29.71 11.06 35.37
O3 MAN F . -29.20 11.60 32.67
O4 MAN F . -26.42 11.21 32.73
O5 MAN F . -27.50 9.27 35.61
O6 MAN F . -24.72 8.75 35.59
C1 NAG G . 32.78 -15.25 16.28
C2 NAG G . 33.58 -14.98 17.56
C3 NAG G . 33.48 -16.13 18.55
C4 NAG G . 32.02 -16.49 18.81
C5 NAG G . 31.28 -16.67 17.49
C6 NAG G . 29.79 -16.91 17.73
C7 NAG G . 35.46 -13.47 17.34
C8 NAG G . 36.95 -13.35 17.49
N2 NAG G . 34.98 -14.71 17.26
O3 NAG G . 34.13 -15.78 19.76
O4 NAG G . 31.97 -17.69 19.57
O5 NAG G . 31.44 -15.55 16.64
O6 NAG G . 29.22 -15.79 18.39
O7 NAG G . 34.74 -12.46 17.29
C1 NAG G . 31.32 -17.49 20.84
C2 NAG G . 30.84 -18.86 21.35
C3 NAG G . 30.18 -18.74 22.73
C4 NAG G . 31.03 -17.92 23.69
C5 NAG G . 31.46 -16.61 23.03
C6 NAG G . 32.38 -15.79 23.93
C7 NAG G . 30.15 -20.58 19.78
C8 NAG G . 29.00 -21.23 19.07
N2 NAG G . 29.90 -19.43 20.40
O3 NAG G . 29.95 -20.02 23.26
O4 NAG G . 30.23 -17.68 24.83
O5 NAG G . 32.13 -16.87 21.81
O6 NAG G . 33.52 -16.56 24.24
O7 NAG G . 31.27 -21.12 19.77
C1 BMA G . 30.94 -17.93 26.06
C2 BMA G . 30.29 -17.08 27.15
C3 BMA G . 31.06 -17.24 28.45
C4 BMA G . 31.15 -18.72 28.80
C5 BMA G . 31.67 -19.52 27.61
C6 BMA G . 31.64 -21.01 27.93
O2 BMA G . 28.96 -17.52 27.32
O3 BMA G . 30.40 -16.54 29.49
O4 BMA G . 32.02 -18.89 29.90
O5 BMA G . 30.88 -19.28 26.46
O6 BMA G . 32.30 -21.73 26.90
C1 MAN G . 31.36 -15.77 30.24
C2 MAN G . 30.70 -15.14 31.46
C3 MAN G . 29.72 -14.06 31.03
C4 MAN G . 30.46 -13.05 30.15
C5 MAN G . 31.07 -13.79 28.97
C6 MAN G . 31.82 -12.83 28.05
O2 MAN G . 31.70 -14.58 32.29
O3 MAN G . 29.20 -13.39 32.17
O4 MAN G . 29.57 -12.04 29.70
O5 MAN G . 31.98 -14.76 29.46
O6 MAN G . 32.29 -13.55 26.92
C1 NAG H . 13.22 27.12 -13.39
C2 NAG H . 13.55 28.05 -12.23
C3 NAG H . 13.92 29.44 -12.73
C4 NAG H . 14.85 29.42 -13.94
C5 NAG H . 14.44 28.35 -14.95
C6 NAG H . 15.47 28.20 -16.06
C7 NAG H . 12.53 27.91 -10.03
C8 NAG H . 11.27 28.05 -9.22
N2 NAG H . 12.43 28.14 -11.33
O3 NAG H . 14.52 30.19 -11.69
O4 NAG H . 14.79 30.70 -14.52
O5 NAG H . 14.29 27.11 -14.31
O6 NAG H . 16.72 27.92 -15.47
O7 NAG H . 13.58 27.58 -9.47
C1 NAG H . 16.11 31.15 -14.91
C2 NAG H . 15.91 32.24 -15.99
C3 NAG H . 17.19 32.99 -16.33
C4 NAG H . 17.99 33.31 -15.08
C5 NAG H . 18.17 32.05 -14.26
C6 NAG H . 19.07 32.28 -13.04
C7 NAG H . 14.22 31.98 -17.70
C8 NAG H . 13.79 31.29 -18.96
N2 NAG H . 15.39 31.61 -17.19
O3 NAG H . 16.84 34.19 -16.99
O4 NAG H . 19.25 33.83 -15.46
O5 NAG H . 16.89 31.61 -13.83
O6 NAG H . 18.51 33.28 -12.22
O7 NAG H . 13.51 32.84 -17.17
C1 NAG I . 18.96 3.35 -34.75
C2 NAG I . 20.36 3.75 -35.24
C3 NAG I . 21.17 2.55 -35.74
C4 NAG I . 21.17 1.42 -34.72
C5 NAG I . 19.73 1.13 -34.30
C6 NAG I . 19.69 0.05 -33.23
C7 NAG I . 20.76 5.96 -36.09
C8 NAG I . 21.29 6.70 -37.28
N2 NAG I . 20.29 4.74 -36.31
O3 NAG I . 22.50 2.97 -36.01
O4 NAG I . 21.75 0.27 -35.30
O5 NAG I . 19.11 2.31 -33.80
O6 NAG I . 20.34 0.51 -32.08
O7 NAG I . 20.76 6.48 -34.97
C1 NAG I . 22.94 -0.18 -34.60
C2 NAG I . 23.23 -1.62 -35.01
C3 NAG I . 24.48 -2.14 -34.31
C4 NAG I . 25.66 -1.18 -34.46
C5 NAG I . 25.23 0.23 -34.07
C6 NAG I . 26.35 1.24 -34.27
C7 NAG I . 21.38 -3.09 -35.57
C8 NAG I . 20.41 -4.12 -35.06
N2 NAG I . 22.10 -2.46 -34.65
O3 NAG I . 24.84 -3.41 -34.82
O4 NAG I . 26.67 -1.67 -33.60
O5 NAG I . 24.08 0.64 -34.81
O6 NAG I . 26.70 1.29 -35.64
O7 NAG I . 21.47 -2.87 -36.78
C1 BMA I . 27.96 -1.66 -34.26
C2 BMA I . 29.02 -1.52 -33.17
C3 BMA I . 30.40 -1.45 -33.80
C4 BMA I . 30.59 -2.64 -34.72
C5 BMA I . 29.43 -2.73 -35.71
C6 BMA I . 29.59 -3.95 -36.60
O2 BMA I . 28.95 -2.65 -32.32
O3 BMA I . 31.38 -1.42 -32.78
O4 BMA I . 31.81 -2.51 -35.42
O5 BMA I . 28.20 -2.81 -35.02
O6 BMA I . 28.73 -3.83 -37.72
C1 MAN I . 32.37 -0.41 -33.09
C2 MAN I . 33.53 -0.49 -32.11
C3 MAN I . 33.06 -0.12 -30.72
C4 MAN I . 32.41 1.27 -30.77
C5 MAN I . 31.30 1.25 -31.81
C6 MAN I . 30.64 2.63 -31.92
O2 MAN I . 34.53 0.43 -32.51
O3 MAN I . 34.14 -0.08 -29.81
O4 MAN I . 31.89 1.63 -29.52
O5 MAN I . 31.83 0.90 -33.07
O6 MAN I . 29.51 2.53 -32.75
C1 NAG J . -7.82 31.72 4.51
C2 NAG J . -6.53 32.42 4.92
C3 NAG J . -6.82 33.81 5.45
C4 NAG J . -7.74 34.59 4.52
C5 NAG J . -8.92 33.75 4.04
C6 NAG J . -9.69 34.49 2.93
C7 NAG J . -4.57 31.25 5.73
C8 NAG J . -3.88 30.62 6.91
N2 NAG J . -5.82 31.65 5.92
O3 NAG J . -5.62 34.53 5.66
O4 NAG J . -8.23 35.69 5.23
O5 NAG J . -8.49 32.49 3.54
O6 NAG J . -8.77 34.91 1.95
O7 NAG J . -3.97 31.36 4.66
C1 NAG J . -8.02 36.91 4.50
C2 NAG J . -8.79 38.03 5.21
C3 NAG J . -8.43 39.44 4.74
C4 NAG J . -6.94 39.59 4.40
C5 NAG J . -6.52 38.42 3.53
C6 NAG J . -5.09 38.57 3.03
C7 NAG J . -11.02 37.45 5.99
C8 NAG J . -12.38 36.96 5.58
N2 NAG J . -10.20 37.81 5.00
O3 NAG J . -8.76 40.35 5.77
O4 NAG J . -6.71 40.80 3.74
O5 NAG J . -6.67 37.23 4.29
O6 NAG J . -4.18 37.96 3.91
O7 NAG J . -10.70 37.48 7.17
C1 NAG K . -30.81 19.94 -15.13
C2 NAG K . -31.00 21.14 -16.05
C3 NAG K . -31.56 20.73 -17.41
C4 NAG K . -30.70 19.64 -18.03
C5 NAG K . -30.50 18.51 -17.01
C6 NAG K . -29.56 17.44 -17.57
C7 NAG K . -31.35 23.26 -14.93
C8 NAG K . -32.28 24.42 -14.77
N2 NAG K . -31.86 22.16 -15.46
O3 NAG K . -31.63 21.86 -18.27
O4 NAG K . -31.33 19.15 -19.19
O5 NAG K . -29.98 19.00 -15.79
O6 NAG K . -28.29 18.01 -17.80
O7 NAG K . -30.16 23.34 -14.58
C1 NAG K . -30.51 19.33 -20.36
C2 NAG K . -31.01 18.39 -21.45
C3 NAG K . -30.24 18.56 -22.76
C4 NAG K . -30.13 20.02 -23.16
C5 NAG K . -29.66 20.85 -21.97
C6 NAG K . -29.61 22.34 -22.31
C7 NAG K . -32.02 16.27 -20.86
C8 NAG K . -31.81 14.78 -20.74
N2 NAG K . -30.92 17.01 -21.01
O3 NAG K . -30.88 17.83 -23.78
O4 NAG K . -29.18 20.08 -24.21
O5 NAG K . -30.50 20.66 -20.85
O6 NAG K . -30.92 22.79 -22.61
O7 NAG K . -33.16 16.75 -20.81
C1 BMA K . -29.64 20.90 -25.30
C2 BMA K . -28.41 21.39 -26.05
C3 BMA K . -28.83 22.34 -27.15
C4 BMA K . -29.85 21.65 -28.04
C5 BMA K . -31.00 21.07 -27.21
C6 BMA K . -31.96 20.31 -28.08
O2 BMA K . -27.77 20.27 -26.64
O3 BMA K . -27.70 22.73 -27.89
O4 BMA K . -30.37 22.60 -28.95
O5 BMA K . -30.49 20.23 -26.20
O6 BMA K . -33.17 20.10 -27.39
C1 MAN K . -27.75 24.15 -28.14
C2 MAN K . -26.64 24.54 -29.11
C3 MAN K . -25.27 24.39 -28.47
C4 MAN K . -25.26 25.18 -27.17
C5 MAN K . -26.40 24.72 -26.30
C6 MAN K . -26.42 25.46 -24.96
O2 MAN K . -26.85 25.88 -29.51
O3 MAN K . -24.27 24.88 -29.34
O4 MAN K . -24.03 25.01 -26.49
O5 MAN K . -27.62 24.93 -26.98
O6 MAN K . -27.41 24.90 -24.14
CA CA L . 11.38 -7.09 39.30
C1 ZMR M . 7.52 0.03 31.55
O1A ZMR M . 8.07 -0.26 32.52
O1B ZMR M . 8.12 0.54 30.46
C2 ZMR M . 6.02 0.02 31.54
C3 ZMR M . 5.31 0.16 30.16
C4 ZMR M . 3.81 -0.03 30.15
C5 ZMR M . 3.18 -0.40 31.46
N5 ZMR M . 1.82 -0.77 31.48
C10 ZMR M . 0.69 0.02 31.42
O10 ZMR M . 0.70 1.17 31.45
C11 ZMR M . -0.58 -0.76 31.25
C6 ZMR M . 4.03 -0.91 32.61
O6 ZMR M . 5.40 -0.83 32.54
C7 ZMR M . 3.51 -0.93 34.04
O7 ZMR M . 3.50 0.30 34.53
C8 ZMR M . 4.26 -1.90 34.92
O8 ZMR M . 4.47 -3.08 34.39
C9 ZMR M . 3.75 -1.94 36.33
O9 ZMR M . 2.49 -2.31 36.41
NE ZMR M . 3.07 0.71 29.21
CZ ZMR M . 1.99 0.23 28.45
NH1 ZMR M . 1.61 -1.03 28.45
NH2 ZMR M . 1.41 1.11 27.71
CA CA N . 39.43 -6.37 -11.41
C1 NAG O . 28.12 15.55 7.28
C2 NAG O . 27.80 17.04 7.43
C3 NAG O . 29.08 17.88 7.46
C4 NAG O . 30.08 17.30 8.45
C5 NAG O . 30.28 15.81 8.14
C6 NAG O . 31.32 15.16 9.05
C7 NAG O . 25.78 18.07 6.59
C8 NAG O . 24.97 18.48 5.40
N2 NAG O . 26.95 17.49 6.34
O3 NAG O . 28.77 19.21 7.83
O4 NAG O . 31.30 17.99 8.36
O5 NAG O . 29.05 15.15 8.27
O6 NAG O . 30.85 15.20 10.38
O7 NAG O . 25.36 18.28 7.73
C1 ZMR P . 32.19 -1.41 -4.40
O1A ZMR P . 33.08 -1.68 -5.09
O1B ZMR P . 31.24 -0.54 -4.76
C2 ZMR P . 31.89 -2.33 -3.23
C3 ZMR P . 30.46 -2.33 -2.63
C4 ZMR P . 30.12 -3.43 -1.64
C5 ZMR P . 31.28 -4.31 -1.20
N5 ZMR P . 31.04 -5.40 -0.33
C10 ZMR P . 31.03 -5.32 1.07
O10 ZMR P . 31.21 -4.32 1.65
C11 ZMR P . 30.49 -6.58 1.67
C6 ZMR P . 32.48 -4.45 -2.11
O6 ZMR P . 32.66 -3.56 -3.16
C7 ZMR P . 33.85 -4.94 -1.56
O7 ZMR P . 34.37 -3.94 -0.85
C8 ZMR P . 34.76 -5.45 -2.68
O8 ZMR P . 34.13 -6.18 -3.61
C9 ZMR P . 36.04 -6.01 -2.14
O9 ZMR P . 35.84 -7.20 -1.63
NE ZMR P . 29.24 -2.96 -0.64
CZ ZMR P . 28.30 -3.76 0.01
NH1 ZMR P . 28.09 -4.93 -0.48
NH2 ZMR P . 27.64 -3.35 1.06
CA CA Q . -6.18 19.27 -36.25
C1 ZMR R . 0.07 17.82 -27.08
O1A ZMR R . -0.34 18.41 -27.99
O1B ZMR R . -0.19 18.15 -25.80
C2 ZMR R . 1.03 16.67 -27.30
C3 ZMR R . 1.57 15.77 -26.15
C4 ZMR R . 2.43 14.59 -26.49
C5 ZMR R . 2.84 14.43 -27.93
N5 ZMR R . 3.61 13.32 -28.35
C10 ZMR R . 4.94 13.03 -28.09
O10 ZMR R . 5.67 13.84 -27.78
C11 ZMR R . 5.31 11.62 -28.43
C6 ZMR R . 2.07 15.16 -29.00
O6 ZMR R . 1.28 16.24 -28.64
C7 ZMR R . 2.74 15.46 -30.36
O7 ZMR R . 3.67 16.41 -30.24
C8 ZMR R . 1.72 15.75 -31.45
O8 ZMR R . 0.67 14.93 -31.40
C9 ZMR R . 2.37 15.88 -32.80
O9 ZMR R . 2.72 14.74 -33.40
NE ZMR R . 3.33 14.21 -25.49
CZ ZMR R . 3.66 12.89 -25.14
NH1 ZMR R . 3.11 11.87 -25.72
NH2 ZMR R . 4.57 12.79 -24.21
CA CA S . -34.15 18.80 14.48
C1 ZMR T . -24.32 19.57 8.98
O1A ZMR T . -25.33 19.77 9.55
O1B ZMR T . -23.14 19.22 9.50
C2 ZMR T . -24.46 19.24 7.52
C3 ZMR T . -23.42 18.43 6.72
C4 ZMR T . -23.77 18.01 5.31
C5 ZMR T . -25.13 18.46 4.82
N5 ZMR T . -25.61 18.05 3.57
C10 ZMR T . -25.28 18.57 2.30
O10 ZMR T . -24.74 19.60 2.11
C11 ZMR T . -25.72 17.67 1.19
C6 ZMR T . -26.20 18.87 5.82
O6 ZMR T . -25.82 19.21 7.11
C7 ZMR T . -27.45 19.67 5.38
O7 ZMR T . -27.11 20.94 5.12
C8 ZMR T . -28.66 19.50 6.30
O8 ZMR T . -28.93 18.24 6.70
C9 ZMR T . -29.87 20.24 5.79
O9 ZMR T . -30.53 19.72 4.77
NE ZMR T . -22.66 18.06 4.44
CZ ZMR T . -22.45 17.20 3.38
NH1 ZMR T . -23.25 16.21 3.29
NH2 ZMR T . -21.51 17.39 2.49
#